data_3CFJ
#
_entry.id   3CFJ
#
_cell.length_a   81.137
_cell.length_b   114.471
_cell.length_c   212.131
_cell.angle_alpha   90.00
_cell.angle_beta   90.00
_cell.angle_gamma   90.00
#
_symmetry.space_group_name_H-M   'P 21 21 21'
#
loop_
_entity.id
_entity.type
_entity.pdbx_description
1 polymer 'CATALYTIC ANTIBODY FAB 34E4 LIGHT CHAIN fusion'
2 polymer 'CATALYTIC ANTIBODY FAB 34E4 HEAVY CHAIN fusion'
3 non-polymer GLYCEROL
4 non-polymer 'SULFATE ION'
5 water water
#
loop_
_entity_poly.entity_id
_entity_poly.type
_entity_poly.pdbx_seq_one_letter_code
_entity_poly.pdbx_strand_id
1 'polypeptide(L)'
;ELVVTQESALTTSPGETVTLTCRSSSGAVTTSNYATWVQEKPDHLFTGLIGGTNKRAPGVPARFSGSLIGDRAALTITGA
QTEDEAIYFCALWNSNHLVFGGGTKLEIKRTVAAPSVFIFPPSDEQLKSGTASVVCLLNNFYPREAKVQWKVDNALQSGN
SQESVTEQDSKDSTYSLSSTLTLSKADYEKHKVYACEVTHQGLSSPVTKSFNRGEC
;
L,A,C,E
2 'polypeptide(L)'
;EVKLLESGGGLAQPGGSLKLSCAASGFDFRRYWMTWVRQAPGKGLEWIGEINPDSRTINYMPSLKDKFIISRDNAKNSLY
LQLSRLRSEDSALYYCVRLDFDVYNHYYVLDYWGQGTSVTVSSASTKGPSVFPLAPSSKSTSGGTAALGCLVKDYFPEPV
TVSWNSGALTSGVHTFPAVLQSSGLYSLSSVVTVPSSSLGTQTYICNVNHKPSNTKVDKKVEPKSCD
;
H,B,D,F
#
# COMPACT_ATOMS: atom_id res chain seq x y z
N GLU A 1 33.20 -1.04 -5.68
CA GLU A 1 32.15 -0.36 -6.49
C GLU A 1 31.62 -1.23 -7.65
N LEU A 2 31.03 -2.39 -7.30
CA LEU A 2 30.11 -3.05 -8.24
C LEU A 2 28.85 -2.17 -8.35
N VAL A 3 28.47 -1.81 -9.56
CA VAL A 3 27.24 -1.05 -9.76
C VAL A 3 26.27 -1.90 -10.56
N VAL A 4 25.03 -1.96 -10.10
CA VAL A 4 23.97 -2.71 -10.78
C VAL A 4 23.03 -1.70 -11.44
N THR A 5 22.77 -1.86 -12.74
CA THR A 5 21.92 -0.92 -13.47
C THR A 5 20.70 -1.60 -14.08
N GLN A 6 19.56 -0.91 -13.98
CA GLN A 6 18.29 -1.34 -14.52
C GLN A 6 17.72 -0.20 -15.34
N GLU A 7 16.77 -0.49 -16.23
CA GLU A 7 16.04 0.57 -16.92
C GLU A 7 15.26 1.36 -15.88
N SER A 8 15.18 2.66 -16.10
CA SER A 8 14.44 3.53 -15.18
C SER A 8 12.94 3.31 -15.17
N ALA A 9 12.37 3.09 -16.35
CA ALA A 9 10.94 3.17 -16.55
C ALA A 9 10.52 2.40 -17.79
N LEU A 10 9.45 1.63 -17.69
CA LEU A 10 8.91 0.92 -18.84
C LEU A 10 7.40 0.96 -18.82
N THR A 11 6.81 0.94 -20.01
CA THR A 11 5.37 0.91 -20.16
C THR A 11 4.95 -0.26 -21.00
N THR A 12 3.92 -0.95 -20.55
CA THR A 12 3.33 -2.05 -21.26
C THR A 12 1.81 -1.95 -21.17
N SER A 13 1.12 -2.66 -22.05
CA SER A 13 -0.34 -2.78 -21.98
C SER A 13 -0.75 -4.08 -21.26
N PRO A 14 -2.00 -4.14 -20.74
CA PRO A 14 -2.47 -5.41 -20.13
C PRO A 14 -2.42 -6.55 -21.15
N GLY A 15 -2.02 -7.74 -20.71
CA GLY A 15 -1.95 -8.91 -21.57
C GLY A 15 -0.63 -9.07 -22.34
N GLU A 16 0.21 -8.05 -22.35
CA GLU A 16 1.47 -8.09 -23.08
C GLU A 16 2.63 -8.64 -22.24
N THR A 17 3.72 -8.99 -22.93
CA THR A 17 4.93 -9.48 -22.30
C THR A 17 5.86 -8.30 -22.11
N VAL A 18 6.48 -8.23 -20.94
CA VAL A 18 7.42 -7.18 -20.66
C VAL A 18 8.63 -7.81 -19.96
N THR A 19 9.80 -7.32 -20.34
CA THR A 19 11.08 -7.82 -19.88
C THR A 19 11.90 -6.70 -19.26
N LEU A 20 12.27 -6.92 -18.00
CA LEU A 20 13.08 -5.99 -17.23
C LEU A 20 14.46 -6.58 -17.17
N THR A 21 15.51 -5.76 -17.36
CA THR A 21 16.86 -6.31 -17.28
C THR A 21 17.72 -5.70 -16.19
N CYS A 22 18.84 -6.36 -15.93
CA CYS A 22 19.67 -6.02 -14.81
C CYS A 22 21.10 -6.33 -15.21
N ARG A 23 21.92 -5.29 -15.28
CA ARG A 23 23.32 -5.45 -15.68
C ARG A 23 24.34 -5.06 -14.60
N SER A 24 25.54 -5.62 -14.73
CA SER A 24 26.58 -5.47 -13.73
C SER A 24 27.81 -4.82 -14.34
N SER A 25 28.45 -3.94 -13.59
CA SER A 25 29.65 -3.26 -14.12
C SER A 25 30.89 -4.14 -14.02
N SER A 26 30.85 -5.15 -13.16
CA SER A 26 32.00 -6.05 -12.97
C SER A 26 32.20 -7.15 -14.04
N GLY A 27 31.12 -7.60 -14.67
CA GLY A 27 31.18 -8.77 -15.52
C GLY A 27 29.82 -9.09 -16.06
N ALA A 28 29.74 -10.11 -16.89
CA ALA A 28 28.46 -10.69 -17.24
C ALA A 28 27.76 -11.09 -15.94
N VAL A 29 26.45 -10.97 -15.92
CA VAL A 29 25.70 -11.51 -14.81
C VAL A 29 25.66 -13.02 -14.98
N THR A 30 26.08 -13.76 -13.97
CA THR A 30 26.19 -15.20 -14.04
C THR A 30 25.26 -15.83 -13.03
N THR A 31 25.06 -17.13 -13.16
CA THR A 31 24.41 -17.95 -12.15
C THR A 31 24.98 -17.70 -10.77
N SER A 32 26.29 -17.44 -10.70
CA SER A 32 27.00 -17.21 -9.42
C SER A 32 26.63 -15.91 -8.73
N ASN A 33 25.88 -15.04 -9.42
CA ASN A 33 25.37 -13.81 -8.83
C ASN A 33 24.03 -14.02 -8.14
N TYR A 34 23.43 -15.19 -8.33
CA TYR A 34 22.16 -15.54 -7.66
C TYR A 34 21.14 -14.39 -7.68
N ALA A 35 20.94 -13.79 -8.85
CA ALA A 35 20.05 -12.63 -9.00
C ALA A 35 18.70 -12.85 -8.29
N THR A 36 18.26 -11.81 -7.57
CA THR A 36 16.92 -11.79 -6.96
C THR A 36 16.15 -10.58 -7.47
N TRP A 37 14.84 -10.72 -7.51
CA TRP A 37 14.00 -9.59 -7.84
C TRP A 37 13.03 -9.34 -6.72
N VAL A 38 12.76 -8.08 -6.46
CA VAL A 38 11.86 -7.65 -5.39
C VAL A 38 10.89 -6.62 -5.97
N GLN A 39 9.60 -6.82 -5.68
CA GLN A 39 8.56 -5.88 -6.10
C GLN A 39 8.19 -4.94 -4.98
N GLU A 40 8.17 -3.64 -5.27
CA GLU A 40 7.70 -2.63 -4.31
C GLU A 40 6.41 -2.00 -4.77
N LYS A 41 5.33 -2.24 -4.01
CA LYS A 41 4.04 -1.59 -4.25
C LYS A 41 3.84 -0.44 -3.27
N PRO A 42 2.97 0.54 -3.61
CA PRO A 42 2.73 1.70 -2.79
C PRO A 42 2.46 1.33 -1.35
N ASP A 43 2.88 2.20 -0.43
CA ASP A 43 2.83 1.92 0.99
C ASP A 43 4.01 1.04 1.45
N HIS A 44 5.12 1.08 0.70
CA HIS A 44 6.32 0.26 1.00
C HIS A 44 5.97 -1.22 1.26
N LEU A 45 5.25 -1.82 0.31
CA LEU A 45 4.88 -3.23 0.40
C LEU A 45 5.78 -4.01 -0.54
N PHE A 46 6.59 -4.87 0.06
CA PHE A 46 7.60 -5.62 -0.67
C PHE A 46 7.26 -7.12 -0.89
N THR A 47 7.61 -7.64 -2.06
CA THR A 47 7.44 -9.05 -2.35
C THR A 47 8.70 -9.56 -3.04
N GLY A 48 9.28 -10.61 -2.50
CA GLY A 48 10.36 -11.32 -3.16
C GLY A 48 9.73 -12.13 -4.26
N LEU A 49 10.24 -11.97 -5.49
CA LEU A 49 9.62 -12.61 -6.63
C LEU A 49 10.40 -13.83 -7.14
N ILE A 50 11.70 -13.63 -7.29
CA ILE A 50 12.58 -14.58 -7.98
C ILE A 50 13.83 -14.65 -7.15
N GLY A 51 14.35 -15.84 -6.94
CA GLY A 51 15.67 -16.04 -6.35
C GLY A 51 16.51 -16.95 -7.22
N GLY A 52 17.83 -16.92 -7.03
CA GLY A 52 18.74 -17.76 -7.77
C GLY A 52 18.50 -17.69 -9.26
N THR A 53 18.37 -16.46 -9.78
CA THR A 53 18.19 -16.20 -11.22
C THR A 53 16.81 -16.55 -11.77
N ASN A 54 16.36 -17.79 -11.55
CA ASN A 54 15.23 -18.30 -12.32
C ASN A 54 14.21 -19.09 -11.52
N LYS A 55 14.25 -18.97 -10.19
CA LYS A 55 13.38 -19.76 -9.34
C LYS A 55 12.33 -18.84 -8.76
N ARG A 56 11.07 -19.12 -9.06
CA ARG A 56 9.95 -18.28 -8.64
C ARG A 56 9.64 -18.63 -7.20
N ALA A 57 9.44 -17.61 -6.36
CA ALA A 57 9.16 -17.80 -4.93
C ALA A 57 7.75 -18.35 -4.67
N PRO A 58 7.53 -19.06 -3.53
CA PRO A 58 6.18 -19.56 -3.20
C PRO A 58 5.15 -18.43 -3.19
N GLY A 59 3.96 -18.69 -3.71
CA GLY A 59 2.91 -17.69 -3.73
C GLY A 59 2.92 -16.76 -4.93
N VAL A 60 4.08 -16.53 -5.52
CA VAL A 60 4.21 -15.58 -6.61
C VAL A 60 3.48 -16.10 -7.88
N PRO A 61 2.70 -15.25 -8.56
CA PRO A 61 1.97 -15.71 -9.76
C PRO A 61 2.89 -16.24 -10.86
N ALA A 62 2.40 -17.24 -11.59
CA ALA A 62 3.20 -17.93 -12.62
C ALA A 62 3.65 -17.01 -13.76
N ARG A 63 3.00 -15.86 -13.87
CA ARG A 63 3.26 -14.80 -14.84
C ARG A 63 4.71 -14.24 -14.80
N PHE A 64 5.37 -14.36 -13.65
CA PHE A 64 6.70 -13.81 -13.42
C PHE A 64 7.71 -14.96 -13.60
N SER A 65 8.78 -14.69 -14.34
CA SER A 65 9.86 -15.65 -14.42
C SER A 65 11.18 -14.90 -14.59
N GLY A 66 12.26 -15.60 -14.23
CA GLY A 66 13.59 -15.04 -14.26
C GLY A 66 14.47 -15.80 -15.23
N SER A 67 15.41 -15.11 -15.84
CA SER A 67 16.37 -15.79 -16.72
C SER A 67 17.55 -14.89 -16.95
N LEU A 68 18.50 -15.38 -17.75
CA LEU A 68 19.60 -14.55 -18.26
C LEU A 68 19.32 -14.19 -19.72
N ILE A 69 19.57 -12.93 -20.11
CA ILE A 69 19.54 -12.53 -21.52
C ILE A 69 20.89 -11.87 -21.78
N GLY A 70 21.69 -12.44 -22.69
CA GLY A 70 23.07 -12.01 -22.95
C GLY A 70 23.86 -11.87 -21.65
N ASP A 71 24.32 -10.63 -21.41
CA ASP A 71 25.14 -10.22 -20.28
C ASP A 71 24.33 -10.06 -18.99
N ARG A 72 23.01 -10.09 -19.09
CA ARG A 72 22.18 -9.58 -17.98
C ARG A 72 21.21 -10.62 -17.39
N ALA A 73 20.73 -10.32 -16.18
CA ALA A 73 19.59 -11.01 -15.59
C ALA A 73 18.34 -10.34 -16.14
N ALA A 74 17.24 -11.09 -16.23
CA ALA A 74 16.01 -10.57 -16.77
C ALA A 74 14.85 -11.02 -15.90
N LEU A 75 13.89 -10.13 -15.70
CA LEU A 75 12.58 -10.49 -15.18
C LEU A 75 11.56 -10.34 -16.29
N THR A 76 10.79 -11.38 -16.54
CA THR A 76 9.78 -11.37 -17.58
C THR A 76 8.40 -11.46 -16.96
N ILE A 77 7.54 -10.54 -17.35
CA ILE A 77 6.11 -10.61 -17.01
C ILE A 77 5.34 -10.93 -18.29
N THR A 78 4.73 -12.11 -18.33
CA THR A 78 3.91 -12.51 -19.47
C THR A 78 2.46 -12.26 -19.15
N GLY A 79 1.78 -11.46 -19.97
CA GLY A 79 0.38 -11.10 -19.71
C GLY A 79 0.26 -10.15 -18.51
N ALA A 80 0.89 -8.99 -18.63
CA ALA A 80 0.90 -8.00 -17.59
C ALA A 80 -0.52 -7.62 -17.17
N GLN A 81 -0.73 -7.52 -15.86
CA GLN A 81 -2.01 -7.13 -15.27
C GLN A 81 -1.88 -5.74 -14.68
N THR A 82 -3.01 -5.07 -14.48
CA THR A 82 -2.98 -3.74 -13.90
C THR A 82 -2.29 -3.75 -12.52
N GLU A 83 -2.47 -4.80 -11.73
CA GLU A 83 -1.83 -4.84 -10.40
C GLU A 83 -0.32 -5.06 -10.44
N ASP A 84 0.25 -5.27 -11.64
CA ASP A 84 1.69 -5.37 -11.82
C ASP A 84 2.40 -4.01 -11.81
N GLU A 85 1.66 -2.93 -11.71
CA GLU A 85 2.23 -1.57 -11.60
C GLU A 85 3.00 -1.51 -10.31
N ALA A 86 4.28 -1.16 -10.38
CA ALA A 86 5.14 -1.22 -9.21
C ALA A 86 6.56 -0.79 -9.55
N ILE A 87 7.42 -0.73 -8.54
CA ILE A 87 8.84 -0.63 -8.81
C ILE A 87 9.49 -2.02 -8.60
N TYR A 88 10.34 -2.41 -9.56
CA TYR A 88 10.99 -3.71 -9.52
C TYR A 88 12.47 -3.54 -9.31
N PHE A 89 12.97 -4.11 -8.21
CA PHE A 89 14.41 -4.05 -7.94
C PHE A 89 15.07 -5.39 -8.21
N CYS A 90 16.14 -5.37 -9.01
CA CYS A 90 17.05 -6.53 -9.06
C CYS A 90 18.14 -6.35 -8.02
N ALA A 91 18.65 -7.47 -7.53
CA ALA A 91 19.84 -7.44 -6.71
C ALA A 91 20.78 -8.60 -7.04
N LEU A 92 22.08 -8.32 -7.02
CA LEU A 92 23.14 -9.28 -7.29
C LEU A 92 24.01 -9.54 -6.07
N TRP A 93 24.31 -10.82 -5.86
CA TRP A 93 25.31 -11.25 -4.87
C TRP A 93 26.68 -11.21 -5.51
N ASN A 94 27.61 -10.59 -4.80
CA ASN A 94 28.97 -10.50 -5.27
C ASN A 94 29.81 -10.82 -4.05
N SER A 95 30.04 -12.13 -3.88
CA SER A 95 30.82 -12.68 -2.76
C SER A 95 30.02 -12.51 -1.47
N ASN A 96 30.56 -11.77 -0.51
CA ASN A 96 29.84 -11.53 0.75
C ASN A 96 28.54 -10.66 0.59
N HIS A 97 28.47 -9.83 -0.44
CA HIS A 97 27.54 -8.69 -0.41
C HIS A 97 26.34 -8.80 -1.34
N LEU A 98 25.26 -8.11 -0.98
CA LEU A 98 24.15 -7.92 -1.91
C LEU A 98 24.14 -6.48 -2.41
N VAL A 99 23.92 -6.32 -3.71
CA VAL A 99 23.87 -4.99 -4.32
C VAL A 99 22.58 -4.81 -5.13
N PHE A 100 21.78 -3.85 -4.71
CA PHE A 100 20.55 -3.54 -5.40
C PHE A 100 20.77 -2.70 -6.66
N GLY A 101 19.99 -2.95 -7.71
CA GLY A 101 19.91 -1.99 -8.83
C GLY A 101 19.13 -0.76 -8.36
N GLY A 102 19.03 0.26 -9.21
CA GLY A 102 18.22 1.45 -8.93
C GLY A 102 16.71 1.30 -9.08
N GLY A 103 16.24 0.20 -9.67
CA GLY A 103 14.79 -0.06 -9.77
C GLY A 103 14.16 0.36 -11.08
N THR A 104 13.15 -0.36 -11.49
CA THR A 104 12.43 -0.02 -12.70
C THR A 104 10.98 0.22 -12.39
N LYS A 105 10.49 1.40 -12.75
CA LYS A 105 9.08 1.73 -12.59
C LYS A 105 8.33 1.15 -13.77
N LEU A 106 7.35 0.29 -13.48
CA LEU A 106 6.51 -0.27 -14.51
C LEU A 106 5.14 0.40 -14.53
N GLU A 107 4.84 1.06 -15.63
CA GLU A 107 3.54 1.67 -15.88
C GLU A 107 2.69 0.76 -16.77
N ILE A 108 1.41 0.58 -16.39
CA ILE A 108 0.45 -0.15 -17.23
C ILE A 108 -0.44 0.81 -18.03
N LYS A 109 -0.43 0.71 -19.37
CA LYS A 109 -1.24 1.58 -20.26
C LYS A 109 -2.74 1.32 -20.13
N ARG A 110 -3.57 2.35 -20.37
CA ARG A 110 -5.04 2.23 -20.45
C ARG A 110 -5.60 3.29 -21.41
N THR A 111 -6.89 3.28 -21.65
CA THR A 111 -7.51 4.30 -22.50
C THR A 111 -7.37 5.67 -21.82
N VAL A 112 -7.30 6.73 -22.60
CA VAL A 112 -7.20 8.06 -22.02
C VAL A 112 -8.40 8.34 -21.10
N ALA A 113 -8.15 9.00 -19.97
CA ALA A 113 -9.18 9.42 -19.04
C ALA A 113 -8.87 10.85 -18.57
N ALA A 114 -9.85 11.76 -18.74
CA ALA A 114 -9.70 13.15 -18.31
C ALA A 114 -9.84 13.30 -16.79
N PRO A 115 -9.09 14.20 -16.19
CA PRO A 115 -9.21 14.40 -14.75
C PRO A 115 -10.57 14.98 -14.36
N SER A 116 -11.07 14.65 -13.20
CA SER A 116 -12.10 15.45 -12.57
C SER A 116 -11.32 16.50 -11.79
N VAL A 117 -11.82 17.72 -11.80
CA VAL A 117 -11.09 18.82 -11.21
C VAL A 117 -11.90 19.44 -10.09
N PHE A 118 -11.23 19.73 -8.98
CA PHE A 118 -11.90 20.37 -7.85
C PHE A 118 -10.97 21.43 -7.31
N ILE A 119 -11.54 22.54 -6.85
CA ILE A 119 -10.77 23.60 -6.20
C ILE A 119 -11.29 23.80 -4.77
N PHE A 120 -10.39 24.00 -3.81
CA PHE A 120 -10.76 24.24 -2.41
C PHE A 120 -10.18 25.55 -1.90
N PRO A 121 -11.03 26.45 -1.38
CA PRO A 121 -10.49 27.67 -0.78
C PRO A 121 -9.84 27.37 0.57
N PRO A 122 -9.04 28.32 1.12
CA PRO A 122 -8.50 28.08 2.46
C PRO A 122 -9.63 28.05 3.47
N SER A 123 -9.45 27.32 4.56
CA SER A 123 -10.46 27.29 5.59
C SER A 123 -10.36 28.55 6.44
N ASP A 124 -11.42 28.83 7.19
CA ASP A 124 -11.34 29.96 8.08
C ASP A 124 -10.31 29.76 9.20
N GLU A 125 -10.10 28.51 9.65
CA GLU A 125 -9.09 28.21 10.67
C GLU A 125 -7.66 28.60 10.21
N GLN A 126 -7.30 28.26 8.98
CA GLN A 126 -6.00 28.63 8.44
C GLN A 126 -5.81 30.15 8.39
N LEU A 127 -6.86 30.87 8.01
CA LEU A 127 -6.75 32.32 7.83
C LEU A 127 -6.48 33.02 9.17
N LYS A 128 -7.00 32.44 10.25
CA LYS A 128 -6.65 32.89 11.59
C LYS A 128 -5.14 32.94 11.80
N SER A 129 -4.41 32.09 11.09
CA SER A 129 -2.98 31.88 11.34
C SER A 129 -2.05 32.76 10.51
N GLY A 130 -2.59 33.51 9.55
CA GLY A 130 -1.76 34.41 8.74
C GLY A 130 -1.34 33.95 7.34
N THR A 131 -1.58 32.67 7.01
CA THR A 131 -1.35 32.23 5.63
C THR A 131 -2.61 31.60 5.04
N ALA A 132 -2.59 31.44 3.72
CA ALA A 132 -3.74 30.94 2.95
C ALA A 132 -3.28 29.93 1.89
N SER A 133 -3.83 28.73 1.97
CA SER A 133 -3.52 27.69 0.99
C SER A 133 -4.75 27.42 0.13
N VAL A 134 -4.56 27.45 -1.18
CA VAL A 134 -5.61 27.10 -2.10
C VAL A 134 -5.21 25.78 -2.73
N VAL A 135 -6.11 24.81 -2.71
CA VAL A 135 -5.79 23.48 -3.20
C VAL A 135 -6.59 23.12 -4.45
N CYS A 136 -5.89 22.56 -5.43
CA CYS A 136 -6.52 22.06 -6.63
C CYS A 136 -6.32 20.55 -6.76
N LEU A 137 -7.42 19.81 -6.96
CA LEU A 137 -7.32 18.35 -7.13
C LEU A 137 -7.66 17.91 -8.56
N LEU A 138 -6.76 17.16 -9.19
CA LEU A 138 -7.05 16.47 -10.47
C LEU A 138 -7.14 14.99 -10.16
N ASN A 139 -8.33 14.43 -10.33
CA ASN A 139 -8.58 13.08 -9.88
C ASN A 139 -8.72 12.06 -11.02
N ASN A 140 -8.05 10.93 -10.85
CA ASN A 140 -8.22 9.72 -11.72
C ASN A 140 -8.07 9.95 -13.23
N PHE A 141 -6.87 10.35 -13.65
CA PHE A 141 -6.64 10.63 -15.05
C PHE A 141 -5.56 9.74 -15.64
N TYR A 142 -5.52 9.70 -16.98
CA TYR A 142 -4.47 8.96 -17.70
C TYR A 142 -4.34 9.52 -19.12
N PRO A 143 -3.10 9.77 -19.61
CA PRO A 143 -1.78 9.50 -19.02
C PRO A 143 -1.35 10.51 -17.95
N ARG A 144 -0.12 10.39 -17.49
CA ARG A 144 0.36 11.15 -16.35
C ARG A 144 0.49 12.66 -16.61
N GLU A 145 0.94 13.03 -17.81
CA GLU A 145 1.20 14.45 -18.09
C GLU A 145 -0.03 15.35 -17.95
N ALA A 146 0.07 16.36 -17.09
CA ALA A 146 -1.03 17.27 -16.82
C ALA A 146 -0.46 18.61 -16.46
N LYS A 147 -1.05 19.68 -16.96
CA LYS A 147 -0.61 21.01 -16.59
C LYS A 147 -1.66 21.65 -15.69
N VAL A 148 -1.24 22.17 -14.54
CA VAL A 148 -2.08 23.04 -13.70
C VAL A 148 -1.55 24.47 -13.76
N GLN A 149 -2.41 25.42 -14.05
CA GLN A 149 -2.04 26.82 -14.02
C GLN A 149 -2.91 27.52 -12.99
N TRP A 150 -2.31 28.23 -12.06
CA TRP A 150 -3.03 29.04 -11.09
C TRP A 150 -3.19 30.50 -11.55
N LYS A 151 -4.39 31.03 -11.36
CA LYS A 151 -4.67 32.40 -11.71
C LYS A 151 -5.40 33.08 -10.55
N VAL A 152 -5.01 34.32 -10.28
CA VAL A 152 -5.54 35.13 -9.18
C VAL A 152 -5.94 36.48 -9.77
N ASP A 153 -7.25 36.75 -9.76
CA ASP A 153 -7.84 37.85 -10.55
C ASP A 153 -7.30 37.83 -11.98
N ASN A 154 -7.22 36.62 -12.53
CA ASN A 154 -6.79 36.34 -13.90
C ASN A 154 -5.29 36.57 -14.20
N ALA A 155 -4.49 36.78 -13.16
CA ALA A 155 -3.03 36.87 -13.32
C ALA A 155 -2.34 35.51 -13.07
N LEU A 156 -1.56 35.06 -14.04
CA LEU A 156 -0.83 33.81 -13.94
C LEU A 156 0.19 33.82 -12.79
N GLN A 157 0.04 32.83 -11.91
CA GLN A 157 0.91 32.64 -10.74
C GLN A 157 2.19 31.88 -11.06
N SER A 158 3.28 32.20 -10.37
CA SER A 158 4.56 31.59 -10.66
C SER A 158 5.39 31.51 -9.38
N GLY A 159 5.92 30.35 -9.08
CA GLY A 159 6.85 30.20 -7.97
C GLY A 159 6.22 30.12 -6.59
N ASN A 160 4.91 30.01 -6.50
CA ASN A 160 4.21 29.96 -5.23
C ASN A 160 3.22 28.76 -5.14
N SER A 161 3.50 27.72 -5.90
CA SER A 161 2.70 26.54 -5.88
C SER A 161 3.56 25.30 -5.89
N GLN A 162 3.02 24.23 -5.32
CA GLN A 162 3.68 22.95 -5.26
C GLN A 162 2.64 21.88 -5.59
N GLU A 163 3.13 20.71 -6.00
CA GLU A 163 2.26 19.74 -6.63
C GLU A 163 2.87 18.39 -6.33
N SER A 164 2.03 17.38 -6.26
CA SER A 164 2.50 16.04 -6.02
C SER A 164 1.51 15.07 -6.62
N VAL A 165 2.02 13.93 -7.11
CA VAL A 165 1.23 12.95 -7.85
C VAL A 165 1.25 11.56 -7.19
N THR A 166 0.11 10.87 -7.17
CA THR A 166 0.12 9.51 -6.62
C THR A 166 0.77 8.53 -7.59
N GLU A 167 1.15 7.36 -7.07
CA GLU A 167 1.54 6.24 -7.91
C GLU A 167 0.31 5.80 -8.72
N GLN A 168 0.56 5.14 -9.84
CA GLN A 168 -0.52 4.61 -10.67
C GLN A 168 -1.39 3.64 -9.87
N ASP A 169 -2.70 3.82 -9.94
CA ASP A 169 -3.62 2.99 -9.19
C ASP A 169 -3.62 1.56 -9.71
N SER A 170 -3.56 0.57 -8.81
CA SER A 170 -3.45 -0.80 -9.24
C SER A 170 -4.74 -1.38 -9.83
N LYS A 171 -5.86 -0.68 -9.66
CA LYS A 171 -7.12 -1.18 -10.22
C LYS A 171 -7.59 -0.50 -11.49
N ASP A 172 -7.67 0.83 -11.48
CA ASP A 172 -8.10 1.56 -12.66
C ASP A 172 -6.95 2.13 -13.50
N SER A 173 -5.70 1.98 -13.03
CA SER A 173 -4.51 2.46 -13.74
C SER A 173 -4.42 3.98 -13.92
N THR A 174 -5.08 4.74 -13.07
CA THR A 174 -5.04 6.19 -13.23
C THR A 174 -4.12 6.86 -12.22
N TYR A 175 -3.91 8.15 -12.42
CA TYR A 175 -3.13 8.98 -11.53
C TYR A 175 -4.04 10.03 -10.96
N SER A 176 -3.66 10.55 -9.79
CA SER A 176 -4.25 11.72 -9.23
C SER A 176 -3.18 12.72 -8.87
N LEU A 177 -3.52 14.00 -8.91
CA LEU A 177 -2.55 15.07 -8.65
C LEU A 177 -3.16 16.09 -7.68
N SER A 178 -2.35 16.63 -6.77
CA SER A 178 -2.79 17.67 -5.85
C SER A 178 -1.85 18.87 -5.93
N SER A 179 -2.38 20.08 -6.09
CA SER A 179 -1.50 21.25 -6.18
C SER A 179 -1.93 22.28 -5.15
N THR A 180 -0.96 22.87 -4.48
CA THR A 180 -1.27 23.90 -3.48
C THR A 180 -0.67 25.25 -3.88
N LEU A 181 -1.50 26.27 -3.88
CA LEU A 181 -1.03 27.63 -4.05
C LEU A 181 -0.95 28.27 -2.65
N THR A 182 0.24 28.71 -2.25
CA THR A 182 0.39 29.35 -0.94
C THR A 182 0.61 30.86 -1.12
N LEU A 183 -0.25 31.67 -0.51
CA LEU A 183 0.00 33.10 -0.34
C LEU A 183 -0.30 33.55 1.08
N SER A 184 0.12 34.78 1.38
CA SER A 184 -0.13 35.37 2.69
C SER A 184 -1.60 35.71 2.85
N LYS A 185 -2.08 35.74 4.09
CA LYS A 185 -3.43 36.21 4.38
C LYS A 185 -3.69 37.59 3.74
N ALA A 186 -2.75 38.52 3.88
CA ALA A 186 -2.94 39.87 3.36
C ALA A 186 -3.12 39.88 1.85
N ASP A 187 -2.29 39.12 1.13
CA ASP A 187 -2.39 39.01 -0.33
C ASP A 187 -3.66 38.29 -0.76
N TYR A 188 -4.04 37.22 -0.05
CA TYR A 188 -5.33 36.56 -0.28
C TYR A 188 -6.55 37.50 -0.19
N GLU A 189 -6.56 38.37 0.82
CA GLU A 189 -7.67 39.29 1.05
C GLU A 189 -7.75 40.41 0.03
N LYS A 190 -6.65 40.68 -0.69
CA LYS A 190 -6.67 41.74 -1.70
C LYS A 190 -7.36 41.32 -3.00
N HIS A 191 -7.47 40.02 -3.26
CA HIS A 191 -7.97 39.55 -4.55
C HIS A 191 -9.28 38.76 -4.43
N LYS A 192 -9.98 38.63 -5.56
CA LYS A 192 -11.34 38.11 -5.55
C LYS A 192 -11.42 36.73 -6.18
N VAL A 193 -10.88 36.59 -7.39
CA VAL A 193 -11.10 35.39 -8.20
C VAL A 193 -9.93 34.41 -8.13
N TYR A 194 -10.21 33.19 -7.69
CA TYR A 194 -9.17 32.19 -7.59
C TYR A 194 -9.51 31.05 -8.53
N ALA A 195 -8.62 30.77 -9.48
CA ALA A 195 -8.87 29.80 -10.53
C ALA A 195 -7.76 28.76 -10.69
N CYS A 196 -8.22 27.54 -10.86
CA CYS A 196 -7.37 26.41 -11.19
C CYS A 196 -7.64 26.03 -12.66
N GLU A 197 -6.64 26.17 -13.54
CA GLU A 197 -6.81 25.83 -14.95
C GLU A 197 -6.01 24.58 -15.38
N VAL A 198 -6.74 23.58 -15.87
CA VAL A 198 -6.20 22.27 -16.17
C VAL A 198 -6.20 21.90 -17.67
N THR A 199 -5.06 21.48 -18.19
CA THR A 199 -4.95 20.91 -19.54
C THR A 199 -4.41 19.47 -19.49
N HIS A 200 -4.98 18.63 -20.34
CA HIS A 200 -4.68 17.21 -20.35
C HIS A 200 -5.18 16.61 -21.63
N GLN A 201 -4.55 15.53 -22.05
CA GLN A 201 -4.83 14.92 -23.34
C GLN A 201 -6.30 14.54 -23.51
N GLY A 202 -6.99 14.21 -22.41
CA GLY A 202 -8.40 13.84 -22.46
C GLY A 202 -9.38 15.00 -22.53
N LEU A 203 -8.88 16.24 -22.50
CA LEU A 203 -9.74 17.43 -22.54
C LEU A 203 -9.57 18.21 -23.83
N SER A 204 -10.66 18.46 -24.56
CA SER A 204 -10.53 19.10 -25.88
C SER A 204 -10.26 20.61 -25.73
N SER A 205 -10.46 21.11 -24.52
CA SER A 205 -10.08 22.45 -24.15
C SER A 205 -9.92 22.52 -22.63
N PRO A 206 -9.20 23.53 -22.13
CA PRO A 206 -8.86 23.63 -20.70
C PRO A 206 -10.09 23.60 -19.78
N VAL A 207 -10.00 22.91 -18.65
CA VAL A 207 -11.06 22.95 -17.65
C VAL A 207 -10.65 23.94 -16.56
N THR A 208 -11.53 24.90 -16.25
CA THR A 208 -11.24 25.86 -15.18
C THR A 208 -12.20 25.71 -14.02
N LYS A 209 -11.68 25.48 -12.83
CA LYS A 209 -12.47 25.58 -11.61
C LYS A 209 -12.07 26.81 -10.82
N SER A 210 -13.05 27.56 -10.34
CA SER A 210 -12.74 28.78 -9.62
C SER A 210 -13.74 29.07 -8.54
N PHE A 211 -13.43 30.07 -7.71
CA PHE A 211 -14.36 30.52 -6.67
C PHE A 211 -14.03 32.00 -6.41
N ASN A 212 -15.00 32.71 -5.86
CA ASN A 212 -14.79 34.10 -5.41
C ASN A 212 -14.68 34.18 -3.93
N ARG A 213 -13.60 34.79 -3.47
CA ARG A 213 -13.36 35.01 -2.05
C ARG A 213 -14.58 35.64 -1.40
N GLY A 214 -15.10 34.94 -0.40
CA GLY A 214 -16.22 35.40 0.39
C GLY A 214 -17.54 35.35 -0.35
N GLU A 215 -17.71 34.38 -1.23
CA GLU A 215 -19.00 34.19 -1.88
C GLU A 215 -19.44 32.74 -1.78
N GLU B 1 0.90 -14.58 8.81
CA GLU B 1 1.06 -14.14 10.21
C GLU B 1 2.52 -14.23 10.60
N VAL B 2 3.37 -14.20 9.59
CA VAL B 2 4.75 -13.75 9.79
C VAL B 2 4.68 -12.25 10.14
N LYS B 3 5.31 -11.86 11.24
CA LYS B 3 5.33 -10.47 11.67
C LYS B 3 6.74 -10.00 11.90
N LEU B 4 7.03 -8.79 11.41
CA LEU B 4 8.34 -8.16 11.64
C LEU B 4 8.11 -6.70 11.99
N LEU B 5 8.09 -6.38 13.30
CA LEU B 5 7.80 -5.03 13.79
C LEU B 5 9.07 -4.30 14.24
N GLU B 6 9.33 -3.18 13.58
CA GLU B 6 10.50 -2.35 13.85
C GLU B 6 10.16 -1.25 14.83
N SER B 7 11.17 -0.78 15.55
CA SER B 7 11.06 0.41 16.39
C SER B 7 12.44 1.01 16.58
N GLY B 8 12.49 2.18 17.22
CA GLY B 8 13.74 2.85 17.49
C GLY B 8 13.99 4.09 16.63
N GLY B 9 13.15 4.33 15.63
CA GLY B 9 13.39 5.45 14.73
C GLY B 9 13.00 6.82 15.28
N GLY B 10 12.99 7.84 14.43
CA GLY B 10 12.67 9.22 14.84
C GLY B 10 13.79 10.18 14.51
N LEU B 11 13.78 11.34 15.15
CA LEU B 11 14.80 12.36 15.03
C LEU B 11 16.08 11.97 15.77
N ALA B 12 17.22 12.05 15.08
CA ALA B 12 18.52 11.93 15.74
C ALA B 12 19.44 13.09 15.33
N GLN B 13 20.28 13.51 16.24
CA GLN B 13 21.19 14.60 15.99
C GLN B 13 22.38 14.11 15.17
N PRO B 14 22.90 14.94 14.25
CA PRO B 14 24.10 14.61 13.48
C PRO B 14 25.24 14.20 14.42
N GLY B 15 25.99 13.17 14.05
CA GLY B 15 27.12 12.70 14.86
C GLY B 15 26.72 11.74 15.97
N GLY B 16 25.43 11.67 16.28
CA GLY B 16 24.94 10.79 17.32
C GLY B 16 24.84 9.34 16.88
N SER B 17 24.37 8.49 17.78
CA SER B 17 24.10 7.13 17.39
C SER B 17 22.70 6.69 17.81
N LEU B 18 22.24 5.57 17.29
CA LEU B 18 20.87 5.17 17.41
C LEU B 18 20.76 3.66 17.24
N LYS B 19 19.86 3.05 17.99
CA LYS B 19 19.71 1.62 17.92
C LYS B 19 18.31 1.30 17.42
N LEU B 20 18.24 0.65 16.27
CA LEU B 20 16.99 0.13 15.76
C LEU B 20 16.77 -1.31 16.19
N SER B 21 15.53 -1.69 16.43
CA SER B 21 15.27 -3.07 16.81
C SER B 21 14.09 -3.66 16.05
N CYS B 22 14.06 -4.97 15.93
CA CYS B 22 13.02 -5.64 15.16
C CYS B 22 12.61 -6.90 15.89
N ALA B 23 11.33 -7.00 16.24
CA ALA B 23 10.81 -8.20 16.89
C ALA B 23 10.06 -9.06 15.87
N ALA B 24 10.32 -10.34 15.87
CA ALA B 24 9.78 -11.25 14.86
C ALA B 24 8.90 -12.32 15.48
N SER B 25 7.85 -12.74 14.77
CA SER B 25 7.04 -13.89 15.17
C SER B 25 6.36 -14.56 13.98
N GLY B 26 5.81 -15.76 14.20
CA GLY B 26 5.12 -16.50 13.14
C GLY B 26 6.02 -17.41 12.31
N PHE B 27 7.31 -17.47 12.62
CA PHE B 27 8.24 -18.44 12.03
C PHE B 27 9.34 -18.78 13.03
N ASP B 28 10.14 -19.81 12.73
CA ASP B 28 11.26 -20.17 13.63
C ASP B 28 12.47 -19.26 13.41
N PHE B 29 12.40 -18.07 14.01
CA PHE B 29 13.44 -17.05 13.91
C PHE B 29 14.86 -17.58 14.07
N ARG B 30 15.04 -18.54 15.00
CA ARG B 30 16.35 -19.15 15.31
C ARG B 30 17.06 -19.72 14.09
N ARG B 31 16.29 -20.13 13.08
CA ARG B 31 16.84 -20.82 11.92
C ARG B 31 17.15 -19.94 10.72
N TYR B 32 16.78 -18.67 10.77
CA TYR B 32 16.87 -17.82 9.58
C TYR B 32 17.94 -16.76 9.62
N TRP B 33 18.61 -16.57 8.49
CA TRP B 33 19.45 -15.38 8.30
C TRP B 33 18.51 -14.17 8.26
N MET B 34 18.96 -13.06 8.81
CA MET B 34 18.18 -11.83 8.84
C MET B 34 19.00 -10.69 8.20
N THR B 35 18.30 -9.70 7.65
CA THR B 35 18.92 -8.64 6.84
C THR B 35 18.36 -7.27 7.20
N TRP B 36 19.20 -6.24 7.09
CA TRP B 36 18.75 -4.87 7.19
C TRP B 36 18.90 -4.21 5.83
N VAL B 37 17.85 -3.51 5.38
CA VAL B 37 17.88 -2.76 4.12
C VAL B 37 17.36 -1.37 4.41
N ARG B 38 17.82 -0.36 3.65
CA ARG B 38 17.26 0.98 3.82
C ARG B 38 16.93 1.73 2.52
N GLN B 39 16.10 2.76 2.65
CA GLN B 39 15.68 3.52 1.49
C GLN B 39 15.48 5.00 1.83
N ALA B 40 16.32 5.84 1.26
CA ALA B 40 16.24 7.29 1.46
C ALA B 40 15.07 7.87 0.68
N PRO B 41 14.50 8.98 1.15
CA PRO B 41 13.29 9.54 0.48
C PRO B 41 13.49 9.74 -1.02
N GLY B 42 12.53 9.24 -1.80
CA GLY B 42 12.61 9.29 -3.26
C GLY B 42 13.71 8.47 -3.91
N LYS B 43 14.45 7.67 -3.14
CA LYS B 43 15.57 6.90 -3.69
C LYS B 43 15.40 5.39 -3.68
N GLY B 44 16.41 4.65 -4.14
CA GLY B 44 16.27 3.21 -4.23
C GLY B 44 16.61 2.46 -2.96
N LEU B 45 16.63 1.14 -3.05
CA LEU B 45 16.97 0.26 -1.94
C LEU B 45 18.48 0.15 -1.76
N GLU B 46 18.90 -0.02 -0.51
CA GLU B 46 20.30 -0.18 -0.20
C GLU B 46 20.47 -1.24 0.89
N TRP B 47 21.18 -2.32 0.55
CA TRP B 47 21.54 -3.42 1.48
C TRP B 47 22.52 -2.93 2.54
N ILE B 48 22.19 -3.09 3.82
CA ILE B 48 23.13 -2.71 4.85
C ILE B 48 23.95 -3.91 5.30
N GLY B 49 23.29 -5.04 5.59
CA GLY B 49 24.02 -6.27 5.90
C GLY B 49 23.13 -7.40 6.32
N GLU B 50 23.74 -8.46 6.81
CA GLU B 50 22.98 -9.63 7.18
C GLU B 50 23.69 -10.30 8.33
N ILE B 51 22.98 -11.22 9.00
CA ILE B 51 23.60 -11.95 10.10
C ILE B 51 23.02 -13.36 10.09
N ASN B 52 23.88 -14.34 10.27
CA ASN B 52 23.38 -15.69 10.29
C ASN B 52 22.80 -16.05 11.66
N PRO B 53 22.09 -17.19 11.76
CA PRO B 53 21.46 -17.65 13.02
C PRO B 53 22.34 -17.58 14.28
N ASP B 54 23.61 -17.97 14.18
CA ASP B 54 24.46 -18.05 15.38
C ASP B 54 25.37 -16.82 15.60
N SER B 55 25.13 -15.76 14.84
CA SER B 55 25.90 -14.52 14.95
C SER B 55 27.39 -14.64 14.60
N ARG B 56 27.82 -15.78 14.07
CA ARG B 56 29.22 -15.97 13.69
C ARG B 56 29.58 -15.42 12.30
N THR B 57 28.58 -15.13 11.47
CA THR B 57 28.79 -14.55 10.16
C THR B 57 27.93 -13.30 10.02
N ILE B 58 28.58 -12.15 9.96
CA ILE B 58 27.93 -10.88 9.76
C ILE B 58 28.56 -10.20 8.56
N ASN B 59 27.76 -9.96 7.53
CA ASN B 59 28.23 -9.35 6.30
C ASN B 59 27.71 -7.92 6.23
N TYR B 60 28.58 -6.99 5.84
CA TYR B 60 28.17 -5.59 5.74
C TYR B 60 28.46 -5.00 4.39
N MET B 61 27.65 -4.03 4.03
CA MET B 61 27.91 -3.16 2.91
C MET B 61 29.29 -2.51 3.11
N PRO B 62 30.06 -2.35 2.03
CA PRO B 62 31.34 -1.63 2.15
C PRO B 62 31.12 -0.28 2.88
N SER B 63 31.83 -0.06 3.98
CA SER B 63 31.65 1.16 4.77
C SER B 63 32.79 1.27 5.76
N LEU B 64 32.91 2.46 6.36
CA LEU B 64 33.88 2.68 7.45
C LEU B 64 33.51 1.86 8.69
N LYS B 65 34.55 1.37 9.38
CA LYS B 65 34.40 0.45 10.53
C LYS B 65 33.41 0.90 11.59
N ASP B 66 32.48 0.01 11.90
CA ASP B 66 31.48 0.22 12.96
C ASP B 66 30.52 1.36 12.68
N LYS B 67 30.34 1.72 11.41
CA LYS B 67 29.25 2.60 11.02
C LYS B 67 27.93 1.90 11.34
N PHE B 68 27.87 0.62 10.98
CA PHE B 68 26.78 -0.26 11.31
C PHE B 68 27.27 -1.42 12.15
N ILE B 69 26.47 -1.78 13.13
CA ILE B 69 26.69 -3.02 13.89
C ILE B 69 25.37 -3.76 13.94
N ILE B 70 25.37 -4.97 13.39
CA ILE B 70 24.19 -5.82 13.39
C ILE B 70 24.37 -6.90 14.42
N SER B 71 23.33 -7.15 15.21
CA SER B 71 23.34 -8.26 16.14
C SER B 71 21.92 -8.79 16.24
N ARG B 72 21.77 -9.86 17.01
CA ARG B 72 20.50 -10.54 17.16
C ARG B 72 20.47 -11.23 18.52
N ASP B 73 19.27 -11.52 18.98
CA ASP B 73 19.09 -12.23 20.23
C ASP B 73 18.00 -13.24 19.98
N ASN B 74 18.39 -14.49 19.80
CA ASN B 74 17.44 -15.51 19.41
C ASN B 74 16.43 -15.83 20.51
N ALA B 75 16.81 -15.64 21.78
CA ALA B 75 15.86 -15.88 22.87
C ALA B 75 14.69 -14.89 22.87
N LYS B 76 14.89 -13.72 22.25
CA LYS B 76 13.86 -12.70 22.21
C LYS B 76 13.28 -12.54 20.82
N ASN B 77 13.62 -13.47 19.92
CA ASN B 77 13.29 -13.39 18.50
C ASN B 77 13.46 -11.99 17.93
N SER B 78 14.63 -11.40 18.21
CA SER B 78 14.89 -9.98 17.90
C SER B 78 16.17 -9.72 17.12
N LEU B 79 16.12 -8.75 16.22
CA LEU B 79 17.28 -8.33 15.43
C LEU B 79 17.56 -6.85 15.71
N TYR B 80 18.83 -6.48 15.75
CA TYR B 80 19.23 -5.10 16.09
C TYR B 80 20.14 -4.50 15.06
N LEU B 81 20.10 -3.17 14.99
CA LEU B 81 21.01 -2.41 14.16
C LEU B 81 21.44 -1.13 14.88
N GLN B 82 22.73 -1.03 15.13
CA GLN B 82 23.35 0.15 15.74
C GLN B 82 23.95 1.04 14.63
N LEU B 83 23.45 2.26 14.54
CA LEU B 83 23.97 3.24 13.58
C LEU B 83 24.78 4.24 14.36
N SER B 84 25.97 4.56 13.87
CA SER B 84 26.81 5.50 14.57
C SER B 84 27.31 6.55 13.59
N ARG B 85 27.91 7.62 14.11
CA ARG B 85 28.41 8.73 13.28
C ARG B 85 27.37 9.18 12.25
N LEU B 86 26.16 9.42 12.73
CA LEU B 86 25.01 9.81 11.89
C LEU B 86 25.21 11.09 11.08
N ARG B 87 24.90 11.03 9.80
CA ARG B 87 24.84 12.23 8.98
C ARG B 87 23.57 12.19 8.12
N SER B 88 23.29 13.27 7.40
CA SER B 88 22.04 13.41 6.68
C SER B 88 21.79 12.30 5.66
N GLU B 89 22.86 11.72 5.12
CA GLU B 89 22.74 10.59 4.19
C GLU B 89 22.17 9.35 4.86
N ASP B 90 22.19 9.29 6.19
CA ASP B 90 21.61 8.17 6.93
C ASP B 90 20.11 8.30 7.10
N SER B 91 19.54 9.44 6.71
CA SER B 91 18.10 9.65 6.83
C SER B 91 17.38 8.71 5.87
N ALA B 92 16.61 7.77 6.41
CA ALA B 92 15.92 6.81 5.56
C ALA B 92 14.86 6.03 6.33
N LEU B 93 14.08 5.23 5.59
CA LEU B 93 13.33 4.13 6.18
C LEU B 93 14.24 2.92 6.29
N TYR B 94 14.21 2.27 7.44
CA TYR B 94 15.01 1.09 7.69
C TYR B 94 14.13 -0.15 7.78
N TYR B 95 14.48 -1.16 7.00
CA TYR B 95 13.65 -2.35 6.92
C TYR B 95 14.36 -3.57 7.47
N CYS B 96 13.60 -4.30 8.26
CA CYS B 96 13.98 -5.56 8.81
C CYS B 96 13.49 -6.61 7.81
N VAL B 97 14.39 -7.49 7.37
CA VAL B 97 14.04 -8.40 6.27
C VAL B 97 14.46 -9.84 6.53
N ARG B 98 13.54 -10.78 6.38
CA ARG B 98 13.91 -12.19 6.46
C ARG B 98 14.57 -12.73 5.19
N LEU B 99 15.70 -13.40 5.35
CA LEU B 99 16.36 -14.01 4.20
C LEU B 99 16.09 -15.50 4.16
N ASP B 100 15.52 -15.95 3.05
CA ASP B 100 15.30 -17.36 2.86
C ASP B 100 16.50 -17.94 2.11
N PHE B 101 17.36 -18.63 2.87
CA PHE B 101 18.53 -19.35 2.35
C PHE B 101 17.99 -20.62 1.70
N ASP B 102 18.88 -21.48 1.17
CA ASP B 102 18.53 -22.77 0.55
C ASP B 102 19.63 -23.21 -0.41
N VAL B 103 20.62 -23.90 0.13
CA VAL B 103 21.86 -24.22 -0.60
C VAL B 103 21.67 -25.21 -1.76
N TYR B 104 20.85 -26.24 -1.53
CA TYR B 104 20.56 -27.23 -2.55
C TYR B 104 19.91 -26.61 -3.78
N ASN B 105 18.93 -25.74 -3.53
CA ASN B 105 18.21 -25.08 -4.61
C ASN B 105 18.96 -23.92 -5.27
N HIS B 106 20.14 -23.56 -4.74
CA HIS B 106 20.88 -22.37 -5.19
C HIS B 106 19.99 -21.12 -5.14
N TYR B 107 19.37 -20.87 -3.98
CA TYR B 107 18.22 -19.99 -3.87
C TYR B 107 18.33 -19.09 -2.62
N TYR B 108 18.36 -17.78 -2.84
CA TYR B 108 18.49 -16.83 -1.74
C TYR B 108 17.54 -15.65 -2.00
N VAL B 109 16.47 -15.56 -1.21
CA VAL B 109 15.48 -14.51 -1.41
C VAL B 109 15.20 -13.70 -0.18
N LEU B 110 14.93 -12.41 -0.38
CA LEU B 110 14.38 -11.54 0.66
C LEU B 110 12.86 -11.62 0.57
N ASP B 111 12.29 -12.60 1.27
CA ASP B 111 10.87 -12.92 1.17
C ASP B 111 9.95 -12.10 2.06
N TYR B 112 10.34 -11.83 3.28
CA TYR B 112 9.46 -11.07 4.19
C TYR B 112 10.10 -9.79 4.71
N TRP B 113 9.36 -8.70 4.56
CA TRP B 113 9.89 -7.35 4.86
C TRP B 113 9.04 -6.70 5.94
N GLY B 114 9.65 -6.02 6.90
CA GLY B 114 8.88 -5.21 7.83
C GLY B 114 8.43 -3.91 7.19
N GLN B 115 7.47 -3.24 7.82
CA GLN B 115 7.00 -1.93 7.35
C GLN B 115 8.05 -0.80 7.32
N GLY B 116 9.05 -0.88 8.22
CA GLY B 116 10.11 0.14 8.30
C GLY B 116 9.95 1.08 9.49
N THR B 117 11.08 1.55 10.03
CA THR B 117 11.11 2.69 10.97
C THR B 117 11.80 3.83 10.24
N SER B 118 11.32 5.04 10.48
CA SER B 118 11.87 6.22 9.87
C SER B 118 12.96 6.82 10.75
N VAL B 119 14.10 7.14 10.15
CA VAL B 119 15.17 7.84 10.83
C VAL B 119 15.42 9.14 10.06
N THR B 120 15.32 10.28 10.73
CA THR B 120 15.71 11.54 10.15
C THR B 120 16.84 12.15 11.00
N VAL B 121 17.96 12.43 10.33
CA VAL B 121 19.12 13.02 10.99
C VAL B 121 19.10 14.51 10.71
N SER B 122 18.94 15.30 11.77
CA SER B 122 18.79 16.74 11.66
C SER B 122 18.90 17.38 13.03
N SER B 123 19.35 18.63 13.07
CA SER B 123 19.37 19.38 14.33
C SER B 123 18.14 20.29 14.50
N ALA B 124 17.36 20.48 13.42
CA ALA B 124 16.10 21.23 13.46
C ALA B 124 15.15 20.52 14.42
N SER B 125 14.31 21.28 15.12
CA SER B 125 13.41 20.65 16.06
C SER B 125 12.11 20.21 15.39
N THR B 126 11.41 19.37 16.13
CA THR B 126 10.19 18.79 15.70
C THR B 126 9.06 19.83 15.70
N LYS B 127 8.15 19.68 14.74
CA LYS B 127 6.95 20.50 14.64
C LYS B 127 5.75 19.66 14.24
N GLY B 128 4.67 19.78 15.00
CA GLY B 128 3.43 19.08 14.70
C GLY B 128 2.62 19.81 13.66
N PRO B 129 1.84 19.09 12.88
CA PRO B 129 1.08 19.70 11.79
C PRO B 129 -0.15 20.42 12.25
N SER B 130 -0.55 21.43 11.48
CA SER B 130 -1.91 21.93 11.53
C SER B 130 -2.76 21.09 10.57
N VAL B 131 -4.00 20.76 10.95
CA VAL B 131 -4.90 20.03 10.05
C VAL B 131 -6.10 20.89 9.65
N PHE B 132 -6.21 21.19 8.36
CA PHE B 132 -7.27 22.05 7.85
C PHE B 132 -8.23 21.28 6.94
N PRO B 133 -9.53 21.55 7.06
CA PRO B 133 -10.46 20.85 6.17
C PRO B 133 -10.39 21.36 4.72
N LEU B 134 -10.58 20.46 3.77
CA LEU B 134 -10.86 20.82 2.39
C LEU B 134 -12.32 20.45 2.15
N ALA B 135 -13.17 21.45 2.29
CA ALA B 135 -14.62 21.25 2.36
C ALA B 135 -15.28 20.98 1.00
N PRO B 136 -16.18 19.99 0.95
CA PRO B 136 -16.90 19.71 -0.28
C PRO B 136 -18.06 20.66 -0.44
N SER B 137 -18.56 20.76 -1.66
CA SER B 137 -19.78 21.49 -1.98
C SER B 137 -20.63 20.64 -2.92
N SER B 138 -21.94 20.71 -2.73
CA SER B 138 -22.93 20.08 -3.58
C SER B 138 -22.90 20.72 -4.99
N LYS B 139 -22.40 21.95 -5.05
CA LYS B 139 -22.35 22.71 -6.30
C LYS B 139 -21.02 22.55 -7.05
N SER B 140 -20.07 21.85 -6.42
CA SER B 140 -18.70 21.74 -6.95
C SER B 140 -18.35 20.29 -7.35
N THR B 141 -19.27 19.62 -8.03
CA THR B 141 -19.12 18.22 -8.39
C THR B 141 -18.54 18.06 -9.81
N SER B 142 -17.53 17.19 -9.91
CA SER B 142 -16.93 16.88 -11.20
C SER B 142 -17.00 15.36 -11.45
N GLY B 143 -17.39 14.99 -12.67
CA GLY B 143 -17.43 13.57 -13.09
C GLY B 143 -18.27 12.63 -12.24
N GLY B 144 -19.40 13.14 -11.73
CA GLY B 144 -20.30 12.38 -10.87
C GLY B 144 -19.86 12.25 -9.43
N THR B 145 -18.75 12.88 -9.08
CA THR B 145 -18.24 12.77 -7.72
C THR B 145 -18.15 14.11 -6.98
N ALA B 146 -18.17 14.04 -5.64
CA ALA B 146 -17.83 15.16 -4.78
C ALA B 146 -16.51 14.83 -4.12
N ALA B 147 -15.71 15.86 -3.83
CA ALA B 147 -14.38 15.69 -3.28
C ALA B 147 -14.27 16.42 -1.97
N LEU B 148 -13.63 15.79 -0.98
CA LEU B 148 -13.33 16.44 0.29
C LEU B 148 -11.97 15.99 0.77
N GLY B 149 -11.41 16.69 1.74
CA GLY B 149 -10.15 16.26 2.27
C GLY B 149 -9.61 17.01 3.46
N CYS B 150 -8.34 16.73 3.74
CA CYS B 150 -7.59 17.35 4.79
C CYS B 150 -6.24 17.86 4.26
N LEU B 151 -5.92 19.09 4.62
CA LEU B 151 -4.59 19.61 4.35
C LEU B 151 -3.77 19.47 5.63
N VAL B 152 -2.73 18.63 5.59
CA VAL B 152 -1.86 18.43 6.73
C VAL B 152 -0.65 19.33 6.53
N LYS B 153 -0.65 20.49 7.19
CA LYS B 153 0.36 21.48 6.89
C LYS B 153 1.33 21.84 8.02
N ASP B 154 2.60 21.99 7.60
CA ASP B 154 3.71 22.56 8.38
C ASP B 154 4.24 21.66 9.47
N TYR B 155 4.74 20.49 9.07
CA TYR B 155 5.28 19.56 10.06
C TYR B 155 6.73 19.12 9.74
N PHE B 156 7.43 18.67 10.78
CA PHE B 156 8.79 18.15 10.66
C PHE B 156 9.07 17.20 11.83
N PRO B 157 9.72 16.06 11.56
CA PRO B 157 10.05 15.51 10.25
C PRO B 157 8.94 14.61 9.74
N GLU B 158 9.18 13.92 8.63
CA GLU B 158 8.32 12.88 8.13
C GLU B 158 8.43 11.73 9.11
N PRO B 159 7.45 10.81 9.12
CA PRO B 159 6.22 10.82 8.32
C PRO B 159 5.00 11.30 9.13
N VAL B 160 3.85 11.42 8.46
CA VAL B 160 2.55 11.49 9.14
C VAL B 160 1.76 10.30 8.68
N THR B 161 0.90 9.75 9.53
CA THR B 161 -0.07 8.81 9.00
C THR B 161 -1.44 9.47 8.94
N VAL B 162 -2.19 9.18 7.89
CA VAL B 162 -3.55 9.70 7.71
C VAL B 162 -4.49 8.53 7.46
N SER B 163 -5.67 8.60 8.05
CA SER B 163 -6.72 7.64 7.75
C SER B 163 -8.04 8.37 7.78
N TRP B 164 -9.07 7.73 7.28
CA TRP B 164 -10.41 8.30 7.28
C TRP B 164 -11.39 7.43 8.06
N ASN B 165 -12.13 8.08 8.95
CA ASN B 165 -13.09 7.42 9.80
C ASN B 165 -12.48 6.22 10.52
N SER B 166 -11.32 6.47 11.14
CA SER B 166 -10.60 5.45 11.89
C SER B 166 -10.28 4.20 11.08
N GLY B 167 -9.99 4.37 9.79
CA GLY B 167 -9.69 3.24 8.93
C GLY B 167 -10.90 2.54 8.31
N ALA B 168 -12.11 2.88 8.76
CA ALA B 168 -13.34 2.35 8.15
C ALA B 168 -13.56 2.79 6.68
N LEU B 169 -13.07 3.97 6.30
CA LEU B 169 -13.24 4.49 4.93
C LEU B 169 -11.93 4.41 4.14
N THR B 170 -11.94 3.60 3.08
CA THR B 170 -10.72 3.36 2.27
C THR B 170 -10.95 3.59 0.77
N SER B 171 -12.11 3.17 0.28
CA SER B 171 -12.46 3.37 -1.13
C SER B 171 -12.57 4.84 -1.44
N GLY B 172 -11.90 5.24 -2.51
CA GLY B 172 -11.93 6.63 -2.98
C GLY B 172 -10.90 7.52 -2.31
N VAL B 173 -10.08 6.95 -1.42
CA VAL B 173 -9.05 7.72 -0.71
C VAL B 173 -7.73 7.84 -1.50
N HIS B 174 -7.19 9.06 -1.55
CA HIS B 174 -5.85 9.29 -2.09
C HIS B 174 -5.14 10.12 -1.08
N THR B 175 -4.05 9.60 -0.54
CA THR B 175 -3.13 10.40 0.29
C THR B 175 -1.88 10.69 -0.53
N PHE B 176 -1.62 11.96 -0.77
CA PHE B 176 -0.57 12.39 -1.68
C PHE B 176 0.80 12.35 -1.04
N PRO B 177 1.85 12.12 -1.84
CA PRO B 177 3.20 12.28 -1.29
C PRO B 177 3.36 13.68 -0.69
N ALA B 178 4.14 13.79 0.38
CA ALA B 178 4.35 15.06 1.05
C ALA B 178 5.28 15.92 0.19
N VAL B 179 5.16 17.24 0.29
CA VAL B 179 6.07 18.14 -0.38
C VAL B 179 6.87 18.91 0.68
N LEU B 180 8.12 19.26 0.36
CA LEU B 180 8.95 20.03 1.26
C LEU B 180 8.89 21.50 0.86
N GLN B 181 8.36 22.33 1.75
CA GLN B 181 8.21 23.74 1.45
C GLN B 181 9.55 24.45 1.63
N SER B 182 9.67 25.66 1.08
CA SER B 182 10.94 26.38 1.21
C SER B 182 11.23 26.78 2.66
N SER B 183 10.22 26.68 3.53
CA SER B 183 10.40 26.96 4.96
C SER B 183 11.08 25.80 5.69
N GLY B 184 11.38 24.72 4.99
CA GLY B 184 11.94 23.52 5.63
C GLY B 184 10.88 22.58 6.25
N LEU B 185 9.60 22.92 6.10
CA LEU B 185 8.53 22.11 6.67
C LEU B 185 7.77 21.36 5.57
N TYR B 186 7.22 20.19 5.94
CA TYR B 186 6.46 19.35 5.05
C TYR B 186 4.97 19.70 5.02
N SER B 187 4.33 19.34 3.92
CA SER B 187 2.89 19.56 3.77
C SER B 187 2.37 18.43 2.91
N LEU B 188 1.22 17.88 3.27
CA LEU B 188 0.57 16.90 2.41
C LEU B 188 -0.94 17.05 2.43
N SER B 189 -1.60 16.52 1.41
CA SER B 189 -3.03 16.47 1.44
C SER B 189 -3.57 15.04 1.28
N SER B 190 -4.72 14.80 1.88
CA SER B 190 -5.40 13.53 1.76
C SER B 190 -6.81 13.84 1.31
N VAL B 191 -7.30 13.12 0.29
CA VAL B 191 -8.63 13.40 -0.19
C VAL B 191 -9.47 12.14 -0.36
N VAL B 192 -10.78 12.34 -0.33
CA VAL B 192 -11.78 11.29 -0.51
C VAL B 192 -12.74 11.79 -1.59
N THR B 193 -12.99 10.98 -2.61
CA THR B 193 -14.10 11.31 -3.53
C THR B 193 -15.18 10.28 -3.39
N VAL B 194 -16.41 10.74 -3.43
CA VAL B 194 -17.58 9.89 -3.28
C VAL B 194 -18.57 10.31 -4.34
N PRO B 195 -19.50 9.40 -4.73
CA PRO B 195 -20.65 9.77 -5.56
C PRO B 195 -21.44 10.93 -5.00
N SER B 196 -21.59 11.97 -5.81
CA SER B 196 -22.25 13.21 -5.43
C SER B 196 -23.45 13.08 -4.49
N SER B 197 -24.41 12.22 -4.88
CA SER B 197 -25.65 12.00 -4.11
C SER B 197 -25.47 11.33 -2.74
N SER B 198 -24.26 10.93 -2.42
CA SER B 198 -24.03 10.30 -1.13
C SER B 198 -23.42 11.29 -0.14
N LEU B 199 -23.24 12.53 -0.59
CA LEU B 199 -22.57 13.55 0.22
C LEU B 199 -23.08 13.66 1.68
N GLY B 200 -24.35 14.02 1.86
CA GLY B 200 -24.87 14.15 3.23
C GLY B 200 -25.19 12.84 3.95
N THR B 201 -24.72 11.72 3.40
CA THR B 201 -25.11 10.36 3.81
C THR B 201 -24.25 9.88 4.96
N GLN B 202 -23.07 10.47 5.10
CA GLN B 202 -22.13 10.05 6.14
C GLN B 202 -21.18 11.14 6.61
N THR B 203 -20.56 10.86 7.74
CA THR B 203 -19.60 11.77 8.34
C THR B 203 -18.20 11.45 7.83
N TYR B 204 -17.38 12.46 7.68
CA TYR B 204 -16.02 12.29 7.19
C TYR B 204 -15.04 12.87 8.21
N ILE B 205 -14.27 12.00 8.83
CA ILE B 205 -13.27 12.46 9.77
C ILE B 205 -11.91 12.03 9.30
N CYS B 206 -10.97 12.95 9.18
CA CYS B 206 -9.60 12.55 8.89
C CYS B 206 -8.81 12.42 10.18
N ASN B 207 -8.13 11.30 10.33
CA ASN B 207 -7.34 11.06 11.53
C ASN B 207 -5.86 11.20 11.18
N VAL B 208 -5.21 12.17 11.79
CA VAL B 208 -3.82 12.49 11.46
C VAL B 208 -2.96 12.19 12.66
N ASN B 209 -1.92 11.37 12.46
CA ASN B 209 -0.94 11.03 13.54
C ASN B 209 0.46 11.43 13.14
N HIS B 210 1.13 12.15 14.01
CA HIS B 210 2.53 12.54 13.78
C HIS B 210 3.34 12.14 15.02
N LYS B 211 3.85 10.90 15.01
CA LYS B 211 4.56 10.33 16.19
C LYS B 211 5.66 11.24 16.76
N PRO B 212 6.58 11.78 15.92
CA PRO B 212 7.67 12.62 16.44
C PRO B 212 7.28 13.81 17.36
N SER B 213 6.12 14.43 17.13
CA SER B 213 5.65 15.49 18.02
C SER B 213 4.49 15.06 18.93
N ASN B 214 4.15 13.76 18.92
CA ASN B 214 2.98 13.23 19.66
C ASN B 214 1.67 13.95 19.35
N THR B 215 1.46 14.30 18.08
CA THR B 215 0.24 14.97 17.66
C THR B 215 -0.74 13.94 17.08
N LYS B 216 -1.91 13.81 17.71
CA LYS B 216 -3.07 13.11 17.12
C LYS B 216 -4.17 14.12 16.89
N VAL B 217 -4.66 14.23 15.66
CA VAL B 217 -5.77 15.16 15.33
C VAL B 217 -6.89 14.41 14.59
N ASP B 218 -8.12 14.63 15.04
CA ASP B 218 -9.31 14.13 14.37
C ASP B 218 -10.09 15.32 13.84
N LYS B 219 -10.07 15.53 12.52
CA LYS B 219 -10.79 16.65 11.90
C LYS B 219 -12.06 16.21 11.16
N LYS B 220 -13.21 16.71 11.60
CA LYS B 220 -14.47 16.48 10.91
C LYS B 220 -14.53 17.42 9.69
N VAL B 221 -14.75 16.86 8.51
CA VAL B 221 -14.83 17.68 7.31
C VAL B 221 -16.28 17.76 6.85
N GLU B 222 -16.81 18.97 6.94
CA GLU B 222 -18.23 19.22 6.77
C GLU B 222 -18.50 19.84 5.41
N PRO B 223 -19.48 19.30 4.65
CA PRO B 223 -20.08 20.01 3.52
C PRO B 223 -20.32 21.50 3.85
N LYS B 224 -19.72 22.38 3.05
CA LYS B 224 -19.76 23.83 3.30
C LYS B 224 -19.35 24.54 2.01
N GLU C 1 21.28 -0.27 -46.75
CA GLU C 1 21.15 -1.75 -46.88
C GLU C 1 20.82 -2.37 -45.53
N LEU C 2 19.58 -2.84 -45.41
CA LEU C 2 19.08 -3.21 -44.09
C LEU C 2 19.54 -4.61 -43.73
N VAL C 3 20.19 -4.74 -42.59
CA VAL C 3 20.65 -6.03 -42.10
C VAL C 3 19.97 -6.38 -40.79
N VAL C 4 19.40 -7.57 -40.73
CA VAL C 4 18.71 -8.03 -39.53
C VAL C 4 19.57 -9.06 -38.80
N THR C 5 19.84 -8.84 -37.53
CA THR C 5 20.77 -9.68 -36.78
C THR C 5 20.08 -10.38 -35.60
N GLN C 6 20.40 -11.65 -35.40
CA GLN C 6 19.84 -12.45 -34.32
C GLN C 6 20.98 -13.17 -33.64
N GLU C 7 20.77 -13.56 -32.38
CA GLU C 7 21.78 -14.38 -31.71
C GLU C 7 21.91 -15.67 -32.52
N SER C 8 23.13 -16.16 -32.62
CA SER C 8 23.42 -17.36 -33.39
C SER C 8 22.86 -18.65 -32.77
N ALA C 9 22.99 -18.77 -31.46
CA ALA C 9 22.64 -20.00 -30.75
C ALA C 9 22.34 -19.69 -29.30
N LEU C 10 21.33 -20.34 -28.73
CA LEU C 10 21.05 -20.23 -27.32
C LEU C 10 20.71 -21.59 -26.73
N THR C 11 20.99 -21.74 -25.44
CA THR C 11 20.73 -22.96 -24.71
C THR C 11 19.88 -22.67 -23.49
N THR C 12 18.82 -23.43 -23.29
CA THR C 12 17.96 -23.27 -22.15
C THR C 12 17.48 -24.65 -21.68
N SER C 13 17.05 -24.74 -20.44
CA SER C 13 16.53 -26.00 -19.89
C SER C 13 15.01 -26.05 -20.01
N PRO C 14 14.43 -27.27 -19.95
CA PRO C 14 12.95 -27.36 -19.97
C PRO C 14 12.34 -26.60 -18.80
N GLY C 15 11.23 -25.94 -19.05
CA GLY C 15 10.53 -25.18 -18.03
C GLY C 15 11.03 -23.76 -17.86
N GLU C 16 12.16 -23.41 -18.46
CA GLU C 16 12.74 -22.07 -18.31
C GLU C 16 12.22 -21.09 -19.35
N THR C 17 12.43 -19.81 -19.10
CA THR C 17 12.11 -18.80 -20.07
C THR C 17 13.33 -18.47 -20.89
N VAL C 18 13.13 -18.32 -22.19
CA VAL C 18 14.20 -17.88 -23.05
C VAL C 18 13.69 -16.77 -23.96
N THR C 19 14.58 -15.84 -24.26
CA THR C 19 14.25 -14.68 -25.03
C THR C 19 15.20 -14.54 -26.19
N LEU C 20 14.65 -14.50 -27.39
CA LEU C 20 15.43 -14.33 -28.62
C LEU C 20 15.23 -12.92 -29.09
N THR C 21 16.28 -12.26 -29.56
CA THR C 21 16.09 -10.91 -30.01
C THR C 21 16.45 -10.71 -31.46
N CYS C 22 16.09 -9.56 -31.96
CA CYS C 22 16.17 -9.27 -33.36
C CYS C 22 16.47 -7.79 -33.56
N ARG C 23 17.65 -7.46 -34.08
CA ARG C 23 18.01 -6.06 -34.24
C ARG C 23 18.15 -5.60 -35.70
N SER C 24 17.94 -4.31 -35.90
CA SER C 24 17.99 -3.70 -37.21
C SER C 24 19.22 -2.83 -37.33
N SER C 25 19.89 -2.97 -38.46
CA SER C 25 21.12 -2.25 -38.73
C SER C 25 20.84 -0.78 -38.99
N SER C 26 19.59 -0.44 -39.27
CA SER C 26 19.26 0.93 -39.63
C SER C 26 18.58 1.72 -38.50
N GLY C 27 18.35 1.10 -37.35
CA GLY C 27 17.88 1.86 -36.20
C GLY C 27 17.06 1.01 -35.26
N ALA C 28 16.16 1.65 -34.53
CA ALA C 28 15.33 0.94 -33.58
C ALA C 28 14.28 0.17 -34.36
N VAL C 29 14.01 -1.06 -33.89
CA VAL C 29 12.88 -1.84 -34.42
C VAL C 29 11.64 -1.20 -33.87
N THR C 30 10.74 -0.79 -34.75
CA THR C 30 9.49 -0.15 -34.33
C THR C 30 8.31 -1.04 -34.70
N THR C 31 7.11 -0.67 -34.21
CA THR C 31 5.91 -1.39 -34.66
C THR C 31 5.69 -1.30 -36.16
N SER C 32 6.26 -0.28 -36.81
CA SER C 32 6.14 -0.16 -38.29
C SER C 32 6.97 -1.19 -39.06
N ASN C 33 7.76 -1.99 -38.34
CA ASN C 33 8.51 -3.05 -38.99
C ASN C 33 7.72 -4.35 -39.03
N TYR C 34 6.57 -4.36 -38.35
CA TYR C 34 5.71 -5.54 -38.33
C TYR C 34 6.50 -6.85 -38.16
N ALA C 35 7.36 -6.91 -37.13
CA ALA C 35 8.23 -8.09 -36.90
C ALA C 35 7.42 -9.38 -36.95
N THR C 36 7.91 -10.35 -37.72
CA THR C 36 7.38 -11.72 -37.69
C THR C 36 8.41 -12.70 -37.30
N TRP C 37 7.95 -13.78 -36.67
CA TRP C 37 8.83 -14.88 -36.29
C TRP C 37 8.36 -16.16 -36.94
N VAL C 38 9.32 -16.95 -37.42
CA VAL C 38 9.06 -18.23 -38.08
C VAL C 38 9.92 -19.30 -37.42
N GLN C 39 9.33 -20.44 -37.11
CA GLN C 39 10.04 -21.58 -36.53
C GLN C 39 10.36 -22.59 -37.60
N GLU C 40 11.62 -23.03 -37.67
CA GLU C 40 12.00 -24.11 -38.58
C GLU C 40 12.40 -25.37 -37.81
N LYS C 41 11.61 -26.42 -37.95
CA LYS C 41 11.93 -27.72 -37.38
C LYS C 41 12.53 -28.60 -38.48
N PRO C 42 13.28 -29.67 -38.08
CA PRO C 42 13.96 -30.55 -39.02
C PRO C 42 13.02 -31.13 -40.07
N ASP C 43 13.54 -31.31 -41.28
CA ASP C 43 12.73 -31.67 -42.44
C ASP C 43 12.07 -30.47 -43.08
N HIS C 44 12.65 -29.28 -42.85
CA HIS C 44 12.16 -28.04 -43.45
C HIS C 44 10.69 -27.85 -43.14
N LEU C 45 10.34 -27.89 -41.86
CA LEU C 45 8.96 -27.70 -41.45
C LEU C 45 8.82 -26.35 -40.74
N PHE C 46 8.01 -25.50 -41.34
CA PHE C 46 7.91 -24.10 -40.94
C PHE C 46 6.59 -23.78 -40.29
N THR C 47 6.63 -22.94 -39.27
CA THR C 47 5.44 -22.44 -38.58
C THR C 47 5.63 -20.93 -38.36
N GLY C 48 4.65 -20.15 -38.82
CA GLY C 48 4.57 -18.75 -38.47
C GLY C 48 4.13 -18.65 -37.02
N LEU C 49 4.88 -17.95 -36.19
CA LEU C 49 4.59 -17.89 -34.77
C LEU C 49 3.89 -16.60 -34.38
N ILE C 50 4.43 -15.48 -34.88
CA ILE C 50 4.11 -14.17 -34.42
C ILE C 50 4.10 -13.23 -35.60
N GLY C 51 3.08 -12.38 -35.65
CA GLY C 51 2.97 -11.32 -36.62
C GLY C 51 2.71 -10.00 -35.95
N GLY C 52 2.99 -8.91 -36.67
CA GLY C 52 2.82 -7.57 -36.16
C GLY C 52 3.40 -7.38 -34.78
N THR C 53 4.62 -7.88 -34.58
CA THR C 53 5.39 -7.66 -33.34
C THR C 53 4.95 -8.55 -32.19
N ASN C 54 3.65 -8.57 -31.90
CA ASN C 54 3.20 -9.18 -30.64
C ASN C 54 1.89 -9.95 -30.73
N LYS C 55 1.50 -10.31 -31.94
CA LYS C 55 0.25 -11.04 -32.11
C LYS C 55 0.56 -12.49 -32.45
N ARG C 56 0.10 -13.39 -31.60
CA ARG C 56 0.40 -14.79 -31.79
C ARG C 56 -0.56 -15.37 -32.82
N ALA C 57 -0.02 -16.18 -33.74
CA ALA C 57 -0.79 -16.76 -34.84
C ALA C 57 -1.72 -17.87 -34.37
N PRO C 58 -2.87 -18.05 -35.05
CA PRO C 58 -3.81 -19.11 -34.63
C PRO C 58 -3.11 -20.48 -34.56
N GLY C 59 -3.42 -21.26 -33.53
CA GLY C 59 -2.83 -22.59 -33.37
C GLY C 59 -1.56 -22.62 -32.54
N VAL C 60 -0.79 -21.53 -32.58
CA VAL C 60 0.48 -21.47 -31.88
C VAL C 60 0.32 -21.52 -30.35
N PRO C 61 1.08 -22.39 -29.65
CA PRO C 61 0.97 -22.47 -28.17
C PRO C 61 1.12 -21.14 -27.46
N ALA C 62 0.35 -20.93 -26.39
CA ALA C 62 0.38 -19.68 -25.60
C ALA C 62 1.75 -19.30 -25.04
N ARG C 63 2.60 -20.30 -24.88
CA ARG C 63 3.99 -20.21 -24.49
C ARG C 63 4.83 -19.15 -25.26
N PHE C 64 4.44 -18.86 -26.51
CA PHE C 64 5.21 -17.98 -27.37
C PHE C 64 4.58 -16.61 -27.30
N SER C 65 5.39 -15.58 -27.17
CA SER C 65 4.90 -14.23 -27.27
C SER C 65 5.98 -13.33 -27.84
N GLY C 66 5.56 -12.24 -28.45
CA GLY C 66 6.50 -11.28 -29.04
C GLY C 66 6.34 -9.91 -28.39
N SER C 67 7.39 -9.13 -28.40
CA SER C 67 7.32 -7.78 -27.88
C SER C 67 8.54 -7.02 -28.40
N LEU C 68 8.71 -5.80 -27.91
CA LEU C 68 9.91 -5.03 -28.11
C LEU C 68 10.71 -4.98 -26.81
N ILE C 69 12.03 -5.12 -26.89
CA ILE C 69 12.94 -4.90 -25.76
C ILE C 69 13.96 -3.90 -26.28
N GLY C 70 14.05 -2.73 -25.63
CA GLY C 70 14.95 -1.68 -26.08
C GLY C 70 14.71 -1.40 -27.55
N ASP C 71 15.79 -1.40 -28.34
CA ASP C 71 15.78 -1.15 -29.79
C ASP C 71 15.43 -2.39 -30.62
N ARG C 72 15.08 -3.48 -29.96
CA ARG C 72 14.91 -4.77 -30.65
C ARG C 72 13.51 -5.34 -30.58
N ALA C 73 13.21 -6.25 -31.51
CA ALA C 73 12.04 -7.12 -31.38
C ALA C 73 12.48 -8.37 -30.61
N ALA C 74 11.54 -9.03 -29.91
CA ALA C 74 11.86 -10.13 -29.02
C ALA C 74 10.84 -11.22 -29.16
N LEU C 75 11.28 -12.46 -29.11
CA LEU C 75 10.40 -13.60 -29.02
C LEU C 75 10.69 -14.26 -27.71
N THR C 76 9.67 -14.45 -26.88
CA THR C 76 9.84 -15.05 -25.56
C THR C 76 9.15 -16.39 -25.52
N ILE C 77 9.87 -17.38 -25.05
CA ILE C 77 9.30 -18.69 -24.77
C ILE C 77 9.31 -18.91 -23.26
N THR C 78 8.14 -18.94 -22.66
CA THR C 78 8.00 -19.15 -21.25
C THR C 78 7.77 -20.63 -21.07
N GLY C 79 8.58 -21.29 -20.26
CA GLY C 79 8.41 -22.71 -20.00
C GLY C 79 8.73 -23.53 -21.25
N ALA C 80 9.97 -23.40 -21.73
CA ALA C 80 10.42 -24.12 -22.93
C ALA C 80 10.28 -25.64 -22.82
N GLN C 81 9.84 -26.25 -23.92
CA GLN C 81 9.61 -27.70 -24.02
C GLN C 81 10.71 -28.30 -24.90
N THR C 82 10.96 -29.58 -24.75
CA THR C 82 11.91 -30.24 -25.64
C THR C 82 11.52 -30.08 -27.12
N GLU C 83 10.23 -30.04 -27.44
CA GLU C 83 9.84 -29.88 -28.83
C GLU C 83 10.02 -28.47 -29.37
N ASP C 84 10.54 -27.57 -28.56
CA ASP C 84 10.82 -26.22 -29.04
C ASP C 84 12.22 -26.09 -29.65
N GLU C 85 12.95 -27.19 -29.67
CA GLU C 85 14.28 -27.28 -30.29
C GLU C 85 14.12 -26.96 -31.76
N ALA C 86 14.78 -25.93 -32.25
CA ALA C 86 14.53 -25.47 -33.60
C ALA C 86 15.41 -24.28 -33.97
N ILE C 87 15.30 -23.84 -35.22
CA ILE C 87 15.86 -22.56 -35.61
C ILE C 87 14.73 -21.52 -35.71
N TYR C 88 14.90 -20.37 -35.06
CA TYR C 88 13.91 -19.29 -35.11
C TYR C 88 14.40 -18.10 -35.93
N PHE C 89 13.65 -17.79 -36.97
CA PHE C 89 13.93 -16.63 -37.81
C PHE C 89 13.01 -15.48 -37.48
N CYS C 90 13.65 -14.34 -37.28
CA CYS C 90 13.00 -13.04 -37.24
C CYS C 90 12.92 -12.50 -38.68
N ALA C 91 11.88 -11.73 -38.99
CA ALA C 91 11.82 -10.97 -40.27
C ALA C 91 11.21 -9.59 -40.06
N LEU C 92 11.79 -8.59 -40.73
CA LEU C 92 11.33 -7.22 -40.63
C LEU C 92 10.86 -6.66 -41.99
N TRP C 93 9.70 -6.01 -41.94
CA TRP C 93 9.14 -5.32 -43.09
C TRP C 93 9.81 -3.95 -43.24
N ASN C 94 10.27 -3.63 -44.46
CA ASN C 94 10.92 -2.36 -44.75
C ASN C 94 10.26 -1.76 -45.99
N SER C 95 9.11 -1.11 -45.75
CA SER C 95 8.31 -0.44 -46.78
C SER C 95 7.80 -1.38 -47.90
N ASN C 96 8.70 -1.82 -48.78
CA ASN C 96 8.35 -2.68 -49.93
C ASN C 96 8.61 -4.17 -49.72
N HIS C 97 9.46 -4.52 -48.75
CA HIS C 97 10.07 -5.83 -48.76
C HIS C 97 10.42 -6.42 -47.39
N LEU C 98 10.42 -7.74 -47.32
CA LEU C 98 10.66 -8.41 -46.08
C LEU C 98 12.11 -8.79 -46.01
N VAL C 99 12.72 -8.64 -44.84
CA VAL C 99 14.14 -9.00 -44.61
C VAL C 99 14.27 -9.94 -43.40
N PHE C 100 14.72 -11.16 -43.69
CA PHE C 100 14.95 -12.15 -42.67
C PHE C 100 16.26 -11.91 -41.91
N GLY C 101 16.24 -12.17 -40.59
CA GLY C 101 17.46 -12.35 -39.81
C GLY C 101 18.15 -13.67 -40.17
N GLY C 102 19.36 -13.89 -39.65
CA GLY C 102 20.11 -15.07 -39.92
C GLY C 102 19.62 -16.30 -39.17
N GLY C 103 18.75 -16.13 -38.17
CA GLY C 103 18.26 -17.27 -37.42
C GLY C 103 19.03 -17.62 -36.14
N THR C 104 18.30 -18.15 -35.16
CA THR C 104 18.86 -18.50 -33.88
C THR C 104 18.54 -19.95 -33.60
N LYS C 105 19.60 -20.74 -33.43
CA LYS C 105 19.45 -22.12 -33.07
C LYS C 105 19.17 -22.16 -31.58
N LEU C 106 18.07 -22.80 -31.21
CA LEU C 106 17.81 -22.99 -29.81
C LEU C 106 18.01 -24.44 -29.43
N GLU C 107 18.92 -24.64 -28.49
CA GLU C 107 19.19 -25.93 -27.89
C GLU C 107 18.56 -26.08 -26.52
N ILE C 108 17.93 -27.22 -26.28
CA ILE C 108 17.39 -27.54 -24.95
C ILE C 108 18.34 -28.45 -24.18
N LYS C 109 18.71 -28.01 -22.98
CA LYS C 109 19.69 -28.69 -22.17
C LYS C 109 19.14 -29.96 -21.55
N ARG C 110 20.01 -30.94 -21.42
CA ARG C 110 19.69 -32.16 -20.70
C ARG C 110 20.91 -32.70 -19.98
N THR C 111 20.70 -33.72 -19.17
CA THR C 111 21.83 -34.32 -18.47
C THR C 111 22.82 -34.91 -19.48
N VAL C 112 24.09 -34.98 -19.12
CA VAL C 112 25.13 -35.47 -20.01
C VAL C 112 24.83 -36.93 -20.38
N ALA C 113 24.99 -37.26 -21.66
CA ALA C 113 24.79 -38.62 -22.15
C ALA C 113 25.91 -39.02 -23.11
N ALA C 114 26.58 -40.13 -22.80
CA ALA C 114 27.70 -40.63 -23.60
C ALA C 114 27.18 -41.28 -24.88
N PRO C 115 27.93 -41.12 -25.98
CA PRO C 115 27.51 -41.80 -27.21
C PRO C 115 27.65 -43.32 -27.12
N SER C 116 26.74 -44.05 -27.75
CA SER C 116 26.99 -45.44 -28.09
C SER C 116 27.78 -45.36 -29.39
N VAL C 117 28.84 -46.15 -29.49
CA VAL C 117 29.68 -46.10 -30.68
C VAL C 117 29.65 -47.43 -31.43
N PHE C 118 29.58 -47.33 -32.74
CA PHE C 118 29.55 -48.48 -33.62
C PHE C 118 30.48 -48.22 -34.78
N ILE C 119 31.15 -49.27 -35.26
CA ILE C 119 31.99 -49.12 -36.43
C ILE C 119 31.52 -50.13 -37.47
N PHE C 120 31.51 -49.71 -38.73
CA PHE C 120 31.12 -50.61 -39.82
C PHE C 120 32.19 -50.73 -40.86
N PRO C 121 32.64 -51.95 -41.14
CA PRO C 121 33.57 -52.16 -42.25
C PRO C 121 32.90 -51.86 -43.62
N PRO C 122 33.71 -51.66 -44.69
CA PRO C 122 33.10 -51.61 -46.02
C PRO C 122 32.42 -52.91 -46.37
N SER C 123 31.36 -52.85 -47.17
CA SER C 123 30.69 -54.06 -47.64
C SER C 123 31.48 -54.68 -48.77
N ASP C 124 31.20 -55.96 -49.03
CA ASP C 124 31.80 -56.69 -50.13
C ASP C 124 31.44 -56.06 -51.48
N GLU C 125 30.22 -55.55 -51.56
CA GLU C 125 29.72 -54.91 -52.77
C GLU C 125 30.52 -53.66 -53.14
N GLN C 126 30.85 -52.83 -52.14
CA GLN C 126 31.65 -51.63 -52.36
C GLN C 126 33.05 -51.96 -52.85
N LEU C 127 33.64 -52.99 -52.27
CA LEU C 127 35.01 -53.40 -52.60
C LEU C 127 35.12 -53.84 -54.06
N LYS C 128 34.06 -54.42 -54.60
CA LYS C 128 33.99 -54.72 -56.04
C LYS C 128 34.32 -53.50 -56.88
N SER C 129 33.97 -52.33 -56.36
CA SER C 129 33.99 -51.11 -57.15
C SER C 129 35.28 -50.30 -57.07
N GLY C 130 36.23 -50.73 -56.23
CA GLY C 130 37.51 -50.04 -56.14
C GLY C 130 37.74 -49.05 -55.00
N THR C 131 36.68 -48.67 -54.28
CA THR C 131 36.88 -47.87 -53.07
C THR C 131 36.35 -48.55 -51.79
N ALA C 132 36.73 -48.01 -50.64
CA ALA C 132 36.35 -48.60 -49.36
C ALA C 132 35.99 -47.52 -48.35
N SER C 133 34.79 -47.62 -47.79
CA SER C 133 34.36 -46.65 -46.81
C SER C 133 34.20 -47.35 -45.50
N VAL C 134 34.80 -46.79 -44.45
CA VAL C 134 34.58 -47.29 -43.12
C VAL C 134 33.70 -46.24 -42.44
N VAL C 135 32.62 -46.69 -41.83
CA VAL C 135 31.70 -45.78 -41.15
C VAL C 135 31.72 -45.93 -39.65
N CYS C 136 31.70 -44.80 -38.96
CA CYS C 136 31.65 -44.78 -37.49
C CYS C 136 30.40 -44.02 -37.02
N LEU C 137 29.64 -44.65 -36.12
CA LEU C 137 28.41 -44.06 -35.61
C LEU C 137 28.51 -43.74 -34.12
N LEU C 138 28.23 -42.48 -33.78
CA LEU C 138 28.06 -42.09 -32.37
C LEU C 138 26.61 -41.75 -32.20
N ASN C 139 25.92 -42.54 -31.38
CA ASN C 139 24.49 -42.44 -31.27
C ASN C 139 23.99 -41.87 -29.94
N ASN C 140 23.03 -40.94 -30.04
CA ASN C 140 22.34 -40.33 -28.87
C ASN C 140 23.22 -39.82 -27.73
N PHE C 141 24.02 -38.80 -28.00
CA PHE C 141 24.82 -38.15 -26.98
C PHE C 141 24.41 -36.69 -26.71
N TYR C 142 24.90 -36.16 -25.58
CA TYR C 142 24.77 -34.75 -25.19
C TYR C 142 25.85 -34.36 -24.19
N PRO C 143 26.51 -33.20 -24.39
CA PRO C 143 26.28 -32.17 -25.40
C PRO C 143 26.84 -32.51 -26.78
N ARG C 144 26.81 -31.55 -27.70
CA ARG C 144 27.15 -31.77 -29.10
C ARG C 144 28.64 -32.09 -29.33
N GLU C 145 29.53 -31.44 -28.60
CA GLU C 145 30.99 -31.54 -28.80
C GLU C 145 31.47 -32.99 -28.67
N ALA C 146 32.07 -33.48 -29.73
CA ALA C 146 32.58 -34.84 -29.76
C ALA C 146 33.72 -34.94 -30.75
N LYS C 147 34.80 -35.57 -30.34
CA LYS C 147 35.90 -35.81 -31.24
C LYS C 147 35.91 -37.27 -31.69
N VAL C 148 36.06 -37.45 -33.00
CA VAL C 148 36.30 -38.75 -33.62
C VAL C 148 37.69 -38.76 -34.24
N GLN C 149 38.46 -39.79 -33.92
CA GLN C 149 39.78 -39.97 -34.53
C GLN C 149 39.83 -41.36 -35.18
N TRP C 150 40.28 -41.38 -36.42
CA TRP C 150 40.44 -42.59 -37.21
C TRP C 150 41.88 -43.10 -37.16
N LYS C 151 42.04 -44.39 -36.89
CA LYS C 151 43.37 -45.01 -36.90
C LYS C 151 43.35 -46.26 -37.75
N VAL C 152 44.42 -46.41 -38.53
CA VAL C 152 44.59 -47.52 -39.47
C VAL C 152 45.95 -48.13 -39.16
N ASP C 153 45.93 -49.36 -38.65
CA ASP C 153 47.14 -49.99 -38.06
C ASP C 153 47.79 -49.05 -37.07
N ASN C 154 46.96 -48.35 -36.29
CA ASN C 154 47.41 -47.42 -35.24
C ASN C 154 47.99 -46.09 -35.74
N ALA C 155 47.90 -45.82 -37.03
CA ALA C 155 48.31 -44.54 -37.60
C ALA C 155 47.13 -43.56 -37.67
N LEU C 156 47.30 -42.38 -37.06
CA LEU C 156 46.28 -41.32 -37.06
C LEU C 156 46.00 -40.84 -38.48
N GLN C 157 44.74 -40.91 -38.88
CA GLN C 157 44.33 -40.48 -40.22
C GLN C 157 44.02 -39.00 -40.27
N SER C 158 44.34 -38.35 -41.39
CA SER C 158 43.96 -36.93 -41.56
C SER C 158 43.62 -36.58 -43.00
N GLY C 159 42.52 -35.84 -43.16
CA GLY C 159 42.11 -35.34 -44.46
C GLY C 159 41.46 -36.34 -45.40
N ASN C 160 41.05 -37.50 -44.88
CA ASN C 160 40.30 -38.46 -45.67
C ASN C 160 39.07 -39.01 -44.93
N SER C 161 38.48 -38.16 -44.09
CA SER C 161 37.24 -38.49 -43.45
C SER C 161 36.30 -37.30 -43.47
N GLN C 162 35.00 -37.60 -43.43
CA GLN C 162 34.01 -36.55 -43.28
C GLN C 162 32.96 -36.98 -42.28
N GLU C 163 32.33 -35.99 -41.66
CA GLU C 163 31.33 -36.25 -40.66
C GLU C 163 30.14 -35.30 -40.76
N SER C 164 29.08 -35.70 -40.07
CA SER C 164 27.79 -35.07 -40.20
C SER C 164 27.06 -35.34 -38.90
N VAL C 165 26.28 -34.36 -38.43
CA VAL C 165 25.59 -34.46 -37.16
C VAL C 165 24.13 -34.16 -37.34
N THR C 166 23.25 -34.94 -36.73
CA THR C 166 21.80 -34.70 -36.77
C THR C 166 21.44 -33.44 -35.98
N GLU C 167 20.28 -32.84 -36.28
CA GLU C 167 19.70 -31.84 -35.40
C GLU C 167 19.35 -32.47 -34.06
N GLN C 168 19.21 -31.67 -33.02
CA GLN C 168 18.81 -32.18 -31.71
C GLN C 168 17.46 -32.89 -31.78
N ASP C 169 17.41 -34.07 -31.19
CA ASP C 169 16.18 -34.85 -31.18
C ASP C 169 15.12 -34.18 -30.31
N SER C 170 13.89 -34.08 -30.82
CA SER C 170 12.85 -33.39 -30.08
C SER C 170 12.29 -34.14 -28.88
N LYS C 171 12.68 -35.40 -28.71
CA LYS C 171 12.19 -36.19 -27.60
C LYS C 171 13.23 -36.38 -26.50
N ASP C 172 14.41 -36.90 -26.86
CA ASP C 172 15.44 -37.14 -25.86
C ASP C 172 16.52 -36.06 -25.77
N SER C 173 16.43 -35.09 -26.68
CA SER C 173 17.33 -33.94 -26.70
C SER C 173 18.79 -34.28 -27.02
N THR C 174 19.01 -35.45 -27.62
CA THR C 174 20.35 -35.90 -27.92
C THR C 174 20.78 -35.56 -29.35
N TYR C 175 22.07 -35.72 -29.64
CA TYR C 175 22.58 -35.67 -30.99
C TYR C 175 23.09 -37.03 -31.43
N SER C 176 23.23 -37.20 -32.74
CA SER C 176 23.96 -38.34 -33.30
C SER C 176 24.90 -37.85 -34.39
N LEU C 177 25.99 -38.59 -34.55
CA LEU C 177 27.02 -38.22 -35.51
C LEU C 177 27.47 -39.46 -36.31
N SER C 178 27.74 -39.23 -37.60
CA SER C 178 28.26 -40.24 -38.49
C SER C 178 29.51 -39.73 -39.15
N SER C 179 30.55 -40.56 -39.17
CA SER C 179 31.82 -40.25 -39.78
C SER C 179 32.22 -41.35 -40.76
N THR C 180 32.70 -40.94 -41.92
CA THR C 180 33.12 -41.84 -43.00
C THR C 180 34.58 -41.66 -43.34
N LEU C 181 35.36 -42.72 -43.21
CA LEU C 181 36.72 -42.78 -43.68
C LEU C 181 36.75 -43.39 -45.08
N THR C 182 37.28 -42.64 -46.05
CA THR C 182 37.31 -43.11 -47.43
C THR C 182 38.76 -43.36 -47.86
N LEU C 183 39.04 -44.61 -48.24
CA LEU C 183 40.34 -45.00 -48.80
C LEU C 183 40.17 -45.87 -50.04
N SER C 184 41.22 -46.00 -50.83
CA SER C 184 41.17 -46.87 -51.98
C SER C 184 41.13 -48.33 -51.55
N LYS C 185 40.58 -49.18 -52.40
CA LYS C 185 40.56 -50.61 -52.16
C LYS C 185 41.97 -51.12 -51.91
N ALA C 186 42.94 -50.66 -52.69
CA ALA C 186 44.32 -51.14 -52.56
C ALA C 186 44.90 -50.78 -51.19
N ASP C 187 44.68 -49.55 -50.73
CA ASP C 187 45.15 -49.14 -49.40
C ASP C 187 44.43 -49.90 -48.29
N TYR C 188 43.12 -50.04 -48.42
CA TYR C 188 42.33 -50.85 -47.49
C TYR C 188 42.89 -52.26 -47.33
N GLU C 189 43.25 -52.91 -48.44
CA GLU C 189 43.77 -54.29 -48.44
C GLU C 189 45.17 -54.42 -47.85
N LYS C 190 45.90 -53.32 -47.77
CA LYS C 190 47.25 -53.31 -47.18
C LYS C 190 47.27 -53.35 -45.67
N HIS C 191 46.22 -52.88 -45.02
CA HIS C 191 46.24 -52.77 -43.57
C HIS C 191 45.23 -53.68 -42.88
N LYS C 192 45.42 -53.87 -41.57
CA LYS C 192 44.62 -54.85 -40.85
C LYS C 192 43.65 -54.24 -39.87
N VAL C 193 44.13 -53.32 -39.04
CA VAL C 193 43.35 -52.87 -37.89
C VAL C 193 42.70 -51.53 -38.20
N TYR C 194 41.38 -51.47 -38.04
CA TYR C 194 40.64 -50.25 -38.32
C TYR C 194 39.92 -49.80 -37.07
N ALA C 195 40.23 -48.60 -36.61
CA ALA C 195 39.77 -48.15 -35.31
C ALA C 195 39.13 -46.80 -35.33
N CYS C 196 38.04 -46.71 -34.60
CA CYS C 196 37.32 -45.47 -34.42
C CYS C 196 37.49 -45.08 -32.94
N GLU C 197 38.10 -43.92 -32.68
CA GLU C 197 38.35 -43.48 -31.30
C GLU C 197 37.58 -42.23 -30.92
N VAL C 198 36.79 -42.34 -29.85
CA VAL C 198 35.81 -41.29 -29.52
C VAL C 198 36.08 -40.65 -28.17
N THR C 199 36.12 -39.31 -28.16
CA THR C 199 36.19 -38.50 -26.93
C THR C 199 34.90 -37.68 -26.74
N HIS C 200 34.39 -37.65 -25.52
CA HIS C 200 33.17 -36.91 -25.22
C HIS C 200 33.06 -36.70 -23.72
N GLN C 201 32.43 -35.61 -23.31
CA GLN C 201 32.33 -35.27 -21.89
C GLN C 201 31.74 -36.39 -21.03
N GLY C 202 30.90 -37.24 -21.62
CA GLY C 202 30.25 -38.31 -20.89
C GLY C 202 31.10 -39.57 -20.70
N LEU C 203 32.30 -39.56 -21.26
CA LEU C 203 33.18 -40.71 -21.19
C LEU C 203 34.44 -40.34 -20.41
N SER C 204 34.73 -41.09 -19.34
CA SER C 204 35.84 -40.79 -18.45
C SER C 204 37.19 -41.08 -19.12
N SER C 205 37.13 -41.78 -20.25
CA SER C 205 38.31 -42.06 -21.07
C SER C 205 37.80 -42.41 -22.46
N PRO C 206 38.59 -42.12 -23.52
CA PRO C 206 38.17 -42.41 -24.91
C PRO C 206 37.70 -43.85 -25.10
N VAL C 207 36.70 -44.02 -25.95
CA VAL C 207 36.23 -45.34 -26.30
C VAL C 207 36.67 -45.64 -27.72
N THR C 208 37.24 -46.81 -27.90
CA THR C 208 37.70 -47.24 -29.21
C THR C 208 36.89 -48.45 -29.67
N LYS C 209 36.36 -48.37 -30.88
CA LYS C 209 35.75 -49.53 -31.51
C LYS C 209 36.59 -49.85 -32.72
N SER C 210 36.87 -51.12 -32.91
CA SER C 210 37.66 -51.47 -34.04
C SER C 210 37.36 -52.85 -34.58
N PHE C 211 37.93 -53.16 -35.72
CA PHE C 211 37.74 -54.46 -36.33
C PHE C 211 38.99 -54.78 -37.14
N ASN C 212 39.21 -56.07 -37.39
CA ASN C 212 40.31 -56.52 -38.24
C ASN C 212 39.81 -56.95 -39.60
N ARG C 213 40.38 -56.36 -40.65
CA ARG C 213 40.08 -56.73 -42.04
C ARG C 213 40.15 -58.25 -42.20
N GLY C 214 39.01 -58.86 -42.55
CA GLY C 214 38.90 -60.33 -42.67
C GLY C 214 38.37 -61.00 -41.41
N GLU C 215 37.84 -60.21 -40.48
CA GLU C 215 37.45 -60.66 -39.12
C GLU C 215 38.60 -61.18 -38.29
N GLU D 1 -5.41 -30.96 -45.05
CA GLU D 1 -6.23 -29.87 -45.65
C GLU D 1 -5.32 -28.94 -46.44
N VAL D 2 -4.65 -27.99 -45.78
CA VAL D 2 -3.88 -27.02 -46.52
C VAL D 2 -2.70 -27.74 -47.15
N LYS D 3 -2.59 -27.66 -48.47
CA LYS D 3 -1.48 -28.26 -49.19
C LYS D 3 -0.84 -27.29 -50.17
N LEU D 4 0.48 -27.31 -50.21
CA LEU D 4 1.28 -26.47 -51.08
C LEU D 4 2.37 -27.35 -51.72
N LEU D 5 2.13 -27.85 -52.92
CA LEU D 5 3.07 -28.77 -53.56
C LEU D 5 3.86 -28.11 -54.67
N GLU D 6 5.18 -28.04 -54.47
CA GLU D 6 6.09 -27.43 -55.43
C GLU D 6 6.60 -28.44 -56.44
N SER D 7 7.00 -27.93 -57.61
CA SER D 7 7.73 -28.70 -58.60
C SER D 7 8.51 -27.78 -59.56
N GLY D 8 9.30 -28.37 -60.45
CA GLY D 8 10.09 -27.60 -61.39
C GLY D 8 11.57 -27.53 -61.07
N GLY D 9 11.97 -28.05 -59.91
CA GLY D 9 13.37 -28.05 -59.50
C GLY D 9 14.23 -29.09 -60.20
N GLY D 10 15.47 -29.21 -59.73
CA GLY D 10 16.45 -30.11 -60.33
C GLY D 10 17.70 -29.39 -60.80
N LEU D 11 18.46 -30.05 -61.68
CA LEU D 11 19.71 -29.51 -62.17
C LEU D 11 19.45 -28.49 -63.27
N ALA D 12 20.08 -27.31 -63.16
CA ALA D 12 20.01 -26.32 -64.22
C ALA D 12 21.41 -25.78 -64.55
N GLN D 13 21.65 -25.51 -65.82
CA GLN D 13 22.96 -25.05 -66.25
C GLN D 13 23.13 -23.56 -65.96
N PRO D 14 24.36 -23.14 -65.62
CA PRO D 14 24.62 -21.72 -65.37
C PRO D 14 24.16 -20.86 -66.55
N GLY D 15 23.55 -19.72 -66.27
CA GLY D 15 23.08 -18.83 -67.32
C GLY D 15 21.71 -19.19 -67.88
N GLY D 16 21.23 -20.39 -67.56
CA GLY D 16 19.91 -20.83 -68.02
C GLY D 16 18.78 -20.26 -67.19
N SER D 17 17.55 -20.62 -67.56
CA SER D 17 16.36 -20.23 -66.81
C SER D 17 15.53 -21.45 -66.40
N LEU D 18 14.63 -21.26 -65.46
CA LEU D 18 13.89 -22.37 -64.87
C LEU D 18 12.59 -21.83 -64.33
N LYS D 19 11.55 -22.65 -64.41
CA LYS D 19 10.23 -22.22 -64.00
C LYS D 19 9.74 -23.11 -62.87
N LEU D 20 9.60 -22.57 -61.67
CA LEU D 20 9.02 -23.34 -60.57
C LEU D 20 7.55 -23.05 -60.47
N SER D 21 6.81 -24.05 -60.00
CA SER D 21 5.37 -23.90 -59.85
C SER D 21 4.93 -24.49 -58.54
N CYS D 22 3.80 -23.99 -58.03
CA CYS D 22 3.26 -24.45 -56.78
C CYS D 22 1.75 -24.53 -56.91
N ALA D 23 1.20 -25.72 -56.67
CA ALA D 23 -0.24 -25.90 -56.68
C ALA D 23 -0.77 -25.94 -55.25
N ALA D 24 -1.87 -25.24 -55.02
CA ALA D 24 -2.43 -25.08 -53.68
C ALA D 24 -3.83 -25.67 -53.57
N SER D 25 -4.19 -26.12 -52.37
CA SER D 25 -5.52 -26.66 -52.09
C SER D 25 -5.83 -26.59 -50.60
N GLY D 26 -7.11 -26.70 -50.24
CA GLY D 26 -7.52 -26.67 -48.83
C GLY D 26 -7.82 -25.29 -48.25
N PHE D 27 -7.60 -24.24 -49.05
CA PHE D 27 -8.03 -22.89 -48.71
C PHE D 27 -8.45 -22.10 -49.96
N ASP D 28 -9.04 -20.92 -49.75
CA ASP D 28 -9.50 -20.07 -50.85
C ASP D 28 -8.34 -19.30 -51.47
N PHE D 29 -7.59 -19.97 -52.32
CA PHE D 29 -6.39 -19.41 -52.96
C PHE D 29 -6.60 -18.02 -53.58
N ARG D 30 -7.76 -17.80 -54.20
CA ARG D 30 -8.13 -16.52 -54.82
C ARG D 30 -7.92 -15.33 -53.89
N ARG D 31 -8.11 -15.56 -52.59
CA ARG D 31 -8.15 -14.48 -51.60
C ARG D 31 -6.82 -14.13 -50.94
N TYR D 32 -5.78 -14.92 -51.17
CA TYR D 32 -4.53 -14.76 -50.43
C TYR D 32 -3.37 -14.21 -51.23
N TRP D 33 -2.60 -13.34 -50.57
CA TRP D 33 -1.28 -13.00 -51.05
C TRP D 33 -0.41 -14.25 -50.95
N MET D 34 0.50 -14.40 -51.90
CA MET D 34 1.45 -15.53 -51.92
C MET D 34 2.90 -15.07 -51.97
N THR D 35 3.79 -15.88 -51.41
CA THR D 35 5.20 -15.51 -51.27
C THR D 35 6.13 -16.62 -51.73
N TRP D 36 7.27 -16.25 -52.32
CA TRP D 36 8.39 -17.17 -52.52
C TRP D 36 9.54 -16.83 -51.57
N VAL D 37 10.07 -17.87 -50.91
CA VAL D 37 11.24 -17.75 -50.01
C VAL D 37 12.23 -18.84 -50.42
N ARG D 38 13.53 -18.56 -50.29
CA ARG D 38 14.55 -19.57 -50.58
C ARG D 38 15.60 -19.72 -49.48
N GLN D 39 16.25 -20.88 -49.47
CA GLN D 39 17.27 -21.21 -48.50
C GLN D 39 18.41 -22.04 -49.12
N ALA D 40 19.59 -21.41 -49.24
CA ALA D 40 20.81 -22.07 -49.72
C ALA D 40 21.34 -23.05 -48.67
N PRO D 41 22.05 -24.12 -49.11
CA PRO D 41 22.51 -25.15 -48.18
C PRO D 41 23.26 -24.57 -46.98
N GLY D 42 22.83 -24.94 -45.78
CA GLY D 42 23.51 -24.50 -44.56
C GLY D 42 23.32 -23.03 -44.22
N LYS D 43 22.52 -22.31 -44.99
CA LYS D 43 22.33 -20.87 -44.77
C LYS D 43 20.91 -20.48 -44.35
N GLY D 44 20.69 -19.19 -44.19
CA GLY D 44 19.41 -18.69 -43.69
C GLY D 44 18.31 -18.54 -44.74
N LEU D 45 17.18 -17.97 -44.31
CA LEU D 45 16.07 -17.74 -45.22
C LEU D 45 16.24 -16.43 -45.98
N GLU D 46 15.74 -16.40 -47.20
CA GLU D 46 15.80 -15.20 -48.01
C GLU D 46 14.48 -15.03 -48.78
N TRP D 47 13.83 -13.91 -48.52
CA TRP D 47 12.58 -13.54 -49.18
C TRP D 47 12.82 -13.14 -50.64
N ILE D 48 12.09 -13.75 -51.55
CA ILE D 48 12.21 -13.41 -52.96
C ILE D 48 11.21 -12.33 -53.36
N GLY D 49 9.93 -12.57 -53.10
CA GLY D 49 8.86 -11.61 -53.34
C GLY D 49 7.49 -12.12 -52.98
N GLU D 50 6.49 -11.28 -53.22
CA GLU D 50 5.10 -11.58 -52.94
C GLU D 50 4.20 -11.10 -54.09
N ILE D 51 3.02 -11.70 -54.21
CA ILE D 51 2.08 -11.32 -55.24
C ILE D 51 0.70 -11.24 -54.59
N ASN D 52 -0.05 -10.19 -54.92
CA ASN D 52 -1.39 -10.06 -54.41
C ASN D 52 -2.37 -10.92 -55.22
N PRO D 53 -3.61 -11.13 -54.70
CA PRO D 53 -4.62 -11.94 -55.41
C PRO D 53 -4.83 -11.60 -56.90
N ASP D 54 -4.85 -10.32 -57.26
CA ASP D 54 -5.16 -9.93 -58.65
C ASP D 54 -3.92 -9.64 -59.53
N SER D 55 -2.74 -9.96 -59.01
CA SER D 55 -1.47 -9.77 -59.73
C SER D 55 -1.09 -8.33 -60.08
N ARG D 56 -1.78 -7.37 -59.49
CA ARG D 56 -1.44 -5.97 -59.76
C ARG D 56 -0.36 -5.41 -58.81
N THR D 57 -0.09 -6.13 -57.71
CA THR D 57 0.96 -5.79 -56.78
C THR D 57 1.94 -6.95 -56.68
N ILE D 58 3.15 -6.75 -57.20
CA ILE D 58 4.21 -7.74 -57.10
C ILE D 58 5.46 -7.06 -56.50
N ASN D 59 5.88 -7.50 -55.32
CA ASN D 59 7.07 -6.97 -54.68
C ASN D 59 8.20 -7.97 -54.67
N TYR D 60 9.41 -7.47 -54.95
CA TYR D 60 10.60 -8.31 -55.05
C TYR D 60 11.66 -7.82 -54.11
N MET D 61 12.54 -8.72 -53.69
CA MET D 61 13.76 -8.31 -53.00
C MET D 61 14.55 -7.43 -53.96
N PRO D 62 14.92 -6.22 -53.50
CA PRO D 62 15.47 -5.16 -54.38
C PRO D 62 16.63 -5.63 -55.25
N SER D 63 17.47 -6.51 -54.73
CA SER D 63 18.56 -7.08 -55.53
C SER D 63 18.04 -7.99 -56.65
N LEU D 64 16.94 -8.69 -56.39
CA LEU D 64 16.38 -9.73 -57.27
C LEU D 64 15.31 -9.25 -58.28
N LYS D 65 15.08 -7.93 -58.36
CA LYS D 65 13.98 -7.35 -59.14
C LYS D 65 13.88 -7.84 -60.61
N ASP D 66 15.04 -8.01 -61.27
CA ASP D 66 15.14 -8.25 -62.73
C ASP D 66 15.64 -9.66 -63.09
N LYS D 67 15.50 -10.59 -62.15
CA LYS D 67 16.03 -11.95 -62.32
C LYS D 67 14.90 -12.92 -62.11
N PHE D 68 13.93 -12.51 -61.31
CA PHE D 68 12.81 -13.34 -60.93
C PHE D 68 11.51 -12.76 -61.44
N ILE D 69 10.61 -13.63 -61.87
CA ILE D 69 9.27 -13.19 -62.21
C ILE D 69 8.28 -14.08 -61.50
N ILE D 70 7.45 -13.44 -60.69
CA ILE D 70 6.39 -14.09 -59.97
C ILE D 70 5.06 -13.85 -60.69
N SER D 71 4.30 -14.92 -60.83
CA SER D 71 2.95 -14.83 -61.37
C SER D 71 2.09 -15.87 -60.67
N ARG D 72 0.80 -15.88 -61.01
CA ARG D 72 -0.16 -16.78 -60.42
C ARG D 72 -1.34 -16.98 -61.35
N ASP D 73 -2.04 -18.09 -61.19
CA ASP D 73 -3.20 -18.40 -61.97
C ASP D 73 -4.25 -18.88 -60.99
N ASN D 74 -5.16 -17.99 -60.64
CA ASN D 74 -6.18 -18.31 -59.66
C ASN D 74 -7.10 -19.46 -60.07
N ALA D 75 -7.35 -19.64 -61.37
CA ALA D 75 -8.23 -20.71 -61.85
C ALA D 75 -7.63 -22.08 -61.60
N LYS D 76 -6.31 -22.14 -61.50
CA LYS D 76 -5.60 -23.39 -61.27
C LYS D 76 -5.02 -23.45 -59.86
N ASN D 77 -5.44 -22.55 -58.97
CA ASN D 77 -4.89 -22.41 -57.62
C ASN D 77 -3.39 -22.58 -57.60
N SER D 78 -2.69 -21.88 -58.47
CA SER D 78 -1.26 -22.14 -58.63
C SER D 78 -0.43 -20.88 -58.67
N LEU D 79 0.80 -21.01 -58.22
CA LEU D 79 1.72 -19.89 -58.12
C LEU D 79 3.00 -20.26 -58.85
N TYR D 80 3.62 -19.26 -59.47
CA TYR D 80 4.76 -19.55 -60.34
C TYR D 80 5.96 -18.67 -60.02
N LEU D 81 7.15 -19.20 -60.32
CA LEU D 81 8.37 -18.45 -60.19
C LEU D 81 9.32 -18.75 -61.35
N GLN D 82 9.64 -17.72 -62.10
CA GLN D 82 10.50 -17.82 -63.25
C GLN D 82 11.88 -17.32 -62.83
N LEU D 83 12.87 -18.19 -62.90
CA LEU D 83 14.25 -17.82 -62.57
C LEU D 83 15.01 -17.71 -63.87
N SER D 84 15.75 -16.63 -64.04
CA SER D 84 16.59 -16.51 -65.24
C SER D 84 18.05 -16.14 -64.87
N ARG D 85 18.94 -16.21 -65.86
CA ARG D 85 20.36 -15.92 -65.66
C ARG D 85 20.90 -16.60 -64.41
N LEU D 86 20.67 -17.92 -64.33
CA LEU D 86 21.04 -18.70 -63.16
C LEU D 86 22.54 -18.80 -62.90
N ARG D 87 22.95 -18.52 -61.67
CA ARG D 87 24.32 -18.86 -61.25
C ARG D 87 24.29 -19.72 -59.97
N SER D 88 25.51 -20.12 -59.53
CA SER D 88 25.63 -21.02 -58.38
C SER D 88 24.99 -20.47 -57.12
N GLU D 89 24.92 -19.15 -57.00
CA GLU D 89 24.30 -18.51 -55.82
C GLU D 89 22.77 -18.73 -55.77
N ASP D 90 22.19 -19.12 -56.90
CA ASP D 90 20.77 -19.43 -56.92
C ASP D 90 20.46 -20.88 -56.54
N SER D 91 21.50 -21.68 -56.30
CA SER D 91 21.32 -23.04 -55.82
C SER D 91 20.69 -23.00 -54.42
N ALA D 92 19.46 -23.49 -54.30
CA ALA D 92 18.75 -23.45 -53.03
C ALA D 92 17.48 -24.30 -53.00
N LEU D 93 16.90 -24.42 -51.81
CA LEU D 93 15.51 -24.86 -51.67
C LEU D 93 14.60 -23.66 -51.87
N TYR D 94 13.56 -23.85 -52.66
CA TYR D 94 12.63 -22.78 -52.94
C TYR D 94 11.29 -23.12 -52.30
N TYR D 95 10.80 -22.22 -51.46
CA TYR D 95 9.58 -22.46 -50.74
C TYR D 95 8.43 -21.57 -51.21
N CYS D 96 7.29 -22.23 -51.38
CA CYS D 96 6.01 -21.64 -51.69
C CYS D 96 5.35 -21.30 -50.34
N VAL D 97 4.93 -20.05 -50.13
CA VAL D 97 4.47 -19.63 -48.80
C VAL D 97 3.20 -18.78 -48.82
N ARG D 98 2.20 -19.20 -48.05
CA ARG D 98 0.98 -18.39 -47.92
C ARG D 98 1.17 -17.22 -46.95
N LEU D 99 0.83 -16.02 -47.39
CA LEU D 99 0.91 -14.83 -46.54
C LEU D 99 -0.48 -14.49 -45.99
N ASP D 100 -0.61 -14.45 -44.68
CA ASP D 100 -1.88 -14.03 -44.09
C ASP D 100 -1.86 -12.54 -43.72
N PHE D 101 -2.79 -11.79 -44.32
CA PHE D 101 -2.83 -10.32 -44.32
C PHE D 101 -3.96 -9.88 -43.39
N ASP D 102 -3.76 -8.81 -42.62
CA ASP D 102 -4.80 -8.27 -41.74
C ASP D 102 -4.45 -6.82 -41.43
N VAL D 103 -4.90 -5.91 -42.29
CA VAL D 103 -4.57 -4.48 -42.12
C VAL D 103 -5.12 -3.87 -40.82
N TYR D 104 -6.30 -4.31 -40.38
CA TYR D 104 -6.87 -3.76 -39.14
C TYR D 104 -5.94 -3.96 -37.94
N ASN D 105 -5.42 -5.18 -37.78
CA ASN D 105 -4.52 -5.49 -36.65
C ASN D 105 -3.03 -5.29 -36.94
N HIS D 106 -2.71 -4.79 -38.14
CA HIS D 106 -1.32 -4.61 -38.62
C HIS D 106 -0.58 -5.93 -38.43
N TYR D 107 -1.07 -6.97 -39.09
CA TYR D 107 -0.63 -8.33 -38.84
C TYR D 107 -0.42 -9.04 -40.19
N TYR D 108 0.83 -9.40 -40.49
CA TYR D 108 1.17 -10.08 -41.72
C TYR D 108 2.10 -11.24 -41.34
N VAL D 109 1.63 -12.48 -41.49
CA VAL D 109 2.40 -13.66 -41.06
C VAL D 109 2.63 -14.62 -42.21
N LEU D 110 3.80 -15.22 -42.26
CA LEU D 110 4.04 -16.30 -43.24
C LEU D 110 3.67 -17.62 -42.59
N ASP D 111 2.45 -18.09 -42.82
CA ASP D 111 1.88 -19.14 -41.97
C ASP D 111 1.92 -20.56 -42.52
N TYR D 112 1.65 -20.74 -43.80
CA TYR D 112 1.78 -22.08 -44.38
C TYR D 112 2.86 -22.15 -45.44
N TRP D 113 3.77 -23.10 -45.26
CA TRP D 113 4.92 -23.26 -46.11
C TRP D 113 4.88 -24.61 -46.81
N GLY D 114 5.27 -24.62 -48.09
CA GLY D 114 5.50 -25.87 -48.81
C GLY D 114 6.79 -26.51 -48.35
N GLN D 115 6.94 -27.79 -48.68
CA GLN D 115 8.17 -28.54 -48.35
C GLN D 115 9.41 -28.07 -49.11
N GLY D 116 9.21 -27.46 -50.28
CA GLY D 116 10.31 -26.92 -51.08
C GLY D 116 10.63 -27.77 -52.29
N THR D 117 11.17 -27.07 -53.33
CA THR D 117 11.75 -27.77 -54.47
C THR D 117 13.22 -27.32 -54.57
N SER D 118 14.10 -28.29 -54.88
CA SER D 118 15.53 -28.07 -54.85
C SER D 118 16.05 -27.67 -56.21
N VAL D 119 16.81 -26.58 -56.27
CA VAL D 119 17.42 -26.12 -57.50
C VAL D 119 18.92 -26.13 -57.28
N THR D 120 19.62 -26.84 -58.15
CA THR D 120 21.07 -26.83 -58.17
C THR D 120 21.56 -26.30 -59.51
N VAL D 121 22.34 -25.21 -59.47
CA VAL D 121 22.96 -24.59 -60.65
C VAL D 121 24.41 -25.07 -60.82
N SER D 122 24.64 -25.82 -61.89
CA SER D 122 25.91 -26.49 -62.12
C SER D 122 25.98 -27.03 -63.55
N SER D 123 27.18 -27.11 -64.09
CA SER D 123 27.32 -27.67 -65.43
C SER D 123 27.70 -29.14 -65.34
N ALA D 124 27.77 -29.64 -64.12
CA ALA D 124 28.06 -31.05 -63.91
C ALA D 124 26.82 -31.89 -64.20
N SER D 125 27.02 -33.14 -64.58
CA SER D 125 25.92 -34.01 -64.91
C SER D 125 25.39 -34.76 -63.70
N THR D 126 24.17 -35.25 -63.84
CA THR D 126 23.54 -36.09 -62.85
C THR D 126 24.25 -37.43 -62.66
N LYS D 127 24.34 -37.87 -61.42
CA LYS D 127 24.85 -39.20 -61.10
C LYS D 127 24.04 -39.80 -59.96
N GLY D 128 23.50 -41.00 -60.20
CA GLY D 128 22.74 -41.76 -59.22
C GLY D 128 23.66 -42.40 -58.17
N PRO D 129 23.13 -42.60 -56.95
CA PRO D 129 23.97 -43.14 -55.88
C PRO D 129 24.17 -44.64 -55.97
N SER D 130 25.25 -45.16 -55.39
CA SER D 130 25.34 -46.56 -55.06
C SER D 130 24.84 -46.70 -53.64
N VAL D 131 24.13 -47.78 -53.34
CA VAL D 131 23.62 -48.02 -51.99
C VAL D 131 24.27 -49.25 -51.38
N PHE D 132 24.95 -49.06 -50.26
CA PHE D 132 25.74 -50.13 -49.63
C PHE D 132 25.23 -50.45 -48.24
N PRO D 133 25.12 -51.73 -47.90
CA PRO D 133 24.66 -52.03 -46.54
C PRO D 133 25.70 -51.69 -45.49
N LEU D 134 25.24 -51.23 -44.33
CA LEU D 134 26.07 -51.18 -43.13
C LEU D 134 25.54 -52.27 -42.19
N ALA D 135 26.18 -53.44 -42.25
CA ALA D 135 25.64 -54.65 -41.62
C ALA D 135 25.81 -54.63 -40.11
N PRO D 136 24.74 -55.03 -39.37
CA PRO D 136 24.85 -55.25 -37.93
C PRO D 136 25.53 -56.56 -37.60
N SER D 137 26.01 -56.66 -36.37
CA SER D 137 26.54 -57.91 -35.81
C SER D 137 25.97 -58.10 -34.41
N SER D 138 25.63 -59.35 -34.06
CA SER D 138 25.20 -59.75 -32.70
C SER D 138 26.31 -59.48 -31.70
N LYS D 139 27.55 -59.47 -32.22
CA LYS D 139 28.73 -59.30 -31.38
C LYS D 139 29.19 -57.86 -31.27
N SER D 140 28.56 -56.96 -32.02
CA SER D 140 28.95 -55.53 -32.07
C SER D 140 27.86 -54.61 -31.47
N THR D 141 27.36 -54.97 -30.30
CA THR D 141 26.28 -54.23 -29.64
C THR D 141 26.80 -53.23 -28.59
N SER D 142 26.35 -51.98 -28.70
CA SER D 142 26.71 -50.92 -27.75
C SER D 142 25.44 -50.35 -27.07
N GLY D 143 25.48 -50.22 -25.74
CA GLY D 143 24.36 -49.64 -24.96
C GLY D 143 23.00 -50.31 -25.13
N GLY D 144 23.01 -51.65 -25.24
CA GLY D 144 21.78 -52.45 -25.37
C GLY D 144 21.20 -52.48 -26.79
N THR D 145 21.87 -51.82 -27.71
CA THR D 145 21.35 -51.73 -29.06
C THR D 145 22.26 -52.39 -30.09
N ALA D 146 21.66 -52.77 -31.21
CA ALA D 146 22.38 -53.11 -32.41
C ALA D 146 22.12 -52.00 -33.41
N ALA D 147 23.11 -51.70 -34.24
CA ALA D 147 22.96 -50.66 -35.24
C ALA D 147 23.17 -51.22 -36.64
N LEU D 148 22.40 -50.70 -37.60
CA LEU D 148 22.52 -51.09 -38.99
C LEU D 148 22.16 -49.89 -39.85
N GLY D 149 22.54 -49.94 -41.12
CA GLY D 149 22.19 -48.84 -41.98
C GLY D 149 22.55 -49.02 -43.43
N CYS D 150 22.52 -47.90 -44.12
CA CYS D 150 22.79 -47.81 -45.53
C CYS D 150 23.73 -46.67 -45.80
N LEU D 151 24.72 -46.94 -46.65
CA LEU D 151 25.58 -45.87 -47.13
C LEU D 151 25.10 -45.46 -48.53
N VAL D 152 24.64 -44.24 -48.65
CA VAL D 152 24.19 -43.75 -49.93
C VAL D 152 25.32 -42.88 -50.50
N LYS D 153 26.01 -43.43 -51.49
CA LYS D 153 27.26 -42.85 -51.87
C LYS D 153 27.37 -42.46 -53.35
N ASP D 154 28.01 -41.30 -53.54
CA ASP D 154 28.45 -40.77 -54.84
C ASP D 154 27.30 -40.35 -55.76
N TYR D 155 26.51 -39.37 -55.34
CA TYR D 155 25.40 -38.88 -56.15
C TYR D 155 25.48 -37.37 -56.33
N PHE D 156 24.78 -36.87 -57.35
CA PHE D 156 24.71 -35.46 -57.66
C PHE D 156 23.51 -35.25 -58.53
N PRO D 157 22.72 -34.19 -58.27
CA PRO D 157 22.79 -33.29 -57.11
C PRO D 157 21.93 -33.78 -55.96
N GLU D 158 21.84 -32.98 -54.91
CA GLU D 158 20.90 -33.19 -53.83
C GLU D 158 19.48 -33.01 -54.41
N PRO D 159 18.46 -33.58 -53.73
CA PRO D 159 18.57 -34.39 -52.55
C PRO D 159 18.31 -35.86 -52.87
N VAL D 160 18.35 -36.68 -51.82
CA VAL D 160 18.05 -38.09 -51.85
C VAL D 160 17.00 -38.30 -50.74
N THR D 161 16.04 -39.18 -50.94
CA THR D 161 15.12 -39.48 -49.86
C THR D 161 15.38 -40.91 -49.42
N VAL D 162 15.33 -41.12 -48.12
CA VAL D 162 15.62 -42.42 -47.56
C VAL D 162 14.53 -42.75 -46.57
N SER D 163 14.02 -43.97 -46.62
CA SER D 163 13.18 -44.43 -45.53
C SER D 163 13.43 -45.92 -45.30
N TRP D 164 12.84 -46.45 -44.24
CA TRP D 164 13.07 -47.83 -43.84
C TRP D 164 11.79 -48.65 -43.88
N ASN D 165 11.84 -49.79 -44.57
CA ASN D 165 10.70 -50.69 -44.66
C ASN D 165 9.47 -49.97 -45.20
N SER D 166 9.69 -49.19 -46.26
CA SER D 166 8.62 -48.48 -46.94
C SER D 166 7.94 -47.46 -46.03
N GLY D 167 8.69 -46.92 -45.08
CA GLY D 167 8.16 -45.93 -44.17
C GLY D 167 7.52 -46.53 -42.94
N ALA D 168 7.42 -47.85 -42.91
CA ALA D 168 6.82 -48.56 -41.76
C ALA D 168 7.72 -48.49 -40.52
N LEU D 169 9.03 -48.34 -40.73
CA LEU D 169 9.97 -48.24 -39.63
C LEU D 169 10.54 -46.81 -39.48
N THR D 170 10.21 -46.16 -38.37
CA THR D 170 10.69 -44.79 -38.11
C THR D 170 11.39 -44.61 -36.77
N SER D 171 10.93 -45.32 -35.75
CA SER D 171 11.54 -45.24 -34.43
C SER D 171 12.97 -45.78 -34.50
N GLY D 172 13.92 -45.00 -33.99
CA GLY D 172 15.31 -45.38 -33.97
C GLY D 172 16.11 -44.98 -35.20
N VAL D 173 15.46 -44.31 -36.15
CA VAL D 173 16.08 -43.95 -37.41
C VAL D 173 16.77 -42.59 -37.34
N HIS D 174 18.00 -42.52 -37.83
CA HIS D 174 18.67 -41.25 -38.05
C HIS D 174 19.23 -41.22 -39.45
N THR D 175 18.73 -40.29 -40.24
CA THR D 175 19.29 -40.00 -41.53
C THR D 175 20.17 -38.75 -41.42
N PHE D 176 21.44 -38.89 -41.75
CA PHE D 176 22.38 -37.81 -41.52
C PHE D 176 22.43 -36.80 -42.65
N PRO D 177 22.76 -35.54 -42.33
CA PRO D 177 23.03 -34.59 -43.42
C PRO D 177 24.08 -35.12 -44.41
N ALA D 178 23.88 -34.83 -45.68
CA ALA D 178 24.81 -35.25 -46.71
C ALA D 178 26.11 -34.49 -46.60
N VAL D 179 27.18 -35.10 -47.05
CA VAL D 179 28.45 -34.40 -47.08
C VAL D 179 28.93 -34.34 -48.53
N LEU D 180 29.64 -33.26 -48.86
CA LEU D 180 30.16 -33.04 -50.19
C LEU D 180 31.60 -33.53 -50.24
N GLN D 181 31.84 -34.58 -51.00
CA GLN D 181 33.19 -35.12 -51.10
C GLN D 181 34.05 -34.25 -51.99
N SER D 182 35.37 -34.44 -51.94
CA SER D 182 36.25 -33.61 -52.74
C SER D 182 36.12 -33.95 -54.23
N SER D 183 35.48 -35.09 -54.53
CA SER D 183 35.14 -35.47 -55.91
C SER D 183 34.00 -34.66 -56.50
N GLY D 184 33.40 -33.77 -55.71
CA GLY D 184 32.20 -33.04 -56.15
C GLY D 184 30.90 -33.83 -56.02
N LEU D 185 30.98 -35.04 -55.47
CA LEU D 185 29.81 -35.88 -55.26
C LEU D 185 29.37 -35.95 -53.78
N TYR D 186 28.09 -36.17 -53.56
CA TYR D 186 27.55 -36.21 -52.21
C TYR D 186 27.53 -37.61 -51.68
N SER D 187 27.51 -37.70 -50.36
CA SER D 187 27.39 -38.99 -49.70
C SER D 187 26.63 -38.80 -48.39
N LEU D 188 25.72 -39.71 -48.09
CA LEU D 188 25.08 -39.72 -46.78
C LEU D 188 24.86 -41.11 -46.22
N SER D 189 24.63 -41.16 -44.91
CA SER D 189 24.33 -42.39 -44.26
C SER D 189 23.00 -42.32 -43.55
N SER D 190 22.35 -43.47 -43.44
CA SER D 190 21.13 -43.57 -42.69
C SER D 190 21.22 -44.80 -41.80
N VAL D 191 20.88 -44.65 -40.52
CA VAL D 191 21.02 -45.78 -39.62
C VAL D 191 19.76 -46.00 -38.83
N VAL D 192 19.68 -47.21 -38.28
CA VAL D 192 18.59 -47.60 -37.40
C VAL D 192 19.19 -48.35 -36.24
N THR D 193 18.83 -47.97 -35.02
CA THR D 193 19.22 -48.74 -33.86
C THR D 193 18.02 -49.49 -33.31
N VAL D 194 18.22 -50.77 -33.01
CA VAL D 194 17.19 -51.62 -32.48
C VAL D 194 17.74 -52.33 -31.26
N PRO D 195 16.85 -52.74 -30.33
CA PRO D 195 17.20 -53.57 -29.17
C PRO D 195 17.91 -54.84 -29.63
N SER D 196 19.08 -55.13 -29.06
CA SER D 196 19.95 -56.24 -29.53
C SER D 196 19.18 -57.52 -29.81
N SER D 197 18.36 -57.94 -28.85
CA SER D 197 17.64 -59.22 -28.95
C SER D 197 16.54 -59.25 -30.01
N SER D 198 16.27 -58.13 -30.65
CA SER D 198 15.23 -58.10 -31.66
C SER D 198 15.83 -58.27 -33.04
N LEU D 199 17.16 -58.43 -33.08
CA LEU D 199 17.92 -58.39 -34.35
C LEU D 199 17.37 -59.33 -35.42
N GLY D 200 17.28 -60.61 -35.13
CA GLY D 200 16.75 -61.53 -36.12
C GLY D 200 15.23 -61.56 -36.23
N THR D 201 14.53 -60.57 -35.67
CA THR D 201 13.07 -60.67 -35.57
C THR D 201 12.39 -59.98 -36.75
N GLN D 202 13.17 -59.17 -37.45
CA GLN D 202 12.66 -58.28 -38.46
C GLN D 202 13.57 -58.21 -39.67
N THR D 203 12.98 -57.92 -40.82
CA THR D 203 13.72 -57.58 -42.02
C THR D 203 13.91 -56.07 -42.06
N TYR D 204 15.05 -55.65 -42.58
CA TYR D 204 15.40 -54.25 -42.64
C TYR D 204 15.77 -53.88 -44.06
N ILE D 205 14.93 -53.05 -44.68
CA ILE D 205 15.17 -52.59 -46.04
C ILE D 205 15.27 -51.09 -46.05
N CYS D 206 16.32 -50.54 -46.63
CA CYS D 206 16.35 -49.09 -46.79
C CYS D 206 15.96 -48.75 -48.21
N ASN D 207 15.02 -47.81 -48.32
CA ASN D 207 14.44 -47.40 -49.59
C ASN D 207 15.04 -46.06 -49.97
N VAL D 208 15.77 -46.04 -51.08
CA VAL D 208 16.51 -44.85 -51.44
C VAL D 208 15.99 -44.34 -52.77
N ASN D 209 15.59 -43.07 -52.82
CA ASN D 209 15.17 -42.49 -54.09
C ASN D 209 15.95 -41.24 -54.43
N HIS D 210 16.45 -41.18 -55.66
CA HIS D 210 17.13 -39.98 -56.15
C HIS D 210 16.40 -39.51 -57.42
N LYS D 211 15.47 -38.57 -57.27
CA LYS D 211 14.64 -38.05 -58.37
C LYS D 211 15.44 -37.67 -59.62
N PRO D 212 16.50 -36.84 -59.47
CA PRO D 212 17.18 -36.30 -60.66
C PRO D 212 17.80 -37.33 -61.59
N SER D 213 18.17 -38.50 -61.08
CA SER D 213 18.66 -39.56 -61.96
C SER D 213 17.68 -40.71 -62.10
N ASN D 214 16.47 -40.55 -61.56
CA ASN D 214 15.45 -41.61 -61.64
C ASN D 214 15.88 -42.93 -60.97
N THR D 215 16.68 -42.84 -59.91
CA THR D 215 17.16 -44.03 -59.21
C THR D 215 16.29 -44.37 -58.01
N LYS D 216 15.71 -45.55 -58.04
CA LYS D 216 15.05 -46.13 -56.89
C LYS D 216 15.76 -47.41 -56.51
N VAL D 217 16.23 -47.51 -55.28
CA VAL D 217 16.90 -48.72 -54.81
C VAL D 217 16.28 -49.18 -53.50
N ASP D 218 16.00 -50.48 -53.44
CA ASP D 218 15.65 -51.11 -52.19
C ASP D 218 16.69 -52.10 -51.75
N LYS D 219 17.40 -51.79 -50.65
CA LYS D 219 18.48 -52.63 -50.18
C LYS D 219 18.15 -53.33 -48.87
N LYS D 220 18.17 -54.66 -48.91
CA LYS D 220 18.02 -55.45 -47.71
C LYS D 220 19.34 -55.43 -46.92
N VAL D 221 19.25 -55.08 -45.63
CA VAL D 221 20.43 -55.08 -44.78
C VAL D 221 20.37 -56.26 -43.83
N GLU D 222 21.28 -57.20 -44.03
CA GLU D 222 21.24 -58.42 -43.29
C GLU D 222 22.30 -58.51 -42.23
N PRO D 223 21.95 -59.15 -41.09
CA PRO D 223 22.91 -59.44 -40.04
C PRO D 223 24.08 -60.24 -40.56
N LYS D 224 25.24 -59.97 -39.94
CA LYS D 224 26.57 -60.50 -40.25
C LYS D 224 27.23 -59.62 -41.29
N GLU E 1 -40.44 -22.53 -8.37
CA GLU E 1 -39.48 -23.40 -7.58
C GLU E 1 -38.51 -24.15 -8.50
N LEU E 2 -37.76 -23.40 -9.31
CA LEU E 2 -36.47 -23.90 -9.78
C LEU E 2 -35.51 -23.84 -8.58
N VAL E 3 -34.88 -24.97 -8.26
CA VAL E 3 -33.86 -25.02 -7.20
C VAL E 3 -32.51 -25.33 -7.81
N VAL E 4 -31.52 -24.58 -7.39
CA VAL E 4 -30.16 -24.73 -7.85
C VAL E 4 -29.34 -25.29 -6.69
N THR E 5 -28.69 -26.45 -6.90
CA THR E 5 -27.93 -27.12 -5.86
C THR E 5 -26.42 -27.17 -6.16
N GLN E 6 -25.62 -26.93 -5.12
CA GLN E 6 -24.15 -26.96 -5.20
C GLN E 6 -23.66 -27.87 -4.08
N GLU E 7 -22.45 -28.41 -4.22
CA GLU E 7 -21.83 -29.10 -3.09
C GLU E 7 -21.69 -28.08 -1.97
N SER E 8 -21.89 -28.55 -0.76
CA SER E 8 -21.83 -27.72 0.40
C SER E 8 -20.37 -27.26 0.73
N ALA E 9 -19.41 -28.21 0.70
CA ALA E 9 -18.02 -27.96 1.06
C ALA E 9 -17.05 -28.87 0.31
N LEU E 10 -15.90 -28.34 -0.05
CA LEU E 10 -14.86 -29.12 -0.69
C LEU E 10 -13.50 -28.76 -0.15
N THR E 11 -12.61 -29.75 -0.13
CA THR E 11 -11.22 -29.52 0.28
C THR E 11 -10.25 -29.94 -0.82
N THR E 12 -9.28 -29.09 -1.10
CA THR E 12 -8.23 -29.40 -2.03
C THR E 12 -6.87 -28.91 -1.51
N SER E 13 -5.79 -29.40 -2.08
CA SER E 13 -4.45 -28.92 -1.75
C SER E 13 -3.97 -27.86 -2.74
N PRO E 14 -3.01 -27.00 -2.33
CA PRO E 14 -2.44 -26.08 -3.32
C PRO E 14 -1.85 -26.81 -4.52
N GLY E 15 -2.10 -26.29 -5.72
CA GLY E 15 -1.57 -26.88 -6.94
C GLY E 15 -2.47 -27.90 -7.60
N GLU E 16 -3.48 -28.36 -6.90
CA GLU E 16 -4.41 -29.37 -7.40
C GLU E 16 -5.59 -28.77 -8.17
N THR E 17 -6.28 -29.61 -8.93
CA THR E 17 -7.44 -29.20 -9.66
C THR E 17 -8.66 -29.54 -8.84
N VAL E 18 -9.61 -28.61 -8.77
CA VAL E 18 -10.86 -28.87 -8.09
C VAL E 18 -11.98 -28.39 -8.99
N THR E 19 -13.10 -29.12 -8.91
CA THR E 19 -14.24 -28.85 -9.77
C THR E 19 -15.48 -28.74 -8.93
N LEU E 20 -16.18 -27.63 -9.09
CA LEU E 20 -17.38 -27.32 -8.33
C LEU E 20 -18.54 -27.42 -9.31
N THR E 21 -19.62 -28.07 -8.92
CA THR E 21 -20.74 -28.23 -9.88
C THR E 21 -22.01 -27.53 -9.42
N CYS E 22 -22.92 -27.37 -10.36
CA CYS E 22 -24.12 -26.65 -10.14
C CYS E 22 -25.22 -27.36 -10.90
N ARG E 23 -26.22 -27.90 -10.18
CA ARG E 23 -27.31 -28.62 -10.84
C ARG E 23 -28.71 -28.01 -10.64
N SER E 24 -29.60 -28.29 -11.58
CA SER E 24 -30.94 -27.72 -11.63
C SER E 24 -31.94 -28.81 -11.37
N SER E 25 -32.92 -28.59 -10.51
CA SER E 25 -33.94 -29.65 -10.24
C SER E 25 -34.93 -29.81 -11.38
N SER E 26 -34.93 -28.85 -12.32
CA SER E 26 -35.89 -28.79 -13.41
C SER E 26 -35.47 -29.51 -14.67
N GLY E 27 -34.17 -29.73 -14.81
CA GLY E 27 -33.67 -30.40 -15.99
C GLY E 27 -32.17 -30.21 -16.08
N ALA E 28 -31.61 -30.52 -17.23
CA ALA E 28 -30.18 -30.34 -17.44
C ALA E 28 -29.87 -28.85 -17.53
N VAL E 29 -28.71 -28.47 -17.01
CA VAL E 29 -28.24 -27.12 -17.16
C VAL E 29 -27.74 -26.97 -18.58
N THR E 30 -28.27 -26.01 -19.32
CA THR E 30 -27.88 -25.81 -20.71
C THR E 30 -27.27 -24.41 -20.90
N THR E 31 -26.71 -24.18 -22.09
CA THR E 31 -26.17 -22.87 -22.46
C THR E 31 -27.22 -21.81 -22.21
N SER E 32 -28.49 -22.17 -22.35
CA SER E 32 -29.59 -21.22 -22.23
C SER E 32 -29.81 -20.74 -20.81
N ASN E 33 -29.14 -21.37 -19.85
CA ASN E 33 -29.23 -20.92 -18.48
C ASN E 33 -28.16 -19.88 -18.16
N TYR E 34 -27.24 -19.64 -19.09
CA TYR E 34 -26.19 -18.62 -18.93
C TYR E 34 -25.54 -18.64 -17.53
N ALA E 35 -25.14 -19.83 -17.08
CA ALA E 35 -24.57 -19.99 -15.75
C ALA E 35 -23.50 -18.94 -15.44
N THR E 36 -23.57 -18.36 -14.25
CA THR E 36 -22.58 -17.40 -13.83
C THR E 36 -22.04 -17.81 -12.47
N TRP E 37 -20.78 -17.51 -12.20
CA TRP E 37 -20.17 -17.87 -10.91
C TRP E 37 -19.64 -16.66 -10.21
N VAL E 38 -19.86 -16.59 -8.90
CA VAL E 38 -19.45 -15.44 -8.08
C VAL E 38 -18.64 -15.97 -6.91
N GLN E 39 -17.50 -15.34 -6.67
CA GLN E 39 -16.69 -15.68 -5.50
C GLN E 39 -16.93 -14.70 -4.35
N GLU E 40 -17.16 -15.24 -3.15
CA GLU E 40 -17.26 -14.45 -1.95
C GLU E 40 -16.11 -14.69 -0.98
N LYS E 41 -15.31 -13.66 -0.76
CA LYS E 41 -14.20 -13.71 0.19
C LYS E 41 -14.61 -12.95 1.45
N PRO E 42 -13.97 -13.27 2.60
CA PRO E 42 -14.24 -12.64 3.90
C PRO E 42 -14.40 -11.14 3.81
N ASP E 43 -15.32 -10.59 4.59
CA ASP E 43 -15.66 -9.16 4.53
C ASP E 43 -16.59 -8.87 3.36
N HIS E 44 -17.36 -9.88 2.94
CA HIS E 44 -18.35 -9.67 1.89
C HIS E 44 -17.72 -8.98 0.65
N LEU E 45 -16.61 -9.56 0.19
CA LEU E 45 -15.97 -9.13 -1.03
C LEU E 45 -16.31 -10.12 -2.16
N PHE E 46 -17.03 -9.58 -3.15
CA PHE E 46 -17.56 -10.35 -4.26
C PHE E 46 -16.77 -10.16 -5.58
N THR E 47 -16.64 -11.23 -6.34
CA THR E 47 -16.00 -11.19 -7.64
C THR E 47 -16.78 -12.10 -8.59
N GLY E 48 -17.23 -11.52 -9.70
CA GLY E 48 -17.85 -12.27 -10.78
C GLY E 48 -16.73 -12.95 -11.52
N LEU E 49 -16.82 -14.27 -11.65
CA LEU E 49 -15.74 -15.05 -12.21
C LEU E 49 -15.98 -15.45 -13.66
N ILE E 50 -17.20 -15.96 -13.89
CA ILE E 50 -17.58 -16.60 -15.13
C ILE E 50 -18.99 -16.14 -15.50
N GLY E 51 -19.19 -15.86 -16.78
CA GLY E 51 -20.52 -15.62 -17.29
C GLY E 51 -20.77 -16.46 -18.51
N GLY E 52 -22.03 -16.62 -18.85
CA GLY E 52 -22.44 -17.39 -20.01
C GLY E 52 -21.77 -18.76 -20.06
N THR E 53 -21.77 -19.45 -18.92
CA THR E 53 -21.26 -20.82 -18.81
C THR E 53 -19.74 -20.94 -18.79
N ASN E 54 -19.05 -20.35 -19.74
CA ASN E 54 -17.65 -20.66 -19.94
C ASN E 54 -16.77 -19.47 -20.36
N LYS E 55 -17.26 -18.25 -20.15
CA LYS E 55 -16.47 -17.07 -20.45
C LYS E 55 -15.94 -16.47 -19.15
N ARG E 56 -14.64 -16.38 -19.05
CA ARG E 56 -14.01 -15.80 -17.87
C ARG E 56 -14.04 -14.27 -17.93
N ALA E 57 -14.38 -13.64 -16.82
CA ALA E 57 -14.54 -12.19 -16.75
C ALA E 57 -13.17 -11.49 -16.76
N PRO E 58 -13.10 -10.27 -17.31
CA PRO E 58 -11.84 -9.51 -17.29
C PRO E 58 -11.22 -9.43 -15.89
N GLY E 59 -9.91 -9.55 -15.82
CA GLY E 59 -9.19 -9.46 -14.56
C GLY E 59 -9.02 -10.80 -13.86
N VAL E 60 -9.98 -11.68 -14.05
CA VAL E 60 -10.02 -12.96 -13.36
C VAL E 60 -8.82 -13.86 -13.81
N PRO E 61 -8.09 -14.43 -12.84
CA PRO E 61 -6.98 -15.34 -13.14
C PRO E 61 -7.36 -16.47 -14.09
N ALA E 62 -6.42 -16.82 -14.97
CA ALA E 62 -6.65 -17.85 -15.99
C ALA E 62 -6.93 -19.25 -15.41
N ARG E 63 -6.58 -19.47 -14.14
CA ARG E 63 -6.80 -20.78 -13.52
C ARG E 63 -8.29 -21.13 -13.28
N PHE E 64 -9.20 -20.16 -13.40
CA PHE E 64 -10.66 -20.41 -13.36
C PHE E 64 -11.21 -20.60 -14.75
N SER E 65 -12.09 -21.59 -14.91
CA SER E 65 -12.82 -21.74 -16.14
C SER E 65 -14.14 -22.41 -15.84
N GLY E 66 -15.06 -22.29 -16.79
CA GLY E 66 -16.40 -22.82 -16.63
C GLY E 66 -16.71 -23.73 -17.80
N SER E 67 -17.62 -24.66 -17.58
CA SER E 67 -18.01 -25.57 -18.63
C SER E 67 -19.25 -26.32 -18.15
N LEU E 68 -19.73 -27.25 -18.98
CA LEU E 68 -20.78 -28.18 -18.58
C LEU E 68 -20.17 -29.56 -18.37
N ILE E 69 -20.61 -30.26 -17.34
CA ILE E 69 -20.25 -31.67 -17.14
C ILE E 69 -21.56 -32.39 -16.94
N GLY E 70 -21.87 -33.34 -17.81
CA GLY E 70 -23.17 -34.02 -17.81
C GLY E 70 -24.31 -33.01 -17.76
N ASP E 71 -25.19 -33.15 -16.78
CA ASP E 71 -26.36 -32.29 -16.64
C ASP E 71 -26.05 -30.99 -15.87
N ARG E 72 -24.78 -30.77 -15.51
CA ARG E 72 -24.45 -29.64 -14.63
C ARG E 72 -23.53 -28.59 -15.22
N ALA E 73 -23.57 -27.38 -14.66
CA ALA E 73 -22.53 -26.38 -14.93
C ALA E 73 -21.38 -26.62 -13.98
N ALA E 74 -20.17 -26.36 -14.42
CA ALA E 74 -19.00 -26.59 -13.59
C ALA E 74 -18.04 -25.43 -13.57
N LEU E 75 -17.47 -25.17 -12.40
CA LEU E 75 -16.36 -24.24 -12.26
C LEU E 75 -15.13 -25.06 -11.90
N THR E 76 -14.09 -24.93 -12.72
CA THR E 76 -12.84 -25.63 -12.51
C THR E 76 -11.76 -24.67 -12.07
N ILE E 77 -11.08 -25.03 -10.99
CA ILE E 77 -9.87 -24.33 -10.60
C ILE E 77 -8.67 -25.27 -10.81
N THR E 78 -7.81 -24.88 -11.74
CA THR E 78 -6.60 -25.67 -12.02
C THR E 78 -5.44 -25.03 -11.28
N GLY E 79 -4.81 -25.79 -10.38
CA GLY E 79 -3.71 -25.27 -9.57
C GLY E 79 -4.21 -24.31 -8.50
N ALA E 80 -5.08 -24.80 -7.63
CA ALA E 80 -5.62 -23.98 -6.57
C ALA E 80 -4.53 -23.32 -5.73
N GLN E 81 -4.79 -22.09 -5.35
CA GLN E 81 -3.88 -21.35 -4.49
C GLN E 81 -4.55 -21.10 -3.14
N THR E 82 -3.78 -20.71 -2.15
CA THR E 82 -4.32 -20.47 -0.82
C THR E 82 -5.37 -19.37 -0.85
N GLU E 83 -5.18 -18.37 -1.71
CA GLU E 83 -6.14 -17.26 -1.82
C GLU E 83 -7.48 -17.67 -2.47
N ASP E 84 -7.54 -18.87 -3.05
CA ASP E 84 -8.79 -19.36 -3.59
C ASP E 84 -9.78 -19.85 -2.53
N GLU E 85 -9.39 -19.78 -1.26
CA GLU E 85 -10.26 -20.13 -0.13
C GLU E 85 -11.39 -19.14 -0.11
N ALA E 86 -12.63 -19.62 -0.23
CA ALA E 86 -13.79 -18.74 -0.41
C ALA E 86 -15.10 -19.51 -0.45
N ILE E 87 -16.20 -18.78 -0.56
CA ILE E 87 -17.47 -19.37 -0.93
C ILE E 87 -17.76 -19.06 -2.39
N TYR E 88 -18.09 -20.10 -3.14
CA TYR E 88 -18.42 -20.00 -4.56
C TYR E 88 -19.92 -20.22 -4.84
N PHE E 89 -20.54 -19.19 -5.39
CA PHE E 89 -21.94 -19.26 -5.72
C PHE E 89 -22.10 -19.40 -7.20
N CYS E 90 -22.93 -20.38 -7.55
CA CYS E 90 -23.44 -20.60 -8.87
C CYS E 90 -24.73 -19.80 -9.00
N ALA E 91 -25.06 -19.33 -10.19
CA ALA E 91 -26.42 -18.83 -10.45
C ALA E 91 -26.89 -19.13 -11.88
N LEU E 92 -28.17 -19.51 -11.99
CA LEU E 92 -28.80 -19.83 -13.27
C LEU E 92 -29.94 -18.88 -13.64
N TRP E 93 -30.02 -18.53 -14.92
CA TRP E 93 -31.15 -17.77 -15.48
C TRP E 93 -32.25 -18.72 -15.92
N ASN E 94 -33.44 -18.49 -15.40
CA ASN E 94 -34.63 -19.26 -15.71
C ASN E 94 -35.76 -18.27 -16.02
N SER E 95 -35.87 -17.92 -17.30
CA SER E 95 -36.83 -16.91 -17.77
C SER E 95 -36.40 -15.52 -17.31
N ASN E 96 -37.31 -14.84 -16.63
CA ASN E 96 -37.04 -13.48 -16.22
C ASN E 96 -36.55 -13.42 -14.78
N HIS E 97 -35.75 -14.40 -14.38
CA HIS E 97 -35.06 -14.26 -13.11
C HIS E 97 -33.84 -15.11 -12.90
N LEU E 98 -32.95 -14.59 -12.07
CA LEU E 98 -31.74 -15.26 -11.67
C LEU E 98 -31.96 -16.02 -10.37
N VAL E 99 -31.45 -17.23 -10.30
CA VAL E 99 -31.55 -18.05 -9.10
C VAL E 99 -30.17 -18.53 -8.65
N PHE E 100 -29.77 -18.11 -7.44
CA PHE E 100 -28.48 -18.53 -6.85
C PHE E 100 -28.55 -19.95 -6.27
N GLY E 101 -27.44 -20.67 -6.38
CA GLY E 101 -27.25 -21.90 -5.60
C GLY E 101 -26.99 -21.50 -4.17
N GLY E 102 -26.91 -22.48 -3.25
CA GLY E 102 -26.59 -22.26 -1.85
C GLY E 102 -25.11 -21.99 -1.58
N GLY E 103 -24.24 -22.15 -2.58
CA GLY E 103 -22.81 -21.89 -2.36
C GLY E 103 -21.97 -23.09 -1.90
N THR E 104 -20.71 -23.09 -2.30
CA THR E 104 -19.76 -24.11 -1.95
C THR E 104 -18.58 -23.49 -1.23
N LYS E 105 -18.34 -23.95 -0.03
CA LYS E 105 -17.23 -23.49 0.77
C LYS E 105 -15.99 -24.26 0.32
N LEU E 106 -14.96 -23.57 -0.16
CA LEU E 106 -13.72 -24.23 -0.56
C LEU E 106 -12.59 -24.03 0.46
N GLU E 107 -12.19 -25.12 1.09
CA GLU E 107 -11.10 -25.14 2.04
C GLU E 107 -9.81 -25.62 1.36
N ILE E 108 -8.69 -24.99 1.71
CA ILE E 108 -7.37 -25.36 1.17
C ILE E 108 -6.60 -26.09 2.25
N LYS E 109 -6.15 -27.30 1.95
CA LYS E 109 -5.49 -28.15 2.94
C LYS E 109 -4.06 -27.69 3.20
N ARG E 110 -3.60 -27.90 4.45
CA ARG E 110 -2.25 -27.56 4.85
C ARG E 110 -1.77 -28.54 5.95
N THR E 111 -0.49 -28.45 6.32
CA THR E 111 0.06 -29.28 7.40
C THR E 111 -0.67 -28.95 8.70
N VAL E 112 -0.77 -29.93 9.59
CA VAL E 112 -1.44 -29.69 10.87
C VAL E 112 -0.69 -28.60 11.65
N ALA E 113 -1.42 -27.73 12.33
CA ALA E 113 -0.81 -26.65 13.12
C ALA E 113 -1.64 -26.49 14.37
N ALA E 114 -0.96 -26.57 15.50
CA ALA E 114 -1.61 -26.56 16.81
C ALA E 114 -1.93 -25.12 17.19
N PRO E 115 -3.06 -24.90 17.87
CA PRO E 115 -3.42 -23.52 18.25
C PRO E 115 -2.48 -22.95 19.31
N SER E 116 -2.16 -21.66 19.25
CA SER E 116 -1.67 -20.92 20.41
C SER E 116 -2.90 -20.57 21.24
N VAL E 117 -2.77 -20.73 22.55
CA VAL E 117 -3.90 -20.55 23.42
C VAL E 117 -3.65 -19.40 24.38
N PHE E 118 -4.65 -18.55 24.56
CA PHE E 118 -4.54 -17.43 25.50
C PHE E 118 -5.85 -17.29 26.26
N ILE E 119 -5.75 -16.89 27.51
CA ILE E 119 -6.94 -16.71 28.35
C ILE E 119 -6.90 -15.27 28.88
N PHE E 120 -8.05 -14.58 28.90
CA PHE E 120 -8.10 -13.22 29.41
C PHE E 120 -9.17 -13.13 30.47
N PRO E 121 -8.82 -12.60 31.66
CA PRO E 121 -9.81 -12.39 32.71
C PRO E 121 -10.72 -11.22 32.38
N PRO E 122 -11.86 -11.08 33.07
CA PRO E 122 -12.66 -9.87 32.84
C PRO E 122 -11.87 -8.64 33.27
N SER E 123 -12.13 -7.49 32.63
CA SER E 123 -11.49 -6.25 33.03
C SER E 123 -12.18 -5.68 34.26
N ASP E 124 -11.49 -4.77 34.93
CA ASP E 124 -12.05 -4.09 36.08
C ASP E 124 -13.28 -3.29 35.72
N GLU E 125 -13.26 -2.73 34.51
CA GLU E 125 -14.39 -1.96 33.96
C GLU E 125 -15.68 -2.77 33.86
N GLN E 126 -15.59 -3.98 33.33
CA GLN E 126 -16.77 -4.83 33.21
C GLN E 126 -17.36 -5.20 34.58
N LEU E 127 -16.48 -5.47 35.52
CA LEU E 127 -16.88 -5.89 36.85
C LEU E 127 -17.72 -4.80 37.56
N LYS E 128 -17.37 -3.55 37.32
CA LYS E 128 -18.19 -2.41 37.73
C LYS E 128 -19.66 -2.61 37.37
N SER E 129 -19.90 -3.22 36.21
CA SER E 129 -21.22 -3.31 35.60
C SER E 129 -22.09 -4.46 36.09
N GLY E 130 -21.52 -5.41 36.83
CA GLY E 130 -22.30 -6.55 37.36
C GLY E 130 -22.18 -7.86 36.59
N THR E 131 -21.47 -7.86 35.47
CA THR E 131 -21.21 -9.10 34.75
C THR E 131 -19.72 -9.36 34.61
N ALA E 132 -19.35 -10.60 34.33
CA ALA E 132 -17.97 -10.98 34.13
C ALA E 132 -17.82 -11.91 32.91
N SER E 133 -16.96 -11.52 31.98
CA SER E 133 -16.70 -12.36 30.81
C SER E 133 -15.26 -12.82 30.83
N VAL E 134 -15.06 -14.12 30.71
CA VAL E 134 -13.71 -14.68 30.53
C VAL E 134 -13.57 -15.07 29.06
N VAL E 135 -12.47 -14.67 28.44
CA VAL E 135 -12.30 -14.95 27.03
C VAL E 135 -11.16 -15.91 26.82
N CYS E 136 -11.37 -16.87 25.93
CA CYS E 136 -10.31 -17.80 25.55
C CYS E 136 -10.02 -17.67 24.05
N LEU E 137 -8.75 -17.48 23.69
CA LEU E 137 -8.33 -17.38 22.28
C LEU E 137 -7.51 -18.58 21.79
N LEU E 138 -7.94 -19.20 20.71
CA LEU E 138 -7.17 -20.24 20.03
C LEU E 138 -6.75 -19.67 18.67
N ASN E 139 -5.45 -19.47 18.50
CA ASN E 139 -4.93 -18.72 17.36
C ASN E 139 -4.24 -19.59 16.33
N ASN E 140 -4.58 -19.38 15.05
CA ASN E 140 -3.87 -19.96 13.89
C ASN E 140 -3.67 -21.47 13.90
N PHE E 141 -4.76 -22.23 13.86
CA PHE E 141 -4.64 -23.67 13.85
C PHE E 141 -5.23 -24.28 12.60
N TYR E 142 -4.92 -25.56 12.39
CA TYR E 142 -5.49 -26.36 11.30
C TYR E 142 -5.36 -27.84 11.64
N PRO E 143 -6.43 -28.64 11.43
CA PRO E 143 -7.70 -28.34 10.82
C PRO E 143 -8.66 -27.59 11.75
N ARG E 144 -9.90 -27.39 11.29
CA ARG E 144 -10.86 -26.58 11.99
C ARG E 144 -11.35 -27.15 13.32
N GLU E 145 -11.51 -28.47 13.40
CA GLU E 145 -12.11 -29.14 14.57
C GLU E 145 -11.28 -28.88 15.81
N ALA E 146 -11.89 -28.34 16.84
CA ALA E 146 -11.19 -27.99 18.09
C ALA E 146 -12.21 -27.99 19.22
N LYS E 147 -11.84 -28.58 20.34
CA LYS E 147 -12.70 -28.55 21.51
C LYS E 147 -12.16 -27.55 22.55
N VAL E 148 -13.04 -26.74 23.09
CA VAL E 148 -12.71 -25.86 24.21
C VAL E 148 -13.61 -26.27 25.36
N GLN E 149 -13.01 -26.52 26.51
CA GLN E 149 -13.77 -26.74 27.73
C GLN E 149 -13.39 -25.72 28.80
N TRP E 150 -14.41 -25.15 29.43
CA TRP E 150 -14.21 -24.21 30.54
C TRP E 150 -14.35 -24.91 31.88
N LYS E 151 -13.40 -24.64 32.77
CA LYS E 151 -13.47 -25.10 34.16
C LYS E 151 -13.35 -23.94 35.14
N VAL E 152 -14.16 -23.98 36.20
CA VAL E 152 -14.13 -22.97 37.25
C VAL E 152 -13.96 -23.72 38.54
N ASP E 153 -12.84 -23.46 39.22
CA ASP E 153 -12.41 -24.27 40.37
C ASP E 153 -12.49 -25.76 40.05
N ASN E 154 -12.06 -26.11 38.83
CA ASN E 154 -12.05 -27.49 38.31
C ASN E 154 -13.40 -28.11 37.96
N ALA E 155 -14.46 -27.32 38.01
CA ALA E 155 -15.81 -27.80 37.66
C ALA E 155 -16.12 -27.46 36.20
N LEU E 156 -16.49 -28.50 35.43
CA LEU E 156 -16.80 -28.39 34.01
C LEU E 156 -18.05 -27.53 33.78
N GLN E 157 -17.89 -26.49 32.96
CA GLN E 157 -18.95 -25.54 32.67
C GLN E 157 -19.84 -26.02 31.54
N SER E 158 -21.13 -25.67 31.60
CA SER E 158 -22.04 -26.07 30.55
C SER E 158 -23.15 -25.05 30.34
N GLY E 159 -23.33 -24.62 29.09
CA GLY E 159 -24.44 -23.77 28.70
C GLY E 159 -24.29 -22.31 29.06
N ASN E 160 -23.07 -21.86 29.34
CA ASN E 160 -22.81 -20.46 29.65
C ASN E 160 -21.56 -19.95 28.93
N SER E 161 -21.27 -20.58 27.79
CA SER E 161 -20.19 -20.13 26.94
C SER E 161 -20.63 -20.11 25.47
N GLN E 162 -20.00 -19.26 24.70
CA GLN E 162 -20.27 -19.17 23.28
C GLN E 162 -18.97 -19.00 22.53
N GLU E 163 -18.96 -19.46 21.29
CA GLU E 163 -17.74 -19.47 20.53
C GLU E 163 -17.99 -19.08 19.09
N SER E 164 -16.93 -18.68 18.42
CA SER E 164 -16.98 -18.11 17.12
C SER E 164 -15.65 -18.45 16.44
N VAL E 165 -15.67 -18.70 15.13
CA VAL E 165 -14.48 -19.05 14.40
C VAL E 165 -14.34 -18.18 13.16
N THR E 166 -13.13 -17.74 12.86
CA THR E 166 -12.88 -16.96 11.65
C THR E 166 -12.96 -17.87 10.42
N GLU E 167 -13.16 -17.26 9.25
CA GLU E 167 -12.95 -17.94 7.98
C GLU E 167 -11.46 -18.30 7.80
N GLN E 168 -11.19 -19.31 6.98
CA GLN E 168 -9.82 -19.71 6.70
C GLN E 168 -9.00 -18.54 6.16
N ASP E 169 -7.81 -18.35 6.74
CA ASP E 169 -6.89 -17.27 6.39
C ASP E 169 -6.34 -17.47 4.98
N SER E 170 -6.37 -16.44 4.15
CA SER E 170 -5.97 -16.58 2.76
C SER E 170 -4.45 -16.73 2.55
N LYS E 171 -3.67 -16.45 3.58
CA LYS E 171 -2.22 -16.62 3.48
C LYS E 171 -1.67 -17.89 4.11
N ASP E 172 -1.98 -18.14 5.38
CA ASP E 172 -1.45 -19.31 6.07
C ASP E 172 -2.44 -20.48 6.18
N SER E 173 -3.66 -20.29 5.69
CA SER E 173 -4.68 -21.33 5.66
C SER E 173 -5.13 -21.83 7.03
N THR E 174 -4.90 -21.05 8.06
CA THR E 174 -5.32 -21.43 9.43
C THR E 174 -6.66 -20.84 9.84
N TYR E 175 -7.18 -21.35 10.96
CA TYR E 175 -8.39 -20.83 11.60
C TYR E 175 -8.00 -20.26 12.93
N SER E 176 -8.84 -19.37 13.44
CA SER E 176 -8.76 -18.88 14.82
C SER E 176 -10.13 -18.94 15.47
N LEU E 177 -10.17 -19.16 16.78
CA LEU E 177 -11.40 -19.39 17.50
C LEU E 177 -11.41 -18.53 18.77
N SER E 178 -12.56 -17.96 19.10
CA SER E 178 -12.71 -17.20 20.32
C SER E 178 -13.89 -17.76 21.16
N SER E 179 -13.69 -18.02 22.45
CA SER E 179 -14.78 -18.49 23.30
C SER E 179 -15.00 -17.54 24.48
N THR E 180 -16.24 -17.18 24.77
CA THR E 180 -16.54 -16.34 25.94
C THR E 180 -17.36 -17.10 26.98
N LEU E 181 -16.85 -17.13 28.20
CA LEU E 181 -17.59 -17.68 29.32
C LEU E 181 -18.22 -16.52 30.06
N THR E 182 -19.54 -16.53 30.17
CA THR E 182 -20.23 -15.43 30.80
C THR E 182 -20.86 -15.87 32.12
N LEU E 183 -20.47 -15.22 33.21
CA LEU E 183 -21.13 -15.44 34.48
C LEU E 183 -21.34 -14.12 35.23
N SER E 184 -22.18 -14.16 36.26
CA SER E 184 -22.49 -12.98 37.07
C SER E 184 -21.27 -12.56 37.89
N LYS E 185 -21.17 -11.26 38.19
CA LYS E 185 -20.11 -10.74 39.05
C LYS E 185 -20.07 -11.50 40.37
N ALA E 186 -21.23 -11.73 40.98
CA ALA E 186 -21.33 -12.49 42.23
C ALA E 186 -20.70 -13.89 42.10
N ASP E 187 -21.05 -14.61 41.02
CA ASP E 187 -20.52 -15.96 40.78
C ASP E 187 -19.03 -15.97 40.54
N TYR E 188 -18.56 -14.97 39.78
CA TYR E 188 -17.15 -14.80 39.47
C TYR E 188 -16.32 -14.58 40.73
N GLU E 189 -16.84 -13.79 41.66
CA GLU E 189 -16.14 -13.47 42.90
C GLU E 189 -16.15 -14.62 43.91
N LYS E 190 -17.02 -15.62 43.69
CA LYS E 190 -17.08 -16.84 44.49
C LYS E 190 -15.91 -17.80 44.29
N HIS E 191 -15.35 -17.81 43.08
CA HIS E 191 -14.40 -18.85 42.70
C HIS E 191 -13.00 -18.29 42.41
N LYS E 192 -11.99 -19.15 42.42
CA LYS E 192 -10.62 -18.68 42.26
C LYS E 192 -9.97 -19.05 40.94
N VAL E 193 -10.11 -20.31 40.54
CA VAL E 193 -9.36 -20.82 39.39
C VAL E 193 -10.21 -20.81 38.13
N TYR E 194 -9.73 -20.12 37.10
CA TYR E 194 -10.43 -20.08 35.84
C TYR E 194 -9.54 -20.64 34.74
N ALA E 195 -10.04 -21.71 34.10
CA ALA E 195 -9.23 -22.49 33.18
C ALA E 195 -9.89 -22.68 31.82
N CYS E 196 -9.06 -22.56 30.80
CA CYS E 196 -9.45 -22.84 29.44
C CYS E 196 -8.72 -24.09 28.94
N GLU E 197 -9.45 -25.15 28.60
CA GLU E 197 -8.79 -26.40 28.21
C GLU E 197 -9.04 -26.76 26.76
N VAL E 198 -7.97 -26.97 26.01
CA VAL E 198 -8.10 -27.10 24.57
C VAL E 198 -7.55 -28.41 24.03
N THR E 199 -8.36 -29.09 23.23
CA THR E 199 -7.94 -30.31 22.54
C THR E 199 -8.00 -30.14 21.02
N HIS E 200 -7.01 -30.68 20.32
CA HIS E 200 -6.84 -30.45 18.90
C HIS E 200 -5.82 -31.41 18.31
N GLN E 201 -6.03 -31.78 17.06
CA GLN E 201 -5.21 -32.80 16.42
C GLN E 201 -3.71 -32.53 16.55
N GLY E 202 -3.32 -31.26 16.58
CA GLY E 202 -1.90 -30.87 16.68
C GLY E 202 -1.28 -30.92 18.07
N LEU E 203 -2.07 -31.30 19.07
CA LEU E 203 -1.57 -31.37 20.42
C LEU E 203 -1.67 -32.79 20.91
N SER E 204 -0.54 -33.31 21.40
CA SER E 204 -0.48 -34.70 21.85
C SER E 204 -1.20 -34.92 23.19
N SER E 205 -1.55 -33.80 23.82
CA SER E 205 -2.28 -33.79 25.07
C SER E 205 -2.94 -32.43 25.20
N PRO E 206 -4.12 -32.36 25.82
CA PRO E 206 -4.78 -31.06 25.98
C PRO E 206 -3.91 -29.95 26.62
N VAL E 207 -4.04 -28.73 26.11
CA VAL E 207 -3.36 -27.58 26.65
C VAL E 207 -4.36 -26.81 27.55
N THR E 208 -3.93 -26.49 28.76
CA THR E 208 -4.75 -25.68 29.65
C THR E 208 -4.08 -24.35 29.94
N LYS E 209 -4.82 -23.26 29.72
CA LYS E 209 -4.40 -21.95 30.22
C LYS E 209 -5.36 -21.51 31.31
N SER E 210 -4.81 -20.95 32.37
CA SER E 210 -5.64 -20.56 33.50
C SER E 210 -5.07 -19.36 34.21
N PHE E 211 -5.87 -18.78 35.09
CA PHE E 211 -5.40 -17.74 35.98
C PHE E 211 -6.20 -17.84 37.26
N ASN E 212 -5.68 -17.23 38.32
CA ASN E 212 -6.39 -17.10 39.58
C ASN E 212 -6.93 -15.70 39.80
N ARG E 213 -8.22 -15.62 40.11
CA ARG E 213 -8.87 -14.35 40.41
C ARG E 213 -8.11 -13.58 41.48
N GLY E 214 -7.75 -12.35 41.15
CA GLY E 214 -6.90 -11.57 42.03
C GLY E 214 -5.44 -11.69 41.61
N GLU E 215 -5.22 -12.23 40.41
CA GLU E 215 -3.87 -12.43 39.85
C GLU E 215 -2.94 -13.09 40.90
N GLU F 1 -11.85 2.44 -9.59
CA GLU F 1 -12.60 3.55 -8.95
C GLU F 1 -14.06 3.50 -9.37
N VAL F 2 -14.50 2.30 -9.71
CA VAL F 2 -15.94 2.05 -9.68
C VAL F 2 -16.33 2.11 -8.20
N LYS F 3 -17.36 2.88 -7.89
CA LYS F 3 -17.83 3.01 -6.54
C LYS F 3 -19.33 2.79 -6.50
N LEU F 4 -19.78 2.00 -5.53
CA LEU F 4 -21.20 1.76 -5.28
C LEU F 4 -21.45 1.88 -3.77
N LEU F 5 -21.86 3.07 -3.31
CA LEU F 5 -22.14 3.34 -1.89
C LEU F 5 -23.63 3.24 -1.53
N GLU F 6 -23.96 2.31 -0.64
CA GLU F 6 -25.35 2.11 -0.25
C GLU F 6 -25.62 2.78 1.08
N SER F 7 -26.89 3.14 1.28
CA SER F 7 -27.35 3.66 2.55
C SER F 7 -28.84 3.39 2.72
N GLY F 8 -29.37 3.73 3.90
CA GLY F 8 -30.78 3.53 4.17
C GLY F 8 -31.08 2.40 5.13
N GLY F 9 -30.08 1.60 5.49
CA GLY F 9 -30.31 0.46 6.36
C GLY F 9 -30.42 0.83 7.82
N GLY F 10 -30.43 -0.19 8.69
CA GLY F 10 -30.58 -0.02 10.14
C GLY F 10 -31.81 -0.77 10.64
N LEU F 11 -32.31 -0.36 11.81
CA LEU F 11 -33.45 -1.02 12.40
C LEU F 11 -34.74 -0.57 11.75
N ALA F 12 -35.59 -1.54 11.41
CA ALA F 12 -36.96 -1.22 11.02
C ALA F 12 -37.98 -2.10 11.76
N GLN F 13 -39.15 -1.53 12.04
CA GLN F 13 -40.20 -2.25 12.75
C GLN F 13 -40.88 -3.27 11.83
N PRO F 14 -41.29 -4.43 12.37
CA PRO F 14 -42.11 -5.40 11.63
C PRO F 14 -43.31 -4.73 10.98
N GLY F 15 -43.59 -5.08 9.72
CA GLY F 15 -44.74 -4.50 9.02
C GLY F 15 -44.45 -3.14 8.40
N GLY F 16 -43.33 -2.54 8.76
CA GLY F 16 -42.98 -1.21 8.25
C GLY F 16 -42.39 -1.27 6.86
N SER F 17 -42.03 -0.10 6.34
CA SER F 17 -41.35 -0.04 5.05
C SER F 17 -40.04 0.72 5.14
N LEU F 18 -39.18 0.52 4.15
CA LEU F 18 -37.83 1.06 4.18
C LEU F 18 -37.37 1.31 2.76
N LYS F 19 -36.62 2.38 2.55
CA LYS F 19 -36.07 2.67 1.23
C LYS F 19 -34.55 2.65 1.26
N LEU F 20 -33.95 1.73 0.50
CA LEU F 20 -32.51 1.69 0.38
C LEU F 20 -32.08 2.41 -0.86
N SER F 21 -30.93 3.04 -0.80
CA SER F 21 -30.43 3.74 -1.99
C SER F 21 -28.97 3.44 -2.26
N CYS F 22 -28.58 3.59 -3.52
CA CYS F 22 -27.21 3.28 -3.91
C CYS F 22 -26.75 4.34 -4.88
N ALA F 23 -25.68 5.03 -4.56
CA ALA F 23 -25.10 6.04 -5.44
C ALA F 23 -23.83 5.48 -6.12
N ALA F 24 -23.74 5.67 -7.44
CA ALA F 24 -22.71 5.06 -8.27
C ALA F 24 -21.80 6.10 -8.94
N SER F 25 -20.50 5.79 -9.05
CA SER F 25 -19.58 6.61 -9.81
C SER F 25 -18.46 5.79 -10.41
N GLY F 26 -17.70 6.40 -11.34
CA GLY F 26 -16.57 5.74 -11.99
C GLY F 26 -16.90 4.88 -13.22
N PHE F 27 -18.16 4.80 -13.62
CA PHE F 27 -18.58 4.20 -14.89
C PHE F 27 -19.83 4.92 -15.42
N ASP F 28 -20.20 4.66 -16.68
CA ASP F 28 -21.38 5.27 -17.29
C ASP F 28 -22.72 4.62 -16.83
N PHE F 29 -23.15 5.00 -15.62
CA PHE F 29 -24.34 4.46 -14.97
C PHE F 29 -25.58 4.35 -15.89
N ARG F 30 -25.77 5.36 -16.75
CA ARG F 30 -26.89 5.42 -17.71
C ARG F 30 -27.01 4.17 -18.57
N ARG F 31 -25.88 3.53 -18.87
CA ARG F 31 -25.82 2.42 -19.83
C ARG F 31 -25.99 1.02 -19.24
N TYR F 32 -26.00 0.90 -17.92
CA TYR F 32 -25.95 -0.41 -17.28
C TYR F 32 -27.21 -0.87 -16.61
N TRP F 33 -27.51 -2.16 -16.79
CA TRP F 33 -28.49 -2.84 -15.95
C TRP F 33 -27.97 -2.88 -14.51
N MET F 34 -28.86 -2.71 -13.55
CA MET F 34 -28.49 -2.76 -12.13
C MET F 34 -29.30 -3.80 -11.38
N THR F 35 -28.71 -4.36 -10.32
CA THR F 35 -29.31 -5.50 -9.59
C THR F 35 -29.23 -5.31 -8.08
N TRP F 36 -30.26 -5.79 -7.39
CA TRP F 36 -30.20 -5.88 -5.95
C TRP F 36 -30.09 -7.36 -5.56
N VAL F 37 -29.17 -7.65 -4.63
CA VAL F 37 -29.04 -9.00 -4.07
C VAL F 37 -28.96 -8.84 -2.54
N ARG F 38 -29.45 -9.85 -1.82
CA ARG F 38 -29.37 -9.86 -0.36
C ARG F 38 -28.83 -11.16 0.24
N GLN F 39 -28.33 -11.05 1.47
CA GLN F 39 -27.79 -12.19 2.19
C GLN F 39 -28.10 -12.08 3.68
N ALA F 40 -28.91 -13.03 4.16
CA ALA F 40 -29.29 -13.09 5.58
C ALA F 40 -28.12 -13.68 6.35
N PRO F 41 -28.05 -13.39 7.67
CA PRO F 41 -26.87 -13.77 8.48
C PRO F 41 -26.62 -15.28 8.41
N GLY F 42 -25.38 -15.65 8.08
CA GLY F 42 -24.99 -17.06 7.97
C GLY F 42 -25.59 -17.81 6.78
N LYS F 43 -26.33 -17.12 5.91
CA LYS F 43 -27.03 -17.78 4.78
C LYS F 43 -26.47 -17.42 3.40
N GLY F 44 -27.07 -17.96 2.34
CA GLY F 44 -26.55 -17.71 1.01
C GLY F 44 -27.04 -16.43 0.36
N LEU F 45 -26.71 -16.25 -0.91
CA LEU F 45 -27.17 -15.09 -1.68
C LEU F 45 -28.54 -15.31 -2.26
N GLU F 46 -29.29 -14.22 -2.34
CA GLU F 46 -30.63 -14.25 -2.93
C GLU F 46 -30.85 -13.03 -3.80
N TRP F 47 -31.12 -13.29 -5.07
CA TRP F 47 -31.39 -12.27 -6.07
C TRP F 47 -32.76 -11.63 -5.81
N ILE F 48 -32.80 -10.30 -5.70
CA ILE F 48 -34.08 -9.61 -5.54
C ILE F 48 -34.68 -9.20 -6.89
N GLY F 49 -33.89 -8.51 -7.71
CA GLY F 49 -34.33 -8.15 -9.06
C GLY F 49 -33.32 -7.30 -9.81
N GLU F 50 -33.69 -6.86 -11.00
CA GLU F 50 -32.83 -6.05 -11.83
C GLU F 50 -33.67 -4.98 -12.48
N ILE F 51 -33.01 -3.95 -12.99
CA ILE F 51 -33.70 -2.88 -13.70
C ILE F 51 -32.83 -2.49 -14.90
N ASN F 52 -33.45 -2.30 -16.06
CA ASN F 52 -32.70 -1.85 -17.21
C ASN F 52 -32.42 -0.34 -17.17
N PRO F 53 -31.53 0.15 -18.06
CA PRO F 53 -31.19 1.56 -18.11
C PRO F 53 -32.38 2.51 -18.15
N ASP F 54 -33.44 2.21 -18.89
CA ASP F 54 -34.53 3.18 -19.05
C ASP F 54 -35.77 2.88 -18.16
N SER F 55 -35.59 1.95 -17.21
CA SER F 55 -36.65 1.59 -16.25
C SER F 55 -37.88 0.88 -16.84
N ARG F 56 -37.84 0.50 -18.12
CA ARG F 56 -38.97 -0.17 -18.78
C ARG F 56 -39.03 -1.67 -18.49
N THR F 57 -37.91 -2.24 -18.09
CA THR F 57 -37.87 -3.64 -17.72
C THR F 57 -37.35 -3.78 -16.31
N ILE F 58 -38.24 -4.30 -15.45
CA ILE F 58 -37.89 -4.60 -14.08
C ILE F 58 -38.29 -6.04 -13.82
N ASN F 59 -37.31 -6.88 -13.49
CA ASN F 59 -37.58 -8.28 -13.17
C ASN F 59 -37.38 -8.51 -11.67
N TYR F 60 -38.30 -9.27 -11.08
CA TYR F 60 -38.26 -9.52 -9.65
C TYR F 60 -38.23 -11.02 -9.38
N MET F 61 -37.61 -11.37 -8.27
CA MET F 61 -37.74 -12.68 -7.69
C MET F 61 -39.22 -12.93 -7.44
N PRO F 62 -39.70 -14.16 -7.73
CA PRO F 62 -41.07 -14.52 -7.39
C PRO F 62 -41.39 -14.08 -5.96
N SER F 63 -42.46 -13.30 -5.81
CA SER F 63 -42.80 -12.71 -4.50
C SER F 63 -44.18 -12.06 -4.59
N LEU F 64 -44.80 -11.81 -3.43
CA LEU F 64 -46.11 -11.11 -3.38
C LEU F 64 -45.95 -9.69 -3.92
N LYS F 65 -47.02 -9.18 -4.56
CA LYS F 65 -46.96 -7.91 -5.30
C LYS F 65 -46.52 -6.75 -4.45
N ASP F 66 -45.50 -6.03 -4.93
CA ASP F 66 -45.03 -4.78 -4.29
C ASP F 66 -44.35 -4.99 -2.95
N LYS F 67 -43.90 -6.20 -2.70
CA LYS F 67 -43.00 -6.46 -1.58
C LYS F 67 -41.74 -5.63 -1.83
N PHE F 68 -41.25 -5.68 -3.07
CA PHE F 68 -40.09 -4.91 -3.48
C PHE F 68 -40.45 -4.01 -4.64
N ILE F 69 -39.98 -2.77 -4.58
CA ILE F 69 -40.04 -1.89 -5.75
C ILE F 69 -38.65 -1.38 -6.03
N ILE F 70 -38.13 -1.71 -7.21
CA ILE F 70 -36.81 -1.24 -7.66
C ILE F 70 -37.07 -0.08 -8.61
N SER F 71 -36.31 0.99 -8.44
CA SER F 71 -36.30 2.08 -9.39
C SER F 71 -34.90 2.66 -9.42
N ARG F 72 -34.71 3.68 -10.26
CA ARG F 72 -33.40 4.27 -10.48
C ARG F 72 -33.60 5.66 -11.01
N ASP F 73 -32.57 6.49 -10.88
CA ASP F 73 -32.61 7.86 -11.36
C ASP F 73 -31.27 8.14 -12.01
N ASN F 74 -31.24 8.10 -13.32
CA ASN F 74 -29.97 8.23 -14.05
C ASN F 74 -29.30 9.58 -13.92
N ALA F 75 -30.08 10.62 -13.65
CA ALA F 75 -29.53 11.96 -13.45
C ALA F 75 -28.69 12.03 -12.18
N LYS F 76 -29.02 11.18 -11.21
CA LYS F 76 -28.31 11.09 -9.93
C LYS F 76 -27.41 9.87 -9.81
N ASN F 77 -27.17 9.18 -10.91
CA ASN F 77 -26.41 7.92 -10.91
C ASN F 77 -26.78 7.00 -9.74
N SER F 78 -28.07 6.84 -9.49
CA SER F 78 -28.44 6.12 -8.28
C SER F 78 -29.59 5.13 -8.44
N LEU F 79 -29.54 4.07 -7.64
CA LEU F 79 -30.46 2.97 -7.72
C LEU F 79 -31.20 2.87 -6.38
N TYR F 80 -32.46 2.47 -6.42
CA TYR F 80 -33.30 2.45 -5.20
C TYR F 80 -33.97 1.11 -5.00
N LEU F 81 -34.19 0.76 -3.73
CA LEU F 81 -34.99 -0.41 -3.38
C LEU F 81 -35.96 -0.09 -2.24
N GLN F 82 -37.24 -0.23 -2.54
CA GLN F 82 -38.29 -0.01 -1.58
C GLN F 82 -38.73 -1.36 -1.02
N LEU F 83 -38.54 -1.54 0.29
CA LEU F 83 -38.96 -2.74 0.99
C LEU F 83 -40.24 -2.42 1.74
N SER F 84 -41.27 -3.25 1.58
CA SER F 84 -42.50 -3.10 2.37
C SER F 84 -42.91 -4.39 3.10
N ARG F 85 -43.92 -4.28 3.97
CA ARG F 85 -44.42 -5.40 4.77
C ARG F 85 -43.29 -6.22 5.39
N LEU F 86 -42.37 -5.52 6.08
CA LEU F 86 -41.15 -6.10 6.60
C LEU F 86 -41.36 -7.18 7.69
N ARG F 87 -40.69 -8.32 7.52
CA ARG F 87 -40.69 -9.41 8.49
C ARG F 87 -39.25 -9.74 8.86
N SER F 88 -39.08 -10.63 9.84
CA SER F 88 -37.77 -11.01 10.29
C SER F 88 -36.95 -11.70 9.19
N GLU F 89 -37.61 -12.33 8.22
CA GLU F 89 -36.89 -12.97 7.12
C GLU F 89 -36.24 -11.94 6.19
N ASP F 90 -36.68 -10.68 6.25
CA ASP F 90 -36.05 -9.65 5.43
C ASP F 90 -34.78 -9.05 6.07
N SER F 91 -34.46 -9.49 7.28
CA SER F 91 -33.21 -9.05 7.92
C SER F 91 -32.04 -9.62 7.16
N ALA F 92 -31.23 -8.74 6.59
CA ALA F 92 -30.11 -9.16 5.73
C ALA F 92 -29.16 -8.02 5.34
N LEU F 93 -28.03 -8.36 4.73
CA LEU F 93 -27.23 -7.35 4.03
C LEU F 93 -27.77 -7.23 2.62
N TYR F 94 -27.97 -6.00 2.18
CA TYR F 94 -28.51 -5.74 0.86
C TYR F 94 -27.41 -5.17 -0.04
N TYR F 95 -27.24 -5.78 -1.19
CA TYR F 95 -26.16 -5.39 -2.10
C TYR F 95 -26.66 -4.80 -3.37
N CYS F 96 -26.03 -3.71 -3.72
CA CYS F 96 -26.22 -3.02 -4.96
C CYS F 96 -25.21 -3.64 -5.92
N VAL F 97 -25.67 -4.10 -7.08
CA VAL F 97 -24.76 -4.82 -7.98
C VAL F 97 -24.89 -4.40 -9.42
N ARG F 98 -23.75 -4.17 -10.06
CA ARG F 98 -23.74 -3.85 -11.47
C ARG F 98 -23.78 -5.11 -12.33
N LEU F 99 -24.70 -5.14 -13.29
CA LEU F 99 -24.81 -6.26 -14.21
C LEU F 99 -24.20 -5.93 -15.54
N ASP F 100 -23.27 -6.76 -15.97
CA ASP F 100 -22.64 -6.53 -17.24
C ASP F 100 -23.30 -7.41 -18.28
N PHE F 101 -24.07 -6.77 -19.15
CA PHE F 101 -24.82 -7.40 -20.22
C PHE F 101 -23.86 -7.54 -21.38
N ASP F 102 -24.19 -8.36 -22.37
CA ASP F 102 -23.40 -8.40 -23.60
C ASP F 102 -24.02 -9.34 -24.60
N VAL F 103 -24.88 -8.77 -25.44
CA VAL F 103 -25.80 -9.53 -26.27
C VAL F 103 -25.11 -10.57 -27.17
N TYR F 104 -24.10 -10.16 -27.94
CA TYR F 104 -23.52 -11.05 -28.96
C TYR F 104 -22.65 -12.16 -28.39
N ASN F 105 -22.05 -11.87 -27.22
CA ASN F 105 -21.24 -12.84 -26.48
C ASN F 105 -22.05 -13.81 -25.62
N HIS F 106 -23.36 -13.54 -25.47
CA HIS F 106 -24.26 -14.34 -24.62
C HIS F 106 -23.65 -14.41 -23.20
N TYR F 107 -23.44 -13.24 -22.60
CA TYR F 107 -22.57 -13.11 -21.45
C TYR F 107 -23.12 -12.11 -20.46
N TYR F 108 -23.45 -12.59 -19.27
CA TYR F 108 -24.01 -11.74 -18.25
C TYR F 108 -23.32 -12.07 -16.94
N VAL F 109 -22.60 -11.10 -16.37
CA VAL F 109 -22.02 -11.30 -15.03
C VAL F 109 -22.33 -10.18 -14.10
N LEU F 110 -22.46 -10.52 -12.83
CA LEU F 110 -22.55 -9.53 -11.78
C LEU F 110 -21.13 -9.12 -11.45
N ASP F 111 -20.62 -8.06 -12.08
CA ASP F 111 -19.17 -7.80 -11.96
C ASP F 111 -18.73 -6.91 -10.79
N TYR F 112 -19.50 -5.89 -10.42
CA TYR F 112 -19.13 -5.05 -9.28
C TYR F 112 -20.21 -4.97 -8.23
N TRP F 113 -19.78 -5.09 -6.98
CA TRP F 113 -20.73 -5.19 -5.87
C TRP F 113 -20.42 -4.12 -4.82
N GLY F 114 -21.45 -3.49 -4.25
CA GLY F 114 -21.26 -2.57 -3.14
C GLY F 114 -20.98 -3.35 -1.87
N GLN F 115 -20.50 -2.67 -0.82
CA GLN F 115 -20.24 -3.31 0.49
C GLN F 115 -21.51 -3.82 1.19
N GLY F 116 -22.66 -3.22 0.87
CA GLY F 116 -23.92 -3.61 1.52
C GLY F 116 -24.40 -2.66 2.63
N THR F 117 -25.72 -2.53 2.77
CA THR F 117 -26.29 -1.98 4.00
C THR F 117 -27.06 -3.04 4.76
N SER F 118 -26.95 -2.98 6.07
CA SER F 118 -27.58 -3.93 6.94
C SER F 118 -28.97 -3.47 7.36
N VAL F 119 -29.92 -4.38 7.25
CA VAL F 119 -31.30 -4.13 7.64
C VAL F 119 -31.66 -5.20 8.66
N THR F 120 -32.04 -4.78 9.86
CA THR F 120 -32.57 -5.69 10.85
C THR F 120 -34.02 -5.31 11.13
N VAL F 121 -34.92 -6.30 11.01
CA VAL F 121 -36.32 -6.11 11.30
C VAL F 121 -36.62 -6.69 12.68
N SER F 122 -36.97 -5.81 13.61
CA SER F 122 -37.14 -6.15 15.02
C SER F 122 -37.86 -5.03 15.77
N SER F 123 -38.61 -5.38 16.80
CA SER F 123 -39.32 -4.38 17.59
C SER F 123 -38.46 -3.93 18.75
N ALA F 124 -37.33 -4.61 18.93
CA ALA F 124 -36.41 -4.30 20.02
C ALA F 124 -35.68 -3.00 19.71
N SER F 125 -35.25 -2.31 20.77
CA SER F 125 -34.59 -1.03 20.65
C SER F 125 -33.09 -1.20 20.46
N THR F 126 -32.50 -0.15 19.91
CA THR F 126 -31.07 -0.02 19.75
C THR F 126 -30.35 0.00 21.09
N LYS F 127 -29.21 -0.68 21.14
CA LYS F 127 -28.34 -0.65 22.31
C LYS F 127 -26.90 -0.58 21.83
N GLY F 128 -26.16 0.39 22.33
CA GLY F 128 -24.74 0.53 22.01
C GLY F 128 -23.89 -0.42 22.84
N PRO F 129 -22.72 -0.84 22.31
CA PRO F 129 -21.90 -1.79 23.05
C PRO F 129 -21.08 -1.15 24.17
N SER F 130 -20.66 -1.98 25.11
CA SER F 130 -19.61 -1.59 26.02
C SER F 130 -18.33 -2.17 25.39
N VAL F 131 -17.22 -1.45 25.51
CA VAL F 131 -15.95 -1.93 24.97
C VAL F 131 -14.97 -2.17 26.13
N PHE F 132 -14.55 -3.42 26.29
CA PHE F 132 -13.71 -3.84 27.43
C PHE F 132 -12.35 -4.34 26.95
N PRO F 133 -11.26 -3.92 27.61
CA PRO F 133 -9.95 -4.41 27.13
C PRO F 133 -9.71 -5.88 27.48
N LEU F 134 -8.98 -6.57 26.61
CA LEU F 134 -8.45 -7.89 26.88
C LEU F 134 -6.94 -7.68 26.96
N ALA F 135 -6.48 -7.47 28.19
CA ALA F 135 -5.11 -7.06 28.47
C ALA F 135 -4.08 -8.16 28.21
N PRO F 136 -2.96 -7.82 27.51
CA PRO F 136 -1.85 -8.75 27.43
C PRO F 136 -1.04 -8.82 28.72
N SER F 137 -0.28 -9.89 28.87
CA SER F 137 0.77 -9.98 29.88
C SER F 137 2.06 -10.48 29.22
N SER F 138 3.20 -9.92 29.63
CA SER F 138 4.49 -10.45 29.17
C SER F 138 4.74 -11.87 29.73
N LYS F 139 3.98 -12.27 30.76
CA LYS F 139 4.05 -13.62 31.33
C LYS F 139 3.11 -14.65 30.69
N SER F 140 2.21 -14.18 29.81
CA SER F 140 1.16 -15.01 29.20
C SER F 140 1.39 -15.22 27.70
N THR F 141 2.63 -15.49 27.31
CA THR F 141 2.95 -15.58 25.89
C THR F 141 2.96 -17.03 25.37
N SER F 142 2.30 -17.23 24.22
CA SER F 142 2.20 -18.53 23.60
C SER F 142 2.73 -18.47 22.16
N GLY F 143 3.55 -19.45 21.79
CA GLY F 143 4.09 -19.56 20.42
C GLY F 143 4.87 -18.35 19.91
N GLY F 144 5.59 -17.68 20.82
CA GLY F 144 6.39 -16.51 20.48
C GLY F 144 5.59 -15.20 20.40
N THR F 145 4.29 -15.27 20.66
CA THR F 145 3.49 -14.08 20.58
C THR F 145 2.81 -13.70 21.88
N ALA F 146 2.39 -12.44 21.93
CA ALA F 146 1.55 -11.91 22.96
C ALA F 146 0.24 -11.59 22.29
N ALA F 147 -0.86 -11.75 23.01
CA ALA F 147 -2.17 -11.46 22.48
C ALA F 147 -2.90 -10.41 23.30
N LEU F 148 -3.62 -9.54 22.61
CA LEU F 148 -4.40 -8.52 23.28
C LEU F 148 -5.66 -8.27 22.46
N GLY F 149 -6.67 -7.65 23.06
CA GLY F 149 -7.85 -7.32 22.29
C GLY F 149 -8.90 -6.48 22.96
N CYS F 150 -10.07 -6.50 22.33
CA CYS F 150 -11.25 -5.78 22.78
C CYS F 150 -12.46 -6.71 22.77
N LEU F 151 -13.21 -6.69 23.87
CA LEU F 151 -14.48 -7.36 23.95
C LEU F 151 -15.55 -6.32 23.69
N VAL F 152 -16.28 -6.47 22.58
CA VAL F 152 -17.32 -5.54 22.22
C VAL F 152 -18.63 -6.16 22.61
N LYS F 153 -19.15 -5.78 23.81
CA LYS F 153 -20.26 -6.53 24.41
C LYS F 153 -21.58 -5.78 24.56
N ASP F 154 -22.66 -6.54 24.28
CA ASP F 154 -24.08 -6.20 24.50
C ASP F 154 -24.59 -5.08 23.61
N TYR F 155 -24.61 -5.32 22.30
CA TYR F 155 -25.14 -4.36 21.36
C TYR F 155 -26.26 -4.95 20.48
N PHE F 156 -27.08 -4.06 19.93
CA PHE F 156 -28.16 -4.42 19.03
C PHE F 156 -28.53 -3.21 18.20
N PRO F 157 -28.72 -3.41 16.90
CA PRO F 157 -28.50 -4.63 16.13
C PRO F 157 -27.08 -4.66 15.56
N GLU F 158 -26.77 -5.68 14.76
CA GLU F 158 -25.57 -5.70 13.94
C GLU F 158 -25.65 -4.55 12.92
N PRO F 159 -24.51 -4.12 12.35
CA PRO F 159 -23.14 -4.55 12.63
C PRO F 159 -22.38 -3.58 13.54
N VAL F 160 -21.15 -3.97 13.86
CA VAL F 160 -20.22 -3.10 14.51
C VAL F 160 -18.95 -3.10 13.65
N THR F 161 -18.31 -1.95 13.51
CA THR F 161 -17.00 -1.95 12.83
C THR F 161 -15.89 -1.82 13.88
N VAL F 162 -14.82 -2.57 13.70
CA VAL F 162 -13.69 -2.51 14.63
C VAL F 162 -12.44 -2.36 13.81
N SER F 163 -11.58 -1.45 14.22
CA SER F 163 -10.22 -1.43 13.65
C SER F 163 -9.22 -1.13 14.74
N TRP F 164 -7.93 -1.25 14.42
CA TRP F 164 -6.88 -1.01 15.39
C TRP F 164 -5.96 0.13 14.98
N ASN F 165 -5.73 1.04 15.92
CA ASN F 165 -4.91 2.21 15.71
C ASN F 165 -5.36 2.95 14.44
N SER F 166 -6.67 3.21 14.36
CA SER F 166 -7.28 3.99 13.29
C SER F 166 -7.01 3.36 11.92
N GLY F 167 -6.91 2.04 11.88
CA GLY F 167 -6.68 1.35 10.62
C GLY F 167 -5.22 1.16 10.26
N ALA F 168 -4.33 1.79 11.03
CA ALA F 168 -2.88 1.68 10.81
C ALA F 168 -2.32 0.29 11.13
N LEU F 169 -2.96 -0.43 12.07
CA LEU F 169 -2.55 -1.78 12.45
C LEU F 169 -3.50 -2.84 11.88
N THR F 170 -2.98 -3.68 10.98
CA THR F 170 -3.81 -4.72 10.33
C THR F 170 -3.22 -6.11 10.43
N SER F 171 -1.90 -6.19 10.37
CA SER F 171 -1.22 -7.48 10.49
C SER F 171 -1.44 -8.09 11.90
N GLY F 172 -1.82 -9.36 11.93
CA GLY F 172 -2.06 -10.06 13.18
C GLY F 172 -3.43 -9.83 13.79
N VAL F 173 -4.31 -9.14 13.06
CA VAL F 173 -5.63 -8.83 13.59
C VAL F 173 -6.64 -9.93 13.22
N HIS F 174 -7.42 -10.38 14.20
CA HIS F 174 -8.58 -11.24 13.92
C HIS F 174 -9.80 -10.63 14.58
N THR F 175 -10.80 -10.27 13.80
CA THR F 175 -12.07 -9.89 14.37
C THR F 175 -13.07 -11.02 14.13
N PHE F 176 -13.58 -11.54 15.23
CA PHE F 176 -14.40 -12.73 15.19
C PHE F 176 -15.85 -12.44 14.84
N PRO F 177 -16.54 -13.40 14.16
CA PRO F 177 -17.99 -13.25 14.00
C PRO F 177 -18.69 -12.96 15.33
N ALA F 178 -19.70 -12.10 15.28
CA ALA F 178 -20.51 -11.81 16.45
C ALA F 178 -21.29 -13.04 16.85
N VAL F 179 -21.61 -13.12 18.14
CA VAL F 179 -22.40 -14.18 18.70
C VAL F 179 -23.67 -13.55 19.31
N LEU F 180 -24.82 -14.23 19.21
CA LEU F 180 -26.07 -13.71 19.77
C LEU F 180 -26.31 -14.36 21.11
N GLN F 181 -26.31 -13.55 22.17
CA GLN F 181 -26.45 -14.09 23.51
C GLN F 181 -27.91 -14.38 23.76
N SER F 182 -28.19 -15.16 24.80
CA SER F 182 -29.57 -15.52 25.12
C SER F 182 -30.38 -14.29 25.58
N SER F 183 -29.69 -13.20 25.91
CA SER F 183 -30.33 -11.94 26.25
C SER F 183 -30.88 -11.20 25.03
N GLY F 184 -30.62 -11.74 23.84
CA GLY F 184 -31.01 -11.07 22.60
C GLY F 184 -30.01 -10.05 22.09
N LEU F 185 -28.88 -9.91 22.79
CA LEU F 185 -27.87 -8.92 22.39
C LEU F 185 -26.60 -9.60 21.83
N TYR F 186 -25.90 -8.89 20.96
CA TYR F 186 -24.73 -9.41 20.31
C TYR F 186 -23.47 -9.13 21.09
N SER F 187 -22.47 -9.98 20.86
CA SER F 187 -21.17 -9.87 21.48
C SER F 187 -20.10 -10.30 20.46
N LEU F 188 -19.01 -9.54 20.33
CA LEU F 188 -17.86 -9.96 19.53
C LEU F 188 -16.51 -9.59 20.15
N SER F 189 -15.47 -10.33 19.76
CA SER F 189 -14.12 -10.01 20.17
C SER F 189 -13.25 -9.71 18.98
N SER F 190 -12.30 -8.81 19.17
CA SER F 190 -11.30 -8.52 18.18
C SER F 190 -9.95 -8.60 18.87
N VAL F 191 -9.02 -9.28 18.21
CA VAL F 191 -7.75 -9.60 18.82
C VAL F 191 -6.58 -9.26 17.91
N VAL F 192 -5.45 -8.88 18.52
CA VAL F 192 -4.18 -8.65 17.81
C VAL F 192 -3.10 -9.50 18.46
N THR F 193 -2.35 -10.26 17.64
CA THR F 193 -1.19 -10.98 18.19
C THR F 193 0.07 -10.32 17.66
N VAL F 194 1.03 -10.13 18.54
CA VAL F 194 2.26 -9.45 18.20
C VAL F 194 3.44 -10.22 18.79
N PRO F 195 4.64 -10.10 18.17
CA PRO F 195 5.86 -10.70 18.71
C PRO F 195 6.03 -10.24 20.16
N SER F 196 6.25 -11.18 21.09
CA SER F 196 6.28 -10.86 22.52
C SER F 196 7.20 -9.68 22.87
N SER F 197 8.40 -9.67 22.31
CA SER F 197 9.39 -8.60 22.57
C SER F 197 9.01 -7.22 22.08
N SER F 198 7.95 -7.12 21.30
CA SER F 198 7.51 -5.84 20.79
C SER F 198 6.39 -5.25 21.64
N LEU F 199 5.97 -5.94 22.70
CA LEU F 199 4.82 -5.52 23.50
C LEU F 199 4.85 -4.07 23.96
N GLY F 200 5.89 -3.66 24.64
CA GLY F 200 5.95 -2.29 25.12
C GLY F 200 6.45 -1.29 24.08
N THR F 201 6.55 -1.69 22.81
CA THR F 201 7.09 -0.77 21.79
C THR F 201 6.01 0.07 21.12
N GLN F 202 4.76 -0.27 21.35
CA GLN F 202 3.63 0.25 20.58
C GLN F 202 2.42 0.48 21.46
N THR F 203 1.61 1.47 21.11
CA THR F 203 0.31 1.65 21.76
C THR F 203 -0.77 0.95 20.93
N TYR F 204 -1.75 0.38 21.61
CA TYR F 204 -2.83 -0.38 20.96
C TYR F 204 -4.18 0.19 21.31
N ILE F 205 -4.85 0.76 20.32
CA ILE F 205 -6.18 1.31 20.50
C ILE F 205 -7.16 0.58 19.59
N CYS F 206 -8.22 0.02 20.16
CA CYS F 206 -9.29 -0.48 19.30
C CYS F 206 -10.37 0.58 19.10
N ASN F 207 -10.72 0.77 17.83
CA ASN F 207 -11.71 1.75 17.42
C ASN F 207 -13.00 1.01 17.06
N VAL F 208 -14.03 1.22 17.87
CA VAL F 208 -15.30 0.51 17.71
C VAL F 208 -16.37 1.52 17.31
N ASN F 209 -17.05 1.26 16.20
CA ASN F 209 -18.16 2.10 15.70
C ASN F 209 -19.45 1.28 15.59
N HIS F 210 -20.53 1.82 16.15
CA HIS F 210 -21.84 1.20 16.06
C HIS F 210 -22.81 2.24 15.55
N LYS F 211 -22.95 2.31 14.23
CA LYS F 211 -23.77 3.34 13.58
C LYS F 211 -25.18 3.48 14.16
N PRO F 212 -25.92 2.36 14.36
CA PRO F 212 -27.32 2.45 14.80
C PRO F 212 -27.54 3.19 16.14
N SER F 213 -26.56 3.14 17.05
CA SER F 213 -26.66 3.89 18.31
C SER F 213 -25.77 5.12 18.34
N ASN F 214 -25.14 5.42 17.21
CA ASN F 214 -24.14 6.48 17.13
C ASN F 214 -23.06 6.39 18.20
N THR F 215 -22.59 5.18 18.46
CA THR F 215 -21.54 4.95 19.42
C THR F 215 -20.19 4.81 18.74
N LYS F 216 -19.27 5.73 19.06
CA LYS F 216 -17.84 5.67 18.71
C LYS F 216 -17.03 5.50 19.99
N VAL F 217 -16.26 4.43 20.11
CA VAL F 217 -15.39 4.25 21.27
C VAL F 217 -13.95 3.97 20.83
N ASP F 218 -13.01 4.70 21.43
CA ASP F 218 -11.58 4.41 21.29
C ASP F 218 -11.03 3.89 22.63
N LYS F 219 -10.68 2.61 22.68
CA LYS F 219 -10.16 2.02 23.91
C LYS F 219 -8.69 1.66 23.80
N LYS F 220 -7.89 2.28 24.66
CA LYS F 220 -6.48 1.93 24.80
C LYS F 220 -6.37 0.61 25.57
N VAL F 221 -5.65 -0.35 25.00
CA VAL F 221 -5.44 -1.64 25.64
C VAL F 221 -4.00 -1.71 26.16
N GLU F 222 -3.88 -1.69 27.49
CA GLU F 222 -2.60 -1.57 28.16
C GLU F 222 -2.11 -2.92 28.64
N PRO F 223 -0.80 -3.23 28.45
CA PRO F 223 -0.19 -4.36 29.16
C PRO F 223 -0.49 -4.26 30.65
N LYS F 224 -1.13 -5.28 31.20
CA LYS F 224 -1.51 -5.29 32.62
C LYS F 224 -1.59 -6.74 33.08
N GLU G 1 -1.84 66.71 32.96
CA GLU G 1 -1.96 65.24 32.82
C GLU G 1 -2.37 64.60 34.14
N LEU G 2 -3.59 64.05 34.17
CA LEU G 2 -4.20 63.63 35.42
C LEU G 2 -3.75 62.23 35.81
N VAL G 3 -3.20 62.11 37.01
CA VAL G 3 -2.76 60.83 37.54
C VAL G 3 -3.53 60.48 38.82
N VAL G 4 -4.07 59.28 38.86
CA VAL G 4 -4.83 58.79 40.00
C VAL G 4 -4.02 57.80 40.79
N THR G 5 -3.88 58.04 42.09
CA THR G 5 -2.96 57.25 42.89
C THR G 5 -3.71 56.54 44.02
N GLN G 6 -3.43 55.26 44.21
CA GLN G 6 -4.03 54.43 45.26
C GLN G 6 -2.92 53.77 46.01
N GLU G 7 -3.19 53.36 47.25
CA GLU G 7 -2.20 52.56 47.98
C GLU G 7 -1.98 51.29 47.17
N SER G 8 -0.75 50.80 47.20
CA SER G 8 -0.42 49.65 46.42
C SER G 8 -0.94 48.34 47.02
N ALA G 9 -0.89 48.23 48.35
CA ALA G 9 -1.34 47.00 49.07
C ALA G 9 -1.73 47.31 50.51
N LEU G 10 -2.77 46.64 51.00
CA LEU G 10 -3.16 46.71 52.38
C LEU G 10 -3.49 45.32 52.91
N THR G 11 -3.25 45.14 54.21
CA THR G 11 -3.57 43.91 54.91
C THR G 11 -4.53 44.22 56.06
N THR G 12 -5.62 43.47 56.15
CA THR G 12 -6.51 43.60 57.30
C THR G 12 -6.95 42.21 57.77
N SER G 13 -7.53 42.11 58.96
CA SER G 13 -8.04 40.84 59.44
C SER G 13 -9.55 40.79 59.28
N PRO G 14 -10.14 39.58 59.29
CA PRO G 14 -11.60 39.51 59.18
C PRO G 14 -12.29 40.28 60.32
N GLY G 15 -13.38 40.96 59.98
CA GLY G 15 -14.15 41.69 60.96
C GLY G 15 -13.70 43.12 61.19
N GLU G 16 -12.52 43.47 60.68
CA GLU G 16 -11.97 44.81 60.80
C GLU G 16 -12.45 45.76 59.72
N THR G 17 -12.29 47.05 59.99
CA THR G 17 -12.62 48.10 59.07
C THR G 17 -11.34 48.45 58.32
N VAL G 18 -11.43 48.52 57.00
CA VAL G 18 -10.31 48.96 56.21
C VAL G 18 -10.77 50.05 55.24
N THR G 19 -9.90 51.02 55.02
CA THR G 19 -10.20 52.17 54.18
C THR G 19 -9.15 52.33 53.10
N LEU G 20 -9.62 52.34 51.86
CA LEU G 20 -8.74 52.53 50.70
C LEU G 20 -8.95 53.94 50.20
N THR G 21 -7.86 54.61 49.81
CA THR G 21 -8.02 55.96 49.30
C THR G 21 -7.58 56.16 47.86
N CYS G 22 -7.95 57.30 47.32
CA CYS G 22 -7.77 57.57 45.92
C CYS G 22 -7.51 59.05 45.78
N ARG G 23 -6.28 59.41 45.39
CA ARG G 23 -5.92 60.82 45.23
C ARG G 23 -5.69 61.26 43.79
N SER G 24 -5.90 62.54 43.55
CA SER G 24 -5.76 63.13 42.24
C SER G 24 -4.55 64.02 42.21
N SER G 25 -3.81 63.92 41.12
CA SER G 25 -2.60 64.71 40.94
C SER G 25 -2.95 66.14 40.54
N SER G 26 -4.23 66.40 40.25
CA SER G 26 -4.69 67.73 39.85
C SER G 26 -5.18 68.60 41.01
N GLY G 27 -5.27 68.02 42.20
CA GLY G 27 -5.87 68.71 43.33
C GLY G 27 -6.90 67.83 44.02
N ALA G 28 -7.84 68.47 44.70
CA ALA G 28 -8.74 67.75 45.56
C ALA G 28 -9.75 66.95 44.73
N VAL G 29 -10.04 65.74 45.18
CA VAL G 29 -11.10 64.93 44.60
C VAL G 29 -12.40 65.54 45.08
N THR G 30 -13.28 65.85 44.14
CA THR G 30 -14.51 66.53 44.46
C THR G 30 -15.71 65.69 43.97
N THR G 31 -16.90 66.05 44.42
CA THR G 31 -18.14 65.45 43.92
C THR G 31 -18.18 65.42 42.40
N SER G 32 -17.54 66.40 41.75
CA SER G 32 -17.55 66.50 40.29
C SER G 32 -16.74 65.42 39.61
N ASN G 33 -15.96 64.68 40.40
CA ASN G 33 -15.14 63.62 39.84
C ASN G 33 -15.92 62.32 39.74
N TYR G 34 -17.09 62.26 40.38
CA TYR G 34 -17.97 61.07 40.35
C TYR G 34 -17.18 59.79 40.53
N ALA G 35 -16.36 59.73 41.58
CA ALA G 35 -15.51 58.59 41.84
C ALA G 35 -16.29 57.27 41.77
N THR G 36 -15.72 56.30 41.07
CA THR G 36 -16.27 54.95 41.02
C THR G 36 -15.24 53.96 41.54
N TRP G 37 -15.70 52.90 42.19
CA TRP G 37 -14.80 51.81 42.56
C TRP G 37 -15.20 50.50 41.91
N VAL G 38 -14.19 49.76 41.43
CA VAL G 38 -14.42 48.44 40.83
C VAL G 38 -13.57 47.38 41.55
N GLN G 39 -14.19 46.23 41.86
CA GLN G 39 -13.49 45.13 42.47
C GLN G 39 -13.08 44.13 41.42
N GLU G 40 -11.83 43.68 41.44
CA GLU G 40 -11.37 42.62 40.54
C GLU G 40 -10.98 41.37 41.31
N LYS G 41 -11.72 40.29 41.14
CA LYS G 41 -11.37 39.04 41.77
C LYS G 41 -10.71 38.15 40.73
N PRO G 42 -9.90 37.17 41.19
CA PRO G 42 -9.23 36.22 40.30
C PRO G 42 -10.11 35.65 39.19
N ASP G 43 -9.51 35.47 38.01
CA ASP G 43 -10.21 35.08 36.78
C ASP G 43 -10.85 36.27 36.12
N HIS G 44 -10.29 37.46 36.40
CA HIS G 44 -10.78 38.72 35.82
C HIS G 44 -12.31 38.82 35.94
N LEU G 45 -12.78 38.73 37.18
CA LEU G 45 -14.18 38.92 37.51
C LEU G 45 -14.32 40.28 38.18
N PHE G 46 -15.03 41.17 37.49
CA PHE G 46 -15.22 42.56 37.92
C PHE G 46 -16.62 42.86 38.47
N THR G 47 -16.68 43.69 39.49
CA THR G 47 -17.94 44.20 40.01
C THR G 47 -17.78 45.67 40.29
N GLY G 48 -18.75 46.44 39.80
CA GLY G 48 -18.87 47.85 40.13
C GLY G 48 -19.42 47.93 41.53
N LEU G 49 -18.74 48.67 42.41
CA LEU G 49 -19.14 48.70 43.81
C LEU G 49 -19.84 50.01 44.18
N ILE G 50 -19.27 51.12 43.73
CA ILE G 50 -19.66 52.44 44.15
C ILE G 50 -19.62 53.36 42.95
N GLY G 51 -20.64 54.23 42.85
CA GLY G 51 -20.68 55.23 41.81
C GLY G 51 -21.01 56.56 42.45
N GLY G 52 -20.67 57.66 41.75
CA GLY G 52 -20.95 59.00 42.23
C GLY G 52 -20.49 59.21 43.67
N THR G 53 -19.27 58.77 43.95
CA THR G 53 -18.59 59.02 45.22
C THR G 53 -19.09 58.14 46.38
N ASN G 54 -20.40 58.07 46.55
CA ASN G 54 -20.94 57.47 47.77
C ASN G 54 -22.24 56.67 47.57
N LYS G 55 -22.53 56.28 46.34
CA LYS G 55 -23.72 55.50 46.10
C LYS G 55 -23.34 54.04 45.82
N ARG G 56 -23.83 53.15 46.67
CA ARG G 56 -23.60 51.71 46.55
C ARG G 56 -24.44 51.16 45.42
N ALA G 57 -23.82 50.36 44.55
CA ALA G 57 -24.50 49.73 43.40
C ALA G 57 -25.49 48.65 43.86
N PRO G 58 -26.56 48.42 43.08
CA PRO G 58 -27.47 47.31 43.46
C PRO G 58 -26.76 45.96 43.54
N GLY G 59 -27.12 45.16 44.54
CA GLY G 59 -26.53 43.85 44.76
C GLY G 59 -25.30 43.85 45.68
N VAL G 60 -24.55 44.95 45.65
CA VAL G 60 -23.33 45.09 46.44
C VAL G 60 -23.64 45.02 47.95
N PRO G 61 -22.87 44.22 48.72
CA PRO G 61 -23.07 44.10 50.17
C PRO G 61 -22.95 45.43 50.92
N ALA G 62 -23.78 45.57 51.94
CA ALA G 62 -23.88 46.80 52.73
C ALA G 62 -22.56 47.27 53.39
N ARG G 63 -21.62 46.33 53.56
CA ARG G 63 -20.34 46.62 54.21
C ARG G 63 -19.40 47.54 53.38
N PHE G 64 -19.72 47.77 52.10
CA PHE G 64 -18.94 48.68 51.26
C PHE G 64 -19.62 50.02 51.24
N SER G 65 -18.85 51.09 51.45
CA SER G 65 -19.38 52.43 51.28
C SER G 65 -18.29 53.34 50.77
N GLY G 66 -18.68 54.47 50.19
CA GLY G 66 -17.74 55.41 49.61
C GLY G 66 -17.95 56.77 50.23
N SER G 67 -16.89 57.55 50.29
CA SER G 67 -16.99 58.90 50.79
C SER G 67 -15.75 59.69 50.41
N LEU G 68 -15.70 60.94 50.85
CA LEU G 68 -14.51 61.76 50.74
C LEU G 68 -13.81 61.85 52.12
N ILE G 69 -12.49 61.71 52.13
CA ILE G 69 -11.68 61.96 53.33
C ILE G 69 -10.58 62.93 52.91
N GLY G 70 -10.60 64.11 53.49
CA GLY G 70 -9.71 65.19 53.06
C GLY G 70 -9.80 65.44 51.56
N ASP G 71 -8.64 65.38 50.89
CA ASP G 71 -8.54 65.64 49.44
C ASP G 71 -8.86 64.43 48.59
N ARG G 72 -9.21 63.30 49.23
CA ARG G 72 -9.32 62.03 48.51
C ARG G 72 -10.72 61.40 48.52
N ALA G 73 -10.94 60.52 47.56
CA ALA G 73 -12.07 59.61 47.58
C ALA G 73 -11.66 58.42 48.42
N ALA G 74 -12.61 57.83 49.12
CA ALA G 74 -12.32 56.65 49.93
C ALA G 74 -13.37 55.57 49.74
N LEU G 75 -12.91 54.32 49.76
CA LEU G 75 -13.76 53.14 49.87
C LEU G 75 -13.54 52.54 51.25
N THR G 76 -14.61 52.36 51.99
CA THR G 76 -14.53 51.75 53.32
C THR G 76 -15.19 50.37 53.30
N ILE G 77 -14.48 49.38 53.83
CA ILE G 77 -15.07 48.08 54.09
C ILE G 77 -15.16 47.89 55.59
N THR G 78 -16.39 47.80 56.09
CA THR G 78 -16.62 47.61 57.51
C THR G 78 -16.90 46.14 57.73
N GLY G 79 -16.09 45.49 58.57
CA GLY G 79 -16.23 44.06 58.84
C GLY G 79 -15.79 43.26 57.62
N ALA G 80 -14.52 43.39 57.22
CA ALA G 80 -13.99 42.68 56.06
C ALA G 80 -14.15 41.17 56.19
N GLN G 81 -14.49 40.53 55.08
CA GLN G 81 -14.66 39.09 55.00
C GLN G 81 -13.53 38.51 54.13
N THR G 82 -13.29 37.21 54.24
CA THR G 82 -12.26 36.58 53.44
C THR G 82 -12.57 36.75 51.95
N GLU G 83 -13.85 36.65 51.59
CA GLU G 83 -14.31 36.86 50.21
C GLU G 83 -13.97 38.23 49.63
N ASP G 84 -13.47 39.15 50.44
CA ASP G 84 -13.15 40.51 49.98
C ASP G 84 -11.72 40.65 49.50
N GLU G 85 -11.01 39.52 49.46
CA GLU G 85 -9.65 39.44 48.95
C GLU G 85 -9.71 39.78 47.48
N ALA G 86 -9.00 40.81 47.05
CA ALA G 86 -9.13 41.27 45.66
C ALA G 86 -8.26 42.49 45.37
N ILE G 87 -8.28 42.94 44.13
CA ILE G 87 -7.73 44.26 43.81
C ILE G 87 -8.88 45.25 43.59
N TYR G 88 -8.77 46.40 44.23
CA TYR G 88 -9.78 47.42 44.11
C TYR G 88 -9.23 48.60 43.33
N PHE G 89 -9.94 48.96 42.28
CA PHE G 89 -9.59 50.06 41.42
C PHE G 89 -10.51 51.22 41.64
N CYS G 90 -9.91 52.37 41.84
CA CYS G 90 -10.59 53.64 41.88
C CYS G 90 -10.58 54.23 40.46
N ALA G 91 -11.60 55.01 40.12
CA ALA G 91 -11.61 55.75 38.85
C ALA G 91 -12.22 57.12 39.03
N LEU G 92 -11.63 58.13 38.39
CA LEU G 92 -12.17 59.50 38.40
C LEU G 92 -12.50 60.03 37.02
N TRP G 93 -13.63 60.75 36.92
CA TRP G 93 -14.05 61.39 35.66
C TRP G 93 -13.43 62.77 35.57
N ASN G 94 -12.68 62.97 34.50
CA ASN G 94 -11.98 64.21 34.28
C ASN G 94 -12.63 64.90 33.09
N SER G 95 -13.78 65.52 33.36
CA SER G 95 -14.68 66.06 32.32
C SER G 95 -15.17 64.94 31.40
N ASN G 96 -14.56 64.88 30.21
CA ASN G 96 -14.92 63.92 29.18
C ASN G 96 -14.47 62.47 29.42
N HIS G 97 -13.40 62.25 30.17
CA HIS G 97 -12.82 60.92 30.19
C HIS G 97 -12.54 60.36 31.58
N LEU G 98 -12.65 59.05 31.69
CA LEU G 98 -12.48 58.33 32.94
C LEU G 98 -11.03 57.91 33.10
N VAL G 99 -10.49 58.04 34.31
CA VAL G 99 -9.10 57.69 34.62
C VAL G 99 -9.03 56.76 35.85
N PHE G 100 -8.55 55.56 35.62
CA PHE G 100 -8.34 54.59 36.71
C PHE G 100 -7.09 54.85 37.53
N GLY G 101 -7.20 54.58 38.83
CA GLY G 101 -6.04 54.39 39.68
C GLY G 101 -5.32 53.11 39.32
N GLY G 102 -4.14 52.91 39.89
CA GLY G 102 -3.36 51.70 39.68
C GLY G 102 -3.88 50.46 40.40
N GLY G 103 -4.77 50.63 41.37
CA GLY G 103 -5.31 49.48 42.09
C GLY G 103 -4.61 49.20 43.41
N THR G 104 -5.39 48.65 44.34
CA THR G 104 -4.91 48.30 45.66
C THR G 104 -5.24 46.86 45.93
N LYS G 105 -4.22 46.08 46.17
CA LYS G 105 -4.40 44.68 46.48
C LYS G 105 -4.74 44.57 47.95
N LEU G 106 -5.86 43.94 48.25
CA LEU G 106 -6.25 43.75 49.65
C LEU G 106 -6.01 42.32 50.09
N GLU G 107 -5.10 42.16 51.05
CA GLU G 107 -4.83 40.87 51.64
C GLU G 107 -5.59 40.71 52.97
N ILE G 108 -6.20 39.54 53.18
CA ILE G 108 -6.82 39.23 54.46
C ILE G 108 -5.90 38.34 55.30
N LYS G 109 -5.60 38.81 56.52
CA LYS G 109 -4.69 38.11 57.42
C LYS G 109 -5.33 36.82 57.93
N ARG G 110 -4.51 35.77 58.09
CA ARG G 110 -4.93 34.55 58.80
C ARG G 110 -3.80 33.95 59.65
N THR G 111 -4.10 32.90 60.40
CA THR G 111 -3.08 32.24 61.19
C THR G 111 -2.02 31.69 60.24
N VAL G 112 -0.79 31.60 60.71
CA VAL G 112 0.30 31.09 59.88
C VAL G 112 0.03 29.64 59.47
N ALA G 113 0.37 29.29 58.23
CA ALA G 113 0.15 27.95 57.72
C ALA G 113 1.34 27.55 56.84
N ALA G 114 1.98 26.43 57.19
CA ALA G 114 3.16 25.95 56.49
C ALA G 114 2.80 25.30 55.17
N PRO G 115 3.65 25.47 54.17
CA PRO G 115 3.32 24.81 52.91
C PRO G 115 3.44 23.28 52.99
N SER G 116 2.60 22.58 52.25
CA SER G 116 2.85 21.21 51.89
C SER G 116 3.78 21.31 50.70
N VAL G 117 4.81 20.48 50.67
CA VAL G 117 5.82 20.54 49.62
C VAL G 117 5.87 19.25 48.81
N PHE G 118 5.95 19.38 47.49
CA PHE G 118 6.00 18.24 46.58
C PHE G 118 7.05 18.49 45.51
N ILE G 119 7.74 17.43 45.10
CA ILE G 119 8.70 17.53 44.02
C ILE G 119 8.33 16.55 42.92
N PHE G 120 8.53 16.97 41.68
CA PHE G 120 8.12 16.19 40.53
C PHE G 120 9.28 16.07 39.59
N PRO G 121 9.66 14.83 39.29
CA PRO G 121 10.71 14.56 38.30
C PRO G 121 10.22 14.91 36.88
N PRO G 122 11.12 15.13 35.92
CA PRO G 122 10.60 15.31 34.56
C PRO G 122 10.01 13.99 34.06
N SER G 123 9.07 14.07 33.13
CA SER G 123 8.45 12.87 32.62
C SER G 123 9.32 12.24 31.55
N ASP G 124 9.06 10.98 31.25
CA ASP G 124 9.74 10.29 30.17
C ASP G 124 9.53 10.97 28.83
N GLU G 125 8.32 11.48 28.59
CA GLU G 125 8.02 12.17 27.33
C GLU G 125 8.91 13.39 27.14
N GLN G 126 9.09 14.19 28.19
CA GLN G 126 9.91 15.40 28.06
C GLN G 126 11.34 15.05 27.71
N LEU G 127 11.86 14.01 28.33
CA LEU G 127 13.24 13.61 28.17
C LEU G 127 13.54 13.17 26.72
N LYS G 128 12.57 12.56 26.06
CA LYS G 128 12.69 12.25 24.65
C LYS G 128 13.04 13.51 23.83
N SER G 129 12.65 14.67 24.34
CA SER G 129 12.73 15.94 23.60
C SER G 129 14.04 16.74 23.81
N GLY G 130 14.88 16.32 24.74
CA GLY G 130 16.17 17.00 24.93
C GLY G 130 16.28 17.93 26.12
N THR G 131 15.14 18.22 26.76
CA THR G 131 15.13 19.06 27.97
C THR G 131 14.49 18.34 29.16
N ALA G 132 14.78 18.85 30.36
CA ALA G 132 14.30 18.26 31.62
C ALA G 132 13.83 19.33 32.59
N SER G 133 12.56 19.28 32.96
CA SER G 133 12.03 20.20 33.93
C SER G 133 11.75 19.47 35.23
N VAL G 134 12.22 20.05 36.32
CA VAL G 134 11.90 19.54 37.63
C VAL G 134 10.97 20.58 38.26
N VAL G 135 9.83 20.13 38.77
CA VAL G 135 8.89 21.07 39.38
C VAL G 135 8.74 20.84 40.86
N CYS G 136 8.71 21.95 41.58
CA CYS G 136 8.48 21.94 43.02
C CYS G 136 7.22 22.73 43.38
N LEU G 137 6.37 22.10 44.20
CA LEU G 137 5.09 22.70 44.58
C LEU G 137 4.99 22.96 46.08
N LEU G 138 4.71 24.22 46.42
CA LEU G 138 4.44 24.63 47.80
C LEU G 138 2.98 24.99 47.87
N ASN G 139 2.21 24.17 48.56
CA ASN G 139 0.76 24.29 48.52
C ASN G 139 0.12 24.86 49.80
N ASN G 140 -0.75 25.84 49.63
CA ASN G 140 -1.61 26.39 50.69
C ASN G 140 -0.89 26.93 51.92
N PHE G 141 -0.03 27.92 51.73
CA PHE G 141 0.69 28.54 52.85
C PHE G 141 0.30 30.00 53.13
N TYR G 142 0.69 30.47 54.32
CA TYR G 142 0.53 31.87 54.72
C TYR G 142 1.51 32.21 55.85
N PRO G 143 2.17 33.38 55.77
CA PRO G 143 2.10 34.42 54.74
C PRO G 143 2.80 34.07 53.42
N ARG G 144 2.85 35.06 52.53
CA ARG G 144 3.33 34.89 51.18
C ARG G 144 4.82 34.57 51.06
N GLU G 145 5.67 35.19 51.88
CA GLU G 145 7.13 35.03 51.77
C GLU G 145 7.59 33.58 51.95
N ALA G 146 8.29 33.08 50.94
CA ALA G 146 8.74 31.71 50.92
C ALA G 146 10.01 31.65 50.10
N LYS G 147 11.01 30.94 50.59
CA LYS G 147 12.22 30.71 49.85
C LYS G 147 12.28 29.26 49.37
N VAL G 148 12.61 29.10 48.09
CA VAL G 148 12.82 27.81 47.48
C VAL G 148 14.25 27.78 46.98
N GLN G 149 14.98 26.73 47.39
CA GLN G 149 16.32 26.49 46.90
C GLN G 149 16.40 25.15 46.21
N TRP G 150 17.02 25.16 45.04
CA TRP G 150 17.23 23.94 44.28
C TRP G 150 18.66 23.42 44.49
N LYS G 151 18.76 22.11 44.72
CA LYS G 151 20.05 21.45 44.85
C LYS G 151 20.14 20.23 43.93
N VAL G 152 21.28 20.10 43.26
CA VAL G 152 21.53 18.99 42.35
C VAL G 152 22.82 18.35 42.82
N ASP G 153 22.72 17.11 43.31
CA ASP G 153 23.83 16.43 44.01
C ASP G 153 24.43 17.33 45.08
N ASN G 154 23.55 18.01 45.81
CA ASN G 154 23.89 18.92 46.90
C ASN G 154 24.55 20.25 46.51
N ALA G 155 24.58 20.55 45.21
CA ALA G 155 25.07 21.84 44.74
C ALA G 155 23.92 22.83 44.51
N LEU G 156 24.02 23.98 45.17
CA LEU G 156 23.02 25.06 45.06
C LEU G 156 22.92 25.59 43.62
N GLN G 157 21.71 25.54 43.07
CA GLN G 157 21.45 26.03 41.72
C GLN G 157 21.22 27.54 41.69
N SER G 158 21.61 28.18 40.60
CA SER G 158 21.41 29.61 40.44
C SER G 158 21.15 29.99 38.97
N GLY G 159 20.05 30.71 38.72
CA GLY G 159 19.77 31.27 37.40
C GLY G 159 19.18 30.30 36.39
N ASN G 160 18.69 29.16 36.86
CA ASN G 160 18.07 28.17 36.00
C ASN G 160 16.71 27.68 36.55
N SER G 161 16.07 28.54 37.32
CA SER G 161 14.78 28.24 37.85
C SER G 161 13.87 29.46 37.76
N GLN G 162 12.57 29.19 37.72
CA GLN G 162 11.58 30.24 37.64
C GLN G 162 10.43 29.82 38.50
N GLU G 163 9.66 30.82 38.92
CA GLU G 163 8.76 30.68 40.03
C GLU G 163 7.51 31.52 39.76
N SER G 164 6.40 31.11 40.35
CA SER G 164 5.12 31.72 40.08
C SER G 164 4.20 31.48 41.29
N VAL G 165 3.45 32.49 41.69
CA VAL G 165 2.59 32.35 42.87
C VAL G 165 1.12 32.73 42.56
N THR G 166 0.18 31.94 43.09
CA THR G 166 -1.24 32.20 42.90
C THR G 166 -1.69 33.44 43.71
N GLU G 167 -2.81 34.05 43.32
CA GLU G 167 -3.44 35.06 44.17
C GLU G 167 -3.97 34.41 45.45
N GLN G 168 -4.16 35.20 46.49
CA GLN G 168 -4.70 34.68 47.75
C GLN G 168 -6.05 33.98 47.53
N ASP G 169 -6.17 32.77 48.02
CA ASP G 169 -7.40 32.02 47.86
C ASP G 169 -8.55 32.62 48.67
N SER G 170 -9.72 32.75 48.06
CA SER G 170 -10.83 33.49 48.68
C SER G 170 -11.49 32.75 49.82
N LYS G 171 -11.17 31.47 49.97
CA LYS G 171 -11.78 30.66 50.99
C LYS G 171 -10.89 30.43 52.18
N ASP G 172 -9.67 29.91 51.96
CA ASP G 172 -8.77 29.64 53.06
C ASP G 172 -7.66 30.71 53.26
N SER G 173 -7.63 31.70 52.39
CA SER G 173 -6.68 32.83 52.50
C SER G 173 -5.21 32.44 52.34
N THR G 174 -4.95 31.33 51.68
CA THR G 174 -3.59 30.84 51.51
C THR G 174 -3.06 31.19 50.12
N TYR G 175 -1.74 30.98 49.95
CA TYR G 175 -1.08 31.13 48.67
C TYR G 175 -0.55 29.77 48.30
N SER G 176 -0.30 29.59 47.02
CA SER G 176 0.44 28.45 46.53
C SER G 176 1.53 28.92 45.57
N LEU G 177 2.63 28.17 45.49
CA LEU G 177 3.76 28.53 44.64
C LEU G 177 4.28 27.32 43.87
N SER G 178 4.71 27.57 42.63
CA SER G 178 5.31 26.55 41.76
C SER G 178 6.62 27.05 41.23
N SER G 179 7.64 26.20 41.32
CA SER G 179 8.99 26.49 40.82
C SER G 179 9.45 25.41 39.85
N THR G 180 10.02 25.85 38.73
CA THR G 180 10.56 24.95 37.71
C THR G 180 12.08 25.11 37.56
N LEU G 181 12.79 24.02 37.76
CA LEU G 181 14.20 23.96 37.48
C LEU G 181 14.33 23.42 36.06
N THR G 182 14.93 24.17 35.14
CA THR G 182 15.15 23.64 33.79
C THR G 182 16.63 23.40 33.52
N LEU G 183 16.95 22.17 33.15
CA LEU G 183 18.28 21.81 32.71
C LEU G 183 18.21 20.96 31.46
N SER G 184 19.33 20.84 30.74
CA SER G 184 19.43 19.95 29.56
C SER G 184 19.33 18.48 29.94
N LYS G 185 18.85 17.66 29.00
CA LYS G 185 18.78 16.21 29.19
C LYS G 185 20.16 15.65 29.58
N ALA G 186 21.20 16.11 28.89
CA ALA G 186 22.57 15.66 29.16
C ALA G 186 22.95 15.93 30.61
N ASP G 187 22.71 17.17 31.04
CA ASP G 187 23.01 17.63 32.38
C ASP G 187 22.17 16.86 33.42
N TYR G 188 20.90 16.64 33.12
CA TYR G 188 20.02 15.88 34.00
C TYR G 188 20.51 14.44 34.19
N GLU G 189 20.99 13.83 33.12
CA GLU G 189 21.41 12.45 33.24
C GLU G 189 22.79 12.26 33.89
N LYS G 190 23.54 13.35 34.06
CA LYS G 190 24.84 13.27 34.76
C LYS G 190 24.71 13.23 36.30
N HIS G 191 23.56 13.64 36.82
CA HIS G 191 23.40 13.79 38.26
C HIS G 191 22.34 12.86 38.86
N LYS G 192 22.45 12.58 40.16
CA LYS G 192 21.53 11.63 40.79
C LYS G 192 20.50 12.28 41.72
N VAL G 193 20.92 13.17 42.60
CA VAL G 193 20.05 13.65 43.65
C VAL G 193 19.42 15.00 43.30
N TYR G 194 18.09 15.05 43.35
CA TYR G 194 17.38 16.26 43.01
C TYR G 194 16.54 16.69 44.19
N ALA G 195 16.83 17.89 44.70
CA ALA G 195 16.25 18.35 45.95
C ALA G 195 15.62 19.76 45.90
N CYS G 196 14.46 19.85 46.52
CA CYS G 196 13.75 21.10 46.66
C CYS G 196 13.78 21.47 48.16
N GLU G 197 14.41 22.59 48.49
CA GLU G 197 14.51 23.03 49.90
C GLU G 197 13.70 24.28 50.20
N VAL G 198 12.80 24.16 51.16
CA VAL G 198 11.82 25.20 51.40
C VAL G 198 11.90 25.80 52.80
N THR G 199 11.96 27.11 52.85
CA THR G 199 11.95 27.80 54.11
C THR G 199 10.77 28.76 54.21
N HIS G 200 10.15 28.82 55.38
CA HIS G 200 8.91 29.56 55.56
C HIS G 200 8.62 29.74 57.06
N GLN G 201 7.96 30.84 57.41
CA GLN G 201 7.70 31.14 58.81
C GLN G 201 7.01 30.03 59.59
N GLY G 202 6.21 29.22 58.91
CA GLY G 202 5.48 28.14 59.56
C GLY G 202 6.29 26.87 59.78
N LEU G 203 7.54 26.84 59.33
CA LEU G 203 8.38 25.67 59.54
C LEU G 203 9.54 26.01 60.44
N SER G 204 9.71 25.23 61.50
CA SER G 204 10.76 25.51 62.49
C SER G 204 12.14 25.21 61.93
N SER G 205 12.19 24.52 60.80
CA SER G 205 13.42 24.20 60.11
C SER G 205 13.06 23.90 58.68
N PRO G 206 13.97 24.17 57.73
CA PRO G 206 13.67 23.93 56.31
C PRO G 206 13.22 22.49 55.99
N VAL G 207 12.29 22.37 55.06
CA VAL G 207 11.79 21.09 54.63
C VAL G 207 12.38 20.82 53.24
N THR G 208 12.92 19.62 53.06
CA THR G 208 13.50 19.22 51.79
C THR G 208 12.76 18.00 51.25
N LYS G 209 12.37 18.10 49.98
CA LYS G 209 11.85 16.97 49.24
C LYS G 209 12.81 16.69 48.12
N SER G 210 13.09 15.41 47.91
CA SER G 210 14.03 15.02 46.87
C SER G 210 13.63 13.71 46.21
N PHE G 211 14.30 13.39 45.11
CA PHE G 211 14.19 12.09 44.50
C PHE G 211 15.53 11.80 43.84
N ASN G 212 15.79 10.53 43.61
CA ASN G 212 16.96 10.11 42.82
C ASN G 212 16.54 9.72 41.43
N ARG G 213 17.24 10.25 40.44
CA ARG G 213 16.98 9.87 39.06
C ARG G 213 17.17 8.36 38.86
N GLY G 214 16.14 7.71 38.31
CA GLY G 214 16.15 6.26 38.14
C GLY G 214 15.39 5.54 39.23
N GLU G 215 14.41 6.23 39.83
CA GLU G 215 13.51 5.71 40.88
C GLU G 215 14.22 5.73 42.22
N GLU H 1 -28.73 36.41 34.10
CA GLU H 1 -28.92 36.29 32.63
C GLU H 1 -28.15 37.36 31.83
N VAL H 2 -27.57 38.36 32.49
CA VAL H 2 -26.80 39.38 31.79
C VAL H 2 -25.55 38.74 31.18
N LYS H 3 -25.38 38.84 29.86
CA LYS H 3 -24.24 38.22 29.19
C LYS H 3 -23.55 39.18 28.25
N LEU H 4 -22.23 39.19 28.31
CA LEU H 4 -21.40 39.98 27.42
C LEU H 4 -20.26 39.09 26.91
N LEU H 5 -20.42 38.56 25.69
CA LEU H 5 -19.41 37.69 25.09
C LEU H 5 -18.57 38.42 24.05
N GLU H 6 -17.27 38.51 24.32
CA GLU H 6 -16.31 39.13 23.40
C GLU H 6 -15.70 38.11 22.43
N SER H 7 -15.23 38.61 21.28
CA SER H 7 -14.44 37.82 20.33
C SER H 7 -13.61 38.73 19.44
N GLY H 8 -12.76 38.13 18.62
CA GLY H 8 -11.91 38.87 17.70
C GLY H 8 -10.46 38.99 18.13
N GLY H 9 -10.13 38.49 19.32
CA GLY H 9 -8.74 38.57 19.76
C GLY H 9 -7.82 37.52 19.14
N GLY H 10 -6.60 37.44 19.67
CA GLY H 10 -5.58 36.54 19.17
C GLY H 10 -4.31 37.27 18.79
N LEU H 11 -3.50 36.64 17.94
CA LEU H 11 -2.22 37.21 17.55
C LEU H 11 -2.41 38.20 16.42
N ALA H 12 -1.83 39.38 16.58
CA ALA H 12 -1.85 40.41 15.55
C ALA H 12 -0.44 40.91 15.29
N GLN H 13 -0.15 41.20 14.02
CA GLN H 13 1.18 41.67 13.67
C GLN H 13 1.31 43.16 13.97
N PRO H 14 2.51 43.59 14.42
CA PRO H 14 2.73 45.03 14.66
C PRO H 14 2.38 45.86 13.42
N GLY H 15 1.76 47.01 13.64
CA GLY H 15 1.34 47.87 12.55
C GLY H 15 0.00 47.48 11.94
N GLY H 16 -0.47 46.27 12.23
CA GLY H 16 -1.75 45.79 11.73
C GLY H 16 -2.97 46.37 12.45
N SER H 17 -4.15 45.95 12.02
CA SER H 17 -5.37 46.35 12.69
C SER H 17 -6.21 45.12 13.06
N LEU H 18 -7.16 45.31 13.97
CA LEU H 18 -7.97 44.20 14.46
C LEU H 18 -9.31 44.74 14.94
N LYS H 19 -10.36 43.94 14.73
CA LYS H 19 -11.71 44.32 15.09
C LYS H 19 -12.23 43.41 16.20
N LEU H 20 -12.43 43.97 17.39
CA LEU H 20 -13.04 43.22 18.47
C LEU H 20 -14.53 43.44 18.49
N SER H 21 -15.28 42.45 18.93
CA SER H 21 -16.72 42.60 19.00
C SER H 21 -17.28 41.99 20.27
N CYS H 22 -18.48 42.43 20.62
CA CYS H 22 -19.09 42.00 21.86
C CYS H 22 -20.58 41.91 21.66
N ALA H 23 -21.13 40.72 21.91
CA ALA H 23 -22.56 40.51 21.81
C ALA H 23 -23.20 40.49 23.20
N ALA H 24 -24.29 41.22 23.35
CA ALA H 24 -24.96 41.36 24.64
C ALA H 24 -26.35 40.71 24.67
N SER H 25 -26.75 40.23 25.85
CA SER H 25 -28.11 39.72 26.09
C SER H 25 -28.51 39.82 27.56
N GLY H 26 -29.81 39.71 27.82
CA GLY H 26 -30.34 39.72 29.20
C GLY H 26 -30.69 41.10 29.73
N PHE H 27 -30.47 42.13 28.92
CA PHE H 27 -30.87 43.50 29.26
C PHE H 27 -31.19 44.29 27.99
N ASP H 28 -31.80 45.46 28.15
CA ASP H 28 -32.23 46.30 27.03
C ASP H 28 -31.05 47.08 26.44
N PHE H 29 -30.20 46.39 25.67
CA PHE H 29 -28.97 46.96 25.11
C PHE H 29 -29.16 48.34 24.45
N ARG H 30 -30.28 48.54 23.76
CA ARG H 30 -30.62 49.80 23.11
C ARG H 30 -30.49 51.02 24.03
N ARG H 31 -30.73 50.81 25.33
CA ARG H 31 -30.88 51.90 26.29
C ARG H 31 -29.61 52.29 27.04
N TYR H 32 -28.55 51.49 26.90
CA TYR H 32 -27.35 51.65 27.72
C TYR H 32 -26.13 52.20 26.99
N TRP H 33 -25.42 53.09 27.67
CA TRP H 33 -24.06 53.45 27.29
C TRP H 33 -23.18 52.20 27.43
N MET H 34 -22.21 52.05 26.54
CA MET H 34 -21.27 50.93 26.60
C MET H 34 -19.83 51.42 26.60
N THR H 35 -18.94 50.64 27.22
CA THR H 35 -17.55 51.00 27.46
C THR H 35 -16.59 49.88 27.09
N TRP H 36 -15.43 50.26 26.55
CA TRP H 36 -14.27 49.36 26.43
C TRP H 36 -13.17 49.73 27.45
N VAL H 37 -12.69 48.70 28.17
CA VAL H 37 -11.59 48.83 29.12
C VAL H 37 -10.56 47.77 28.78
N ARG H 38 -9.27 48.05 29.01
CA ARG H 38 -8.21 47.05 28.79
C ARG H 38 -7.24 46.90 29.96
N GLN H 39 -6.59 45.74 29.99
CA GLN H 39 -5.61 45.45 31.02
C GLN H 39 -4.42 44.65 30.47
N ALA H 40 -3.25 45.28 30.44
CA ALA H 40 -2.02 44.62 30.00
C ALA H 40 -1.55 43.64 31.09
N PRO H 41 -0.81 42.59 30.71
CA PRO H 41 -0.44 41.56 31.71
C PRO H 41 0.30 42.13 32.92
N GLY H 42 -0.19 41.76 34.11
CA GLY H 42 0.37 42.22 35.39
C GLY H 42 0.14 43.68 35.73
N LYS H 43 -0.62 44.42 34.87
CA LYS H 43 -0.82 45.87 35.08
C LYS H 43 -2.27 46.23 35.41
N GLY H 44 -2.54 47.53 35.54
CA GLY H 44 -3.84 47.99 35.98
C GLY H 44 -4.84 48.13 34.85
N LEU H 45 -6.00 48.71 35.16
CA LEU H 45 -7.04 48.92 34.17
C LEU H 45 -6.82 50.24 33.47
N GLU H 46 -7.31 50.30 32.24
CA GLU H 46 -7.20 51.48 31.43
C GLU H 46 -8.46 51.60 30.59
N TRP H 47 -9.13 52.72 30.76
CA TRP H 47 -10.34 53.07 30.01
C TRP H 47 -10.01 53.45 28.59
N ILE H 48 -10.67 52.83 27.62
CA ILE H 48 -10.49 53.15 26.22
C ILE H 48 -11.49 54.23 25.79
N GLY H 49 -12.78 53.96 26.02
CA GLY H 49 -13.84 54.89 25.66
C GLY H 49 -15.26 54.43 25.94
N GLU H 50 -16.21 55.30 25.58
CA GLU H 50 -17.64 55.10 25.79
C GLU H 50 -18.37 55.33 24.49
N ILE H 51 -19.55 54.73 24.36
CA ILE H 51 -20.47 55.11 23.29
C ILE H 51 -21.89 55.21 23.85
N ASN H 52 -22.56 56.28 23.45
CA ASN H 52 -23.98 56.54 23.63
C ASN H 52 -24.88 55.48 22.97
N PRO H 53 -26.13 55.29 23.46
CA PRO H 53 -27.15 54.49 22.76
C PRO H 53 -27.31 54.78 21.26
N ASP H 54 -27.28 56.06 20.88
CA ASP H 54 -27.52 56.45 19.48
C ASP H 54 -26.24 56.77 18.67
N SER H 55 -25.08 56.46 19.26
CA SER H 55 -23.77 56.61 18.60
C SER H 55 -23.39 58.06 18.30
N ARG H 56 -24.13 59.02 18.84
CA ARG H 56 -23.87 60.45 18.62
C ARG H 56 -22.79 60.99 19.56
N THR H 57 -22.57 60.28 20.67
CA THR H 57 -21.54 60.64 21.63
C THR H 57 -20.56 59.48 21.79
N ILE H 58 -19.34 59.69 21.32
CA ILE H 58 -18.28 58.74 21.56
C ILE H 58 -17.09 59.45 22.21
N ASN H 59 -16.74 59.02 23.41
CA ASN H 59 -15.61 59.58 24.15
C ASN H 59 -14.45 58.60 24.19
N TYR H 60 -13.25 59.12 24.00
CA TYR H 60 -12.04 58.30 23.95
C TYR H 60 -11.01 58.80 24.93
N MET H 61 -10.16 57.88 25.41
CA MET H 61 -8.97 58.26 26.14
C MET H 61 -8.20 59.17 25.20
N PRO H 62 -7.86 60.38 25.65
CA PRO H 62 -7.47 61.46 24.70
C PRO H 62 -6.29 61.04 23.84
N SER H 63 -5.49 60.14 24.40
CA SER H 63 -4.32 59.59 23.75
C SER H 63 -4.69 58.75 22.54
N LEU H 64 -5.75 57.96 22.69
CA LEU H 64 -6.15 56.95 21.68
C LEU H 64 -7.22 57.39 20.69
N LYS H 65 -7.51 58.70 20.67
CA LYS H 65 -8.55 59.28 19.82
C LYS H 65 -8.54 58.80 18.35
N ASP H 66 -7.37 58.74 17.73
CA ASP H 66 -7.27 58.45 16.29
C ASP H 66 -6.59 57.14 15.96
N LYS H 67 -6.78 56.17 16.84
CA LYS H 67 -6.16 54.86 16.76
C LYS H 67 -7.22 53.81 17.05
N PHE H 68 -8.18 54.15 17.92
CA PHE H 68 -9.32 53.27 18.21
C PHE H 68 -10.63 53.85 17.68
N ILE H 69 -11.49 52.98 17.18
CA ILE H 69 -12.83 53.37 16.78
C ILE H 69 -13.82 52.47 17.48
N ILE H 70 -14.73 53.10 18.22
CA ILE H 70 -15.83 52.41 18.88
C ILE H 70 -17.11 52.60 18.08
N SER H 71 -17.83 51.51 17.88
CA SER H 71 -19.14 51.56 17.23
C SER H 71 -20.05 50.52 17.88
N ARG H 72 -21.31 50.53 17.49
CA ARG H 72 -22.30 49.61 18.02
C ARG H 72 -23.40 49.38 16.98
N ASP H 73 -24.12 48.28 17.14
CA ASP H 73 -25.22 47.92 16.27
C ASP H 73 -26.37 47.44 17.17
N ASN H 74 -27.31 48.34 17.44
CA ASN H 74 -28.40 48.04 18.36
C ASN H 74 -29.31 46.89 17.92
N ALA H 75 -29.44 46.71 16.60
CA ALA H 75 -30.22 45.62 16.02
C ALA H 75 -29.64 44.24 16.32
N LYS H 76 -28.32 44.18 16.53
CA LYS H 76 -27.63 42.92 16.84
C LYS H 76 -27.15 42.87 18.29
N ASN H 77 -27.63 43.81 19.12
CA ASN H 77 -27.18 43.93 20.51
C ASN H 77 -25.68 43.79 20.68
N SER H 78 -24.92 44.45 19.80
CA SER H 78 -23.48 44.27 19.79
C SER H 78 -22.64 45.56 19.77
N LEU H 79 -21.44 45.45 20.32
CA LEU H 79 -20.53 46.57 20.46
C LEU H 79 -19.22 46.19 19.81
N TYR H 80 -18.55 47.18 19.23
CA TYR H 80 -17.36 46.92 18.44
C TYR H 80 -16.20 47.82 18.82
N LEU H 81 -14.99 47.29 18.65
CA LEU H 81 -13.77 48.07 18.84
C LEU H 81 -12.76 47.76 17.74
N GLN H 82 -12.41 48.80 16.98
CA GLN H 82 -11.44 48.68 15.91
C GLN H 82 -10.10 49.24 16.39
N LEU H 83 -9.10 48.37 16.41
CA LEU H 83 -7.75 48.74 16.84
C LEU H 83 -6.89 48.87 15.58
N SER H 84 -6.15 49.97 15.47
CA SER H 84 -5.28 50.16 14.32
C SER H 84 -3.86 50.50 14.77
N ARG H 85 -2.93 50.47 13.83
CA ARG H 85 -1.51 50.76 14.09
C ARG H 85 -1.03 50.10 15.39
N LEU H 86 -1.23 48.79 15.46
CA LEU H 86 -0.93 48.02 16.67
C LEU H 86 0.56 47.93 17.02
N ARG H 87 0.88 48.17 18.30
CA ARG H 87 2.23 47.96 18.82
C ARG H 87 2.15 47.06 20.04
N SER H 88 3.31 46.66 20.58
CA SER H 88 3.31 45.73 21.70
C SER H 88 2.68 46.29 22.98
N GLU H 89 2.60 47.62 23.08
CA GLU H 89 1.85 48.32 24.14
C GLU H 89 0.36 47.98 24.14
N ASP H 90 -0.17 47.56 23.00
CA ASP H 90 -1.59 47.25 22.90
C ASP H 90 -1.93 45.81 23.26
N SER H 91 -0.91 45.03 23.60
CA SER H 91 -1.12 43.64 24.04
C SER H 91 -1.81 43.69 25.37
N ALA H 92 -3.02 43.17 25.44
CA ALA H 92 -3.80 43.25 26.66
C ALA H 92 -5.02 42.36 26.61
N LEU H 93 -5.71 42.26 27.74
CA LEU H 93 -7.08 41.77 27.76
C LEU H 93 -8.01 42.95 27.50
N TYR H 94 -9.03 42.73 26.66
CA TYR H 94 -9.95 43.78 26.28
C TYR H 94 -11.34 43.46 26.81
N TYR H 95 -11.86 44.36 27.64
CA TYR H 95 -13.14 44.12 28.29
C TYR H 95 -14.29 44.97 27.73
N CYS H 96 -15.40 44.29 27.46
CA CYS H 96 -16.64 44.89 27.09
C CYS H 96 -17.37 45.19 28.40
N VAL H 97 -17.79 46.45 28.60
CA VAL H 97 -18.40 46.85 29.88
C VAL H 97 -19.67 47.71 29.76
N ARG H 98 -20.68 47.32 30.51
CA ARG H 98 -21.93 48.05 30.59
C ARG H 98 -21.81 49.25 31.54
N LEU H 99 -22.16 50.44 31.05
CA LEU H 99 -22.16 51.64 31.89
C LEU H 99 -23.58 51.98 32.36
N ASP H 100 -23.77 52.02 33.67
CA ASP H 100 -25.04 52.33 34.25
C ASP H 100 -25.11 53.83 34.58
N PHE H 101 -26.05 54.50 33.92
CA PHE H 101 -26.15 55.97 33.88
C PHE H 101 -27.26 56.41 34.83
N ASP H 102 -27.17 57.67 35.26
CA ASP H 102 -28.24 58.34 36.04
C ASP H 102 -27.78 59.76 36.32
N VAL H 103 -28.21 60.69 35.47
CA VAL H 103 -27.79 62.09 35.56
C VAL H 103 -28.40 62.76 36.80
N TYR H 104 -29.68 62.47 37.07
CA TYR H 104 -30.40 63.10 38.18
C TYR H 104 -29.84 62.71 39.54
N ASN H 105 -29.33 61.49 39.63
CA ASN H 105 -28.68 61.01 40.84
C ASN H 105 -27.18 61.28 40.88
N HIS H 106 -26.63 61.71 39.73
CA HIS H 106 -25.20 61.96 39.57
C HIS H 106 -24.45 60.64 39.83
N TYR H 107 -24.68 59.65 38.97
CA TYR H 107 -24.26 58.26 39.22
C TYR H 107 -23.84 57.56 37.92
N TYR H 108 -22.56 57.19 37.83
CA TYR H 108 -21.97 56.55 36.64
C TYR H 108 -21.12 55.31 37.04
N VAL H 109 -21.68 54.11 36.87
CA VAL H 109 -21.05 52.87 37.37
C VAL H 109 -20.87 51.79 36.31
N LEU H 110 -19.67 51.21 36.22
CA LEU H 110 -19.41 50.14 35.29
C LEU H 110 -19.80 48.82 35.97
N ASP H 111 -21.05 48.39 35.83
CA ASP H 111 -21.54 47.26 36.62
C ASP H 111 -21.38 45.83 36.04
N TYR H 112 -21.46 45.67 34.72
CA TYR H 112 -21.31 44.35 34.12
C TYR H 112 -20.17 44.29 33.11
N TRP H 113 -19.30 43.32 33.30
CA TRP H 113 -18.08 43.21 32.54
C TRP H 113 -18.04 41.87 31.81
N GLY H 114 -17.55 41.88 30.57
CA GLY H 114 -17.24 40.65 29.85
C GLY H 114 -15.97 39.97 30.36
N GLN H 115 -15.78 38.70 30.03
CA GLN H 115 -14.59 37.93 30.41
C GLN H 115 -13.29 38.44 29.76
N GLY H 116 -13.42 39.09 28.60
CA GLY H 116 -12.27 39.65 27.88
C GLY H 116 -11.82 38.82 26.69
N THR H 117 -11.23 39.51 25.72
CA THR H 117 -10.48 38.84 24.66
C THR H 117 -9.04 39.29 24.72
N SER H 118 -8.16 38.35 24.41
CA SER H 118 -6.73 38.58 24.51
C SER H 118 -6.18 39.02 23.18
N VAL H 119 -5.45 40.14 23.19
CA VAL H 119 -4.73 40.57 22.01
C VAL H 119 -3.25 40.54 22.35
N THR H 120 -2.46 39.83 21.54
CA THR H 120 -1.01 39.89 21.64
C THR H 120 -0.46 40.50 20.36
N VAL H 121 0.29 41.59 20.49
CA VAL H 121 0.95 42.18 19.33
C VAL H 121 2.41 41.75 19.27
N SER H 122 2.75 40.97 18.24
CA SER H 122 4.08 40.36 18.10
C SER H 122 4.25 39.83 16.68
N SER H 123 5.50 39.70 16.25
CA SER H 123 5.85 39.21 14.91
C SER H 123 6.26 37.74 14.93
N ALA H 124 6.66 37.27 16.11
CA ALA H 124 6.93 35.87 16.38
C ALA H 124 5.75 35.01 15.93
N SER H 125 6.01 33.77 15.54
CA SER H 125 4.88 32.93 15.16
C SER H 125 4.31 32.14 16.34
N THR H 126 3.12 31.60 16.11
CA THR H 126 2.44 30.77 17.07
C THR H 126 3.16 29.45 17.32
N LYS H 127 3.12 29.02 18.57
CA LYS H 127 3.59 27.70 18.93
C LYS H 127 2.68 27.06 19.96
N GLY H 128 2.24 25.84 19.67
CA GLY H 128 1.40 25.09 20.59
C GLY H 128 2.20 24.44 21.70
N PRO H 129 1.60 24.28 22.87
CA PRO H 129 2.33 23.71 23.99
C PRO H 129 2.54 22.19 23.93
N SER H 130 3.60 21.72 24.57
CA SER H 130 3.70 20.32 24.92
C SER H 130 3.11 20.18 26.33
N VAL H 131 2.43 19.06 26.56
CA VAL H 131 1.82 18.81 27.84
C VAL H 131 2.44 17.61 28.50
N PHE H 132 3.01 17.81 29.68
CA PHE H 132 3.73 16.72 30.35
C PHE H 132 3.12 16.45 31.71
N PRO H 133 2.96 15.16 32.07
CA PRO H 133 2.39 14.85 33.37
C PRO H 133 3.36 15.18 34.52
N LEU H 134 2.81 15.64 35.64
CA LEU H 134 3.54 15.69 36.90
C LEU H 134 2.94 14.59 37.76
N ALA H 135 3.57 13.43 37.74
CA ALA H 135 3.01 12.21 38.33
C ALA H 135 3.05 12.21 39.85
N PRO H 136 1.95 11.76 40.48
CA PRO H 136 1.90 11.56 41.91
C PRO H 136 2.60 10.26 42.31
N SER H 137 3.03 10.20 43.56
CA SER H 137 3.41 8.92 44.16
C SER H 137 2.79 8.79 45.55
N SER H 138 2.41 7.55 45.88
CA SER H 138 1.87 7.24 47.20
C SER H 138 2.96 7.38 48.28
N LYS H 139 4.22 7.41 47.84
CA LYS H 139 5.38 7.55 48.71
C LYS H 139 5.77 9.02 48.93
N SER H 140 5.16 9.93 48.17
CA SER H 140 5.54 11.35 48.16
C SER H 140 4.45 12.29 48.68
N THR H 141 3.85 11.93 49.81
CA THR H 141 2.72 12.68 50.35
C THR H 141 3.14 13.67 51.43
N SER H 142 2.68 14.91 51.31
CA SER H 142 2.98 15.94 52.28
C SER H 142 1.68 16.51 52.86
N GLY H 143 1.63 16.66 54.18
CA GLY H 143 0.46 17.23 54.88
C GLY H 143 -0.86 16.53 54.65
N GLY H 144 -0.82 15.21 54.46
CA GLY H 144 -2.03 14.38 54.25
C GLY H 144 -2.55 14.39 52.82
N THR H 145 -1.85 15.10 51.94
CA THR H 145 -2.26 15.20 50.56
C THR H 145 -1.25 14.55 49.61
N ALA H 146 -1.74 14.15 48.44
CA ALA H 146 -0.93 13.73 47.32
C ALA H 146 -1.11 14.80 46.26
N ALA H 147 -0.07 15.09 45.51
CA ALA H 147 -0.19 16.11 44.47
C ALA H 147 0.10 15.56 43.08
N LEU H 148 -0.63 16.07 42.09
CA LEU H 148 -0.36 15.74 40.70
C LEU H 148 -0.65 16.92 39.82
N GLY H 149 -0.13 16.90 38.59
CA GLY H 149 -0.41 17.99 37.68
C GLY H 149 0.04 17.80 36.26
N CYS H 150 0.04 18.91 35.54
CA CYS H 150 0.47 19.00 34.17
C CYS H 150 1.36 20.22 33.99
N LEU H 151 2.42 20.01 33.24
CA LEU H 151 3.29 21.08 32.85
C LEU H 151 2.93 21.42 31.41
N VAL H 152 2.48 22.64 31.21
CA VAL H 152 2.14 23.12 29.89
C VAL H 152 3.31 23.96 29.41
N LYS H 153 4.11 23.33 28.54
CA LYS H 153 5.38 23.96 28.25
C LYS H 153 5.59 24.38 26.78
N ASP H 154 6.24 25.55 26.63
CA ASP H 154 6.73 26.10 25.36
C ASP H 154 5.66 26.51 24.38
N TYR H 155 4.84 27.49 24.78
CA TYR H 155 3.83 27.97 23.87
C TYR H 155 3.91 29.48 23.67
N PHE H 156 3.28 29.96 22.60
CA PHE H 156 3.20 31.39 22.28
C PHE H 156 2.05 31.66 21.31
N PRO H 157 1.24 32.70 21.57
CA PRO H 157 1.27 33.57 22.75
C PRO H 157 0.36 33.03 23.85
N GLU H 158 0.18 33.81 24.90
CA GLU H 158 -0.88 33.59 25.88
C GLU H 158 -2.24 33.84 25.22
N PRO H 159 -3.34 33.34 25.83
CA PRO H 159 -3.35 32.45 26.97
C PRO H 159 -3.54 30.98 26.59
N VAL H 160 -3.50 30.14 27.62
CA VAL H 160 -3.81 28.73 27.55
C VAL H 160 -4.96 28.55 28.56
N THR H 161 -5.95 27.72 28.27
CA THR H 161 -6.91 27.39 29.32
C THR H 161 -6.67 25.95 29.77
N VAL H 162 -6.77 25.71 31.07
CA VAL H 162 -6.58 24.38 31.63
C VAL H 162 -7.75 24.03 32.50
N SER H 163 -8.20 22.78 32.40
CA SER H 163 -9.20 22.29 33.34
C SER H 163 -8.91 20.83 33.62
N TRP H 164 -9.60 20.30 34.60
CA TRP H 164 -9.37 18.93 35.01
C TRP H 164 -10.64 18.11 34.95
N ASN H 165 -10.56 16.93 34.34
CA ASN H 165 -11.72 16.06 34.09
C ASN H 165 -12.88 16.83 33.47
N SER H 166 -12.55 17.56 32.40
CA SER H 166 -13.54 18.33 31.66
C SER H 166 -14.35 19.31 32.54
N GLY H 167 -13.71 19.88 33.55
CA GLY H 167 -14.36 20.85 34.41
C GLY H 167 -15.08 20.22 35.58
N ALA H 168 -15.15 18.88 35.59
CA ALA H 168 -15.77 18.16 36.72
C ALA H 168 -14.97 18.24 38.02
N LEU H 169 -13.65 18.40 37.92
CA LEU H 169 -12.76 18.49 39.07
C LEU H 169 -12.25 19.93 39.27
N THR H 170 -12.59 20.54 40.41
CA THR H 170 -12.27 21.94 40.68
C THR H 170 -11.67 22.16 42.06
N SER H 171 -12.18 21.42 43.03
CA SER H 171 -11.64 21.46 44.41
C SER H 171 -10.19 20.99 44.45
N GLY H 172 -9.32 21.80 45.02
CA GLY H 172 -7.91 21.45 45.16
C GLY H 172 -7.04 21.82 43.97
N VAL H 173 -7.64 22.45 42.96
CA VAL H 173 -6.91 22.83 41.73
C VAL H 173 -6.24 24.20 41.87
N HIS H 174 -4.97 24.28 41.49
CA HIS H 174 -4.30 25.57 41.32
C HIS H 174 -3.65 25.57 39.97
N THR H 175 -4.00 26.57 39.18
CA THR H 175 -3.32 26.79 37.92
C THR H 175 -2.49 28.05 38.08
N PHE H 176 -1.19 27.92 37.85
CA PHE H 176 -0.29 29.00 38.16
C PHE H 176 -0.19 30.03 37.06
N PRO H 177 0.13 31.28 37.40
CA PRO H 177 0.45 32.24 36.35
C PRO H 177 1.54 31.71 35.47
N ALA H 178 1.45 31.96 34.17
CA ALA H 178 2.48 31.53 33.25
C ALA H 178 3.77 32.34 33.47
N VAL H 179 4.92 31.72 33.18
CA VAL H 179 6.19 32.45 33.17
C VAL H 179 6.73 32.55 31.76
N LEU H 180 7.43 33.64 31.47
CA LEU H 180 8.08 33.82 30.19
C LEU H 180 9.53 33.35 30.28
N GLN H 181 9.83 32.28 29.56
CA GLN H 181 11.21 31.75 29.55
C GLN H 181 12.14 32.62 28.70
N SER H 182 13.44 32.43 28.87
CA SER H 182 14.41 33.20 28.13
C SER H 182 14.35 32.92 26.62
N SER H 183 13.78 31.76 26.25
CA SER H 183 13.54 31.44 24.84
C SER H 183 12.41 32.25 24.18
N GLY H 184 11.72 33.09 24.95
CA GLY H 184 10.58 33.85 24.43
C GLY H 184 9.28 33.08 24.45
N LEU H 185 9.29 31.87 25.01
CA LEU H 185 8.10 31.02 25.10
C LEU H 185 7.56 30.93 26.54
N TYR H 186 6.25 30.76 26.69
CA TYR H 186 5.64 30.66 28.01
C TYR H 186 5.60 29.24 28.49
N SER H 187 5.54 29.11 29.81
CA SER H 187 5.35 27.84 30.47
C SER H 187 4.47 28.02 31.72
N LEU H 188 3.56 27.09 31.96
CA LEU H 188 2.80 27.13 33.19
C LEU H 188 2.53 25.76 33.72
N SER H 189 2.21 25.71 35.00
CA SER H 189 1.82 24.46 35.61
C SER H 189 0.41 24.55 36.18
N SER H 190 -0.25 23.41 36.21
CA SER H 190 -1.54 23.27 36.85
C SER H 190 -1.48 22.06 37.75
N VAL H 191 -2.08 22.15 38.90
CA VAL H 191 -1.84 21.18 39.93
C VAL H 191 -3.13 20.86 40.67
N VAL H 192 -3.28 19.61 41.11
CA VAL H 192 -4.40 19.19 41.96
C VAL H 192 -3.85 18.47 43.17
N THR H 193 -4.30 18.86 44.36
CA THR H 193 -3.96 18.07 45.55
C THR H 193 -5.21 17.38 46.05
N VAL H 194 -5.04 16.13 46.49
CA VAL H 194 -6.14 15.32 46.98
C VAL H 194 -5.69 14.61 48.26
N PRO H 195 -6.63 14.27 49.17
CA PRO H 195 -6.23 13.38 50.29
C PRO H 195 -5.57 12.07 49.84
N SER H 196 -4.43 11.77 50.44
CA SER H 196 -3.59 10.70 49.95
C SER H 196 -4.29 9.37 49.67
N SER H 197 -5.20 8.97 50.57
CA SER H 197 -5.90 7.70 50.44
C SER H 197 -6.93 7.63 49.30
N SER H 198 -7.14 8.75 48.62
CA SER H 198 -8.09 8.85 47.52
C SER H 198 -7.38 8.68 46.18
N LEU H 199 -6.05 8.55 46.22
CA LEU H 199 -5.25 8.52 44.98
C LEU H 199 -5.74 7.58 43.85
N GLY H 200 -5.82 6.28 44.12
CA GLY H 200 -6.28 5.35 43.10
C GLY H 200 -7.78 5.30 42.88
N THR H 201 -8.51 6.26 43.46
CA THR H 201 -9.98 6.26 43.48
C THR H 201 -10.55 6.88 42.22
N GLN H 202 -9.73 7.67 41.55
CA GLN H 202 -10.18 8.52 40.48
C GLN H 202 -9.16 8.64 39.37
N THR H 203 -9.65 8.94 38.19
CA THR H 203 -8.82 9.25 37.05
C THR H 203 -8.61 10.75 37.00
N TYR H 204 -7.44 11.17 36.56
CA TYR H 204 -7.17 12.58 36.44
C TYR H 204 -6.68 12.89 35.06
N ILE H 205 -7.46 13.70 34.36
CA ILE H 205 -7.09 14.16 33.03
C ILE H 205 -7.06 15.67 32.99
N CYS H 206 -5.94 16.23 32.59
CA CYS H 206 -5.88 17.66 32.40
C CYS H 206 -6.20 18.01 30.93
N ASN H 207 -7.13 18.94 30.74
CA ASN H 207 -7.51 19.39 29.41
C ASN H 207 -6.91 20.76 29.13
N VAL H 208 -6.07 20.81 28.11
CA VAL H 208 -5.35 22.02 27.79
C VAL H 208 -5.77 22.52 26.41
N ASN H 209 -6.19 23.78 26.36
CA ASN H 209 -6.62 24.38 25.10
C ASN H 209 -5.82 25.64 24.80
N HIS H 210 -5.24 25.68 23.62
CA HIS H 210 -4.51 26.84 23.18
C HIS H 210 -5.07 27.36 21.83
N LYS H 211 -6.07 28.25 21.92
CA LYS H 211 -6.80 28.77 20.75
C LYS H 211 -5.92 29.24 19.58
N PRO H 212 -4.89 30.07 19.85
CA PRO H 212 -4.06 30.60 18.74
C PRO H 212 -3.40 29.54 17.84
N SER H 213 -3.10 28.35 18.37
CA SER H 213 -2.48 27.27 17.58
C SER H 213 -3.46 26.16 17.27
N ASN H 214 -4.70 26.31 17.73
CA ASN H 214 -5.74 25.29 17.61
C ASN H 214 -5.34 23.96 18.27
N THR H 215 -4.65 24.05 19.40
CA THR H 215 -4.21 22.85 20.09
C THR H 215 -5.15 22.53 21.24
N LYS H 216 -5.72 21.33 21.20
CA LYS H 216 -6.45 20.76 22.33
C LYS H 216 -5.75 19.46 22.75
N VAL H 217 -5.36 19.37 24.02
CA VAL H 217 -4.69 18.17 24.51
C VAL H 217 -5.38 17.68 25.78
N ASP H 218 -5.62 16.38 25.82
CA ASP H 218 -6.11 15.70 27.00
C ASP H 218 -5.07 14.73 27.53
N LYS H 219 -4.50 15.03 28.69
CA LYS H 219 -3.43 14.23 29.23
C LYS H 219 -3.87 13.53 30.50
N LYS H 220 -3.85 12.21 30.45
CA LYS H 220 -4.10 11.39 31.62
C LYS H 220 -2.88 11.44 32.52
N VAL H 221 -3.05 11.75 33.80
CA VAL H 221 -1.94 11.73 34.72
C VAL H 221 -2.08 10.56 35.68
N GLU H 222 -1.18 9.59 35.55
CA GLU H 222 -1.29 8.38 36.36
C GLU H 222 -0.23 8.32 37.48
N PRO H 223 -0.66 7.81 38.65
CA PRO H 223 0.27 7.43 39.73
C PRO H 223 1.39 6.61 39.12
N LYS H 224 2.63 7.11 39.21
CA LYS H 224 3.74 6.41 38.58
C LYS H 224 5.09 6.59 39.29
#